data_2M6Y
#
_entry.id   2M6Y
#
_entity_poly.entity_id   1
_entity_poly.type   'polypeptide(L)'
_entity_poly.pdbx_seq_one_letter_code
;MGHHHHHHSHMVKETTYYDVLGVKPNATQEELKKAYRKLALKYHPDKNPNEGEKFKQISQAYEVLSDAKKRELYDKG
;
_entity_poly.pdbx_strand_id   A
#
# COMPACT_ATOMS: atom_id res chain seq x y z
N MET A 1 -20.40 -8.18 -2.01
CA MET A 1 -19.68 -8.05 -3.30
C MET A 1 -19.30 -6.61 -3.52
N GLY A 2 -18.84 -6.30 -4.71
CA GLY A 2 -18.46 -4.95 -5.03
C GLY A 2 -17.01 -4.85 -5.39
N HIS A 3 -16.63 -3.75 -5.99
CA HIS A 3 -15.25 -3.56 -6.40
C HIS A 3 -14.51 -2.63 -5.46
N HIS A 4 -15.16 -2.24 -4.37
CA HIS A 4 -14.53 -1.39 -3.37
C HIS A 4 -13.55 -2.21 -2.56
N HIS A 5 -13.98 -3.40 -2.20
CA HIS A 5 -13.17 -4.36 -1.51
C HIS A 5 -13.14 -5.65 -2.30
N HIS A 6 -12.33 -5.64 -3.35
CA HIS A 6 -12.22 -6.80 -4.23
C HIS A 6 -11.61 -7.99 -3.50
N HIS A 7 -10.59 -7.72 -2.67
CA HIS A 7 -9.94 -8.77 -1.89
C HIS A 7 -10.86 -9.26 -0.78
N HIS A 8 -11.32 -8.31 0.06
CA HIS A 8 -12.27 -8.57 1.15
C HIS A 8 -11.73 -9.60 2.19
N SER A 9 -10.46 -9.97 2.07
CA SER A 9 -9.89 -10.94 2.98
C SER A 9 -9.70 -10.35 4.37
N HIS A 10 -10.12 -11.09 5.37
CA HIS A 10 -9.99 -10.68 6.77
C HIS A 10 -8.70 -11.23 7.36
N MET A 11 -7.94 -11.94 6.55
CA MET A 11 -6.70 -12.53 7.00
C MET A 11 -5.58 -11.54 6.84
N VAL A 12 -4.90 -11.23 7.92
CA VAL A 12 -3.81 -10.28 7.90
C VAL A 12 -2.78 -10.61 8.98
N LYS A 13 -1.65 -11.12 8.56
CA LYS A 13 -0.57 -11.50 9.46
C LYS A 13 0.75 -11.13 8.83
N GLU A 14 1.37 -10.09 9.37
CA GLU A 14 2.63 -9.55 8.84
C GLU A 14 2.45 -9.04 7.42
N THR A 15 1.93 -7.85 7.30
CA THR A 15 1.72 -7.24 6.04
C THR A 15 2.98 -6.49 5.64
N THR A 16 3.41 -6.65 4.41
CA THR A 16 4.58 -5.95 3.97
C THR A 16 4.24 -4.59 3.49
N TYR A 17 5.23 -3.75 3.43
CA TYR A 17 5.04 -2.38 2.96
C TYR A 17 4.61 -2.40 1.52
N TYR A 18 5.07 -3.42 0.81
CA TYR A 18 4.69 -3.61 -0.55
C TYR A 18 3.24 -4.10 -0.61
N ASP A 19 2.90 -4.99 0.33
CA ASP A 19 1.55 -5.57 0.46
C ASP A 19 0.52 -4.49 0.83
N VAL A 20 0.91 -3.60 1.74
CA VAL A 20 0.06 -2.49 2.21
C VAL A 20 -0.31 -1.58 1.04
N LEU A 21 0.67 -1.31 0.20
CA LEU A 21 0.46 -0.45 -0.96
C LEU A 21 -0.10 -1.26 -2.13
N GLY A 22 -0.18 -2.57 -1.94
CA GLY A 22 -0.69 -3.44 -2.98
C GLY A 22 0.18 -3.39 -4.22
N VAL A 23 1.47 -3.23 -4.01
CA VAL A 23 2.39 -3.08 -5.10
C VAL A 23 3.37 -4.26 -5.15
N LYS A 24 4.10 -4.37 -6.25
CA LYS A 24 5.03 -5.46 -6.44
C LYS A 24 6.39 -5.13 -5.81
N PRO A 25 7.20 -6.13 -5.50
CA PRO A 25 8.55 -5.94 -4.94
C PRO A 25 9.48 -5.23 -5.94
N ASN A 26 9.12 -5.26 -7.21
CA ASN A 26 9.93 -4.68 -8.27
C ASN A 26 9.24 -3.48 -8.86
N ALA A 27 8.28 -2.96 -8.11
CA ALA A 27 7.51 -1.82 -8.53
C ALA A 27 8.36 -0.60 -8.63
N THR A 28 8.06 0.22 -9.59
CA THR A 28 8.81 1.41 -9.85
C THR A 28 8.39 2.52 -8.95
N GLN A 29 9.21 3.54 -8.89
CA GLN A 29 8.88 4.73 -8.15
C GLN A 29 7.53 5.27 -8.63
N GLU A 30 7.29 5.12 -9.93
CA GLU A 30 6.03 5.53 -10.54
C GLU A 30 4.91 4.63 -10.05
N GLU A 31 5.18 3.34 -10.01
CA GLU A 31 4.23 2.36 -9.60
C GLU A 31 3.88 2.54 -8.14
N LEU A 32 4.85 2.94 -7.36
CA LEU A 32 4.65 3.23 -5.95
C LEU A 32 3.64 4.38 -5.78
N LYS A 33 3.78 5.43 -6.61
CA LYS A 33 2.86 6.56 -6.59
C LYS A 33 1.46 6.13 -6.98
N LYS A 34 1.39 5.34 -8.04
CA LYS A 34 0.15 4.86 -8.57
C LYS A 34 -0.58 3.96 -7.59
N ALA A 35 0.17 3.16 -6.83
CA ALA A 35 -0.40 2.29 -5.80
C ALA A 35 -1.15 3.13 -4.78
N TYR A 36 -0.47 4.17 -4.27
CA TYR A 36 -1.07 5.07 -3.29
C TYR A 36 -2.32 5.74 -3.87
N ARG A 37 -2.23 6.17 -5.11
CA ARG A 37 -3.36 6.83 -5.77
C ARG A 37 -4.56 5.89 -5.86
N LYS A 38 -4.30 4.64 -6.22
CA LYS A 38 -5.35 3.64 -6.34
C LYS A 38 -6.02 3.39 -4.99
N LEU A 39 -5.20 3.23 -3.96
CA LEU A 39 -5.67 2.98 -2.60
C LEU A 39 -6.45 4.16 -2.10
N ALA A 40 -5.96 5.35 -2.40
CA ALA A 40 -6.60 6.59 -1.99
C ALA A 40 -8.02 6.68 -2.52
N LEU A 41 -8.21 6.27 -3.75
CA LEU A 41 -9.51 6.26 -4.36
C LEU A 41 -10.44 5.26 -3.65
N LYS A 42 -9.89 4.12 -3.27
CA LYS A 42 -10.66 3.07 -2.63
C LYS A 42 -10.96 3.37 -1.15
N TYR A 43 -9.91 3.63 -0.38
CA TYR A 43 -10.02 3.77 1.08
C TYR A 43 -9.80 5.21 1.54
N HIS A 44 -10.22 6.17 0.72
CA HIS A 44 -10.08 7.61 1.05
C HIS A 44 -10.55 7.90 2.48
N PRO A 45 -9.62 8.28 3.40
CA PRO A 45 -9.93 8.51 4.81
C PRO A 45 -10.99 9.60 5.03
N ASP A 46 -11.00 10.59 4.15
CA ASP A 46 -11.98 11.68 4.25
C ASP A 46 -13.36 11.20 3.82
N LYS A 47 -13.41 10.04 3.18
CA LYS A 47 -14.68 9.48 2.73
C LYS A 47 -15.09 8.30 3.60
N ASN A 48 -14.10 7.54 4.03
CA ASN A 48 -14.32 6.41 4.92
C ASN A 48 -13.32 6.42 6.06
N PRO A 49 -13.68 7.10 7.14
CA PRO A 49 -12.86 7.18 8.32
C PRO A 49 -12.63 5.81 8.96
N ASN A 50 -13.53 4.87 8.68
CA ASN A 50 -13.41 3.52 9.20
C ASN A 50 -12.18 2.82 8.60
N GLU A 51 -11.88 3.11 7.34
CA GLU A 51 -10.73 2.48 6.68
C GLU A 51 -9.45 3.30 6.83
N GLY A 52 -9.57 4.46 7.50
CA GLY A 52 -8.43 5.32 7.73
C GLY A 52 -7.39 4.66 8.60
N GLU A 53 -7.83 3.70 9.42
CA GLU A 53 -6.93 2.95 10.29
C GLU A 53 -5.96 2.14 9.44
N LYS A 54 -6.48 1.56 8.37
CA LYS A 54 -5.68 0.82 7.42
C LYS A 54 -4.77 1.79 6.66
N PHE A 55 -5.33 2.96 6.34
CA PHE A 55 -4.64 3.99 5.57
C PHE A 55 -3.41 4.51 6.31
N LYS A 56 -3.40 4.33 7.63
CA LYS A 56 -2.26 4.75 8.44
C LYS A 56 -1.02 4.00 7.96
N GLN A 57 -1.20 2.71 7.70
CA GLN A 57 -0.16 1.87 7.17
C GLN A 57 0.27 2.34 5.81
N ILE A 58 -0.72 2.67 4.99
CA ILE A 58 -0.45 3.09 3.62
C ILE A 58 0.38 4.36 3.61
N SER A 59 0.02 5.30 4.46
CA SER A 59 0.71 6.57 4.54
C SER A 59 2.19 6.38 4.92
N GLN A 60 2.46 5.53 5.91
CA GLN A 60 3.81 5.28 6.39
C GLN A 60 4.66 4.60 5.34
N ALA A 61 4.17 3.50 4.80
CA ALA A 61 4.91 2.77 3.79
C ALA A 61 5.13 3.64 2.57
N TYR A 62 4.09 4.40 2.18
CA TYR A 62 4.22 5.34 1.09
C TYR A 62 5.29 6.40 1.39
N GLU A 63 5.40 6.78 2.66
CA GLU A 63 6.36 7.79 3.07
C GLU A 63 7.79 7.39 2.68
N VAL A 64 8.12 6.17 2.92
CA VAL A 64 9.41 5.64 2.49
C VAL A 64 9.40 5.20 0.99
N LEU A 65 8.30 4.63 0.54
CA LEU A 65 8.15 4.16 -0.87
C LEU A 65 8.19 5.32 -1.88
N SER A 66 7.72 6.49 -1.46
CA SER A 66 7.70 7.67 -2.34
C SER A 66 9.12 8.17 -2.61
N ASP A 67 10.06 7.69 -1.82
CA ASP A 67 11.44 8.08 -1.98
C ASP A 67 12.34 6.86 -2.02
N ALA A 68 12.93 6.62 -3.17
CA ALA A 68 13.79 5.46 -3.39
C ALA A 68 14.89 5.34 -2.35
N LYS A 69 15.36 6.49 -1.85
CA LYS A 69 16.43 6.49 -0.86
C LYS A 69 15.97 5.86 0.43
N LYS A 70 14.82 6.31 0.94
CA LYS A 70 14.30 5.79 2.19
C LYS A 70 13.96 4.33 2.04
N ARG A 71 13.40 4.00 0.89
CA ARG A 71 13.02 2.63 0.59
C ARG A 71 14.23 1.70 0.65
N GLU A 72 15.34 2.17 0.11
CA GLU A 72 16.54 1.40 0.05
C GLU A 72 17.17 1.28 1.42
N LEU A 73 17.24 2.41 2.13
CA LEU A 73 17.85 2.43 3.43
C LEU A 73 17.07 1.60 4.42
N TYR A 74 15.75 1.70 4.32
CA TYR A 74 14.87 0.98 5.21
C TYR A 74 15.06 -0.51 5.04
N ASP A 75 15.08 -0.96 3.79
CA ASP A 75 15.30 -2.37 3.47
C ASP A 75 16.72 -2.81 3.84
N LYS A 76 17.66 -1.86 3.81
CA LYS A 76 19.04 -2.14 4.21
C LYS A 76 19.12 -2.46 5.69
N GLY A 77 18.42 -1.67 6.49
CA GLY A 77 18.42 -1.86 7.91
C GLY A 77 18.80 -0.58 8.64
N MET A 1 1.93 -10.92 -15.98
CA MET A 1 1.42 -9.62 -15.51
C MET A 1 -0.09 -9.62 -15.56
N GLY A 2 -0.70 -8.53 -15.11
CA GLY A 2 -2.14 -8.44 -15.13
C GLY A 2 -2.65 -7.25 -14.36
N HIS A 3 -3.86 -6.84 -14.67
CA HIS A 3 -4.50 -5.73 -13.97
C HIS A 3 -5.44 -6.25 -12.89
N HIS A 4 -5.74 -7.53 -12.99
CA HIS A 4 -6.61 -8.18 -12.03
C HIS A 4 -5.78 -8.90 -10.98
N HIS A 5 -6.29 -8.97 -9.77
CA HIS A 5 -5.58 -9.66 -8.70
C HIS A 5 -5.57 -11.15 -8.92
N HIS A 6 -4.39 -11.68 -9.21
CA HIS A 6 -4.23 -13.12 -9.39
C HIS A 6 -4.58 -13.82 -8.10
N HIS A 7 -4.15 -13.22 -7.01
CA HIS A 7 -4.43 -13.70 -5.67
C HIS A 7 -4.49 -12.51 -4.72
N HIS A 8 -5.36 -12.58 -3.74
CA HIS A 8 -5.49 -11.53 -2.74
C HIS A 8 -5.94 -12.11 -1.43
N SER A 9 -5.43 -11.57 -0.35
CA SER A 9 -5.72 -12.08 0.97
C SER A 9 -6.64 -11.13 1.73
N HIS A 10 -7.81 -11.61 2.10
CA HIS A 10 -8.74 -10.82 2.88
C HIS A 10 -8.33 -10.82 4.34
N MET A 11 -7.78 -11.94 4.78
CA MET A 11 -7.28 -12.06 6.14
C MET A 11 -5.86 -11.49 6.18
N VAL A 12 -5.44 -11.01 7.35
CA VAL A 12 -4.12 -10.41 7.46
C VAL A 12 -3.08 -11.49 7.65
N LYS A 13 -2.32 -11.76 6.60
CA LYS A 13 -1.31 -12.80 6.63
C LYS A 13 -0.06 -12.32 5.92
N GLU A 14 0.93 -11.92 6.70
CA GLU A 14 2.21 -11.46 6.18
C GLU A 14 2.04 -10.19 5.34
N THR A 15 1.27 -9.28 5.85
CA THR A 15 1.06 -8.07 5.14
C THR A 15 2.19 -7.10 5.39
N THR A 16 3.01 -6.97 4.40
CA THR A 16 4.14 -6.10 4.46
C THR A 16 3.82 -4.76 3.82
N TYR A 17 4.80 -3.88 3.82
CA TYR A 17 4.63 -2.52 3.29
C TYR A 17 4.21 -2.58 1.84
N TYR A 18 4.71 -3.56 1.14
CA TYR A 18 4.42 -3.75 -0.25
C TYR A 18 3.00 -4.25 -0.40
N ASP A 19 2.58 -5.13 0.52
CA ASP A 19 1.21 -5.67 0.54
C ASP A 19 0.20 -4.57 0.86
N VAL A 20 0.60 -3.67 1.78
CA VAL A 20 -0.23 -2.53 2.18
C VAL A 20 -0.51 -1.63 0.98
N LEU A 21 0.53 -1.41 0.18
CA LEU A 21 0.40 -0.58 -1.02
C LEU A 21 -0.14 -1.40 -2.18
N GLY A 22 -0.20 -2.71 -2.00
CA GLY A 22 -0.69 -3.59 -3.04
C GLY A 22 0.16 -3.50 -4.30
N VAL A 23 1.46 -3.38 -4.10
CA VAL A 23 2.38 -3.19 -5.19
C VAL A 23 3.27 -4.42 -5.38
N LYS A 24 4.07 -4.40 -6.43
CA LYS A 24 4.94 -5.51 -6.75
C LYS A 24 6.24 -5.40 -5.96
N PRO A 25 6.90 -6.53 -5.69
CA PRO A 25 8.17 -6.56 -4.96
C PRO A 25 9.32 -5.95 -5.76
N ASN A 26 9.08 -5.73 -7.05
CA ASN A 26 10.07 -5.17 -7.95
C ASN A 26 9.53 -3.87 -8.57
N ALA A 27 8.57 -3.28 -7.87
CA ALA A 27 7.92 -2.07 -8.31
C ALA A 27 8.85 -0.87 -8.26
N THR A 28 8.62 0.05 -9.19
CA THR A 28 9.39 1.26 -9.30
C THR A 28 8.88 2.31 -8.38
N GLN A 29 9.65 3.36 -8.25
CA GLN A 29 9.21 4.51 -7.49
C GLN A 29 7.89 5.03 -8.06
N GLU A 30 7.76 4.95 -9.37
CA GLU A 30 6.55 5.38 -10.06
C GLU A 30 5.42 4.42 -9.73
N GLU A 31 5.74 3.13 -9.72
CA GLU A 31 4.80 2.09 -9.45
C GLU A 31 4.30 2.21 -8.00
N LEU A 32 5.21 2.56 -7.09
CA LEU A 32 4.87 2.77 -5.69
C LEU A 32 3.85 3.91 -5.56
N LYS A 33 4.10 4.98 -6.29
CA LYS A 33 3.22 6.14 -6.34
C LYS A 33 1.87 5.79 -6.94
N LYS A 34 1.92 5.01 -8.00
CA LYS A 34 0.72 4.58 -8.69
C LYS A 34 -0.18 3.78 -7.76
N ALA A 35 0.43 2.89 -6.99
CA ALA A 35 -0.31 2.08 -6.02
C ALA A 35 -0.98 2.99 -5.00
N TYR A 36 -0.22 3.93 -4.48
CA TYR A 36 -0.71 4.86 -3.47
C TYR A 36 -1.91 5.66 -3.99
N ARG A 37 -1.83 6.12 -5.24
CA ARG A 37 -2.89 6.89 -5.83
C ARG A 37 -4.20 6.09 -5.88
N LYS A 38 -4.09 4.82 -6.25
CA LYS A 38 -5.25 3.94 -6.31
C LYS A 38 -5.88 3.77 -4.93
N LEU A 39 -5.03 3.48 -3.95
CA LEU A 39 -5.46 3.24 -2.59
C LEU A 39 -6.06 4.48 -1.97
N ALA A 40 -5.45 5.61 -2.27
CA ALA A 40 -5.91 6.90 -1.73
C ALA A 40 -7.35 7.17 -2.07
N LEU A 41 -7.72 6.82 -3.28
CA LEU A 41 -9.08 6.98 -3.73
C LEU A 41 -10.03 6.03 -2.97
N LYS A 42 -9.61 4.78 -2.79
CA LYS A 42 -10.42 3.76 -2.14
C LYS A 42 -10.49 3.89 -0.60
N TYR A 43 -9.35 4.08 0.02
CA TYR A 43 -9.25 4.08 1.50
C TYR A 43 -9.24 5.50 2.06
N HIS A 44 -9.78 6.44 1.29
CA HIS A 44 -9.83 7.84 1.72
C HIS A 44 -10.50 7.95 3.11
N PRO A 45 -9.73 8.41 4.13
CA PRO A 45 -10.21 8.48 5.52
C PRO A 45 -11.40 9.43 5.71
N ASP A 46 -11.52 10.39 4.83
CA ASP A 46 -12.61 11.37 4.89
C ASP A 46 -13.86 10.80 4.26
N LYS A 47 -13.70 9.68 3.58
CA LYS A 47 -14.81 9.04 2.90
C LYS A 47 -15.21 7.77 3.66
N ASN A 48 -14.20 7.07 4.17
CA ASN A 48 -14.42 5.89 4.98
C ASN A 48 -13.54 5.97 6.21
N PRO A 49 -14.08 6.52 7.29
CA PRO A 49 -13.37 6.71 8.54
C PRO A 49 -12.88 5.40 9.13
N ASN A 50 -13.59 4.32 8.86
CA ASN A 50 -13.23 3.02 9.38
C ASN A 50 -12.10 2.41 8.60
N GLU A 51 -11.82 2.95 7.43
CA GLU A 51 -10.73 2.46 6.60
C GLU A 51 -9.47 3.29 6.79
N GLY A 52 -9.55 4.35 7.59
CA GLY A 52 -8.41 5.24 7.81
C GLY A 52 -7.25 4.56 8.53
N GLU A 53 -7.56 3.55 9.33
CA GLU A 53 -6.54 2.80 10.03
C GLU A 53 -5.65 2.08 9.03
N LYS A 54 -6.28 1.58 7.98
CA LYS A 54 -5.57 0.93 6.90
C LYS A 54 -4.73 1.97 6.15
N PHE A 55 -5.30 3.16 6.03
CA PHE A 55 -4.67 4.27 5.32
C PHE A 55 -3.40 4.73 6.03
N LYS A 56 -3.41 4.66 7.36
CA LYS A 56 -2.24 5.05 8.15
C LYS A 56 -1.04 4.20 7.72
N GLN A 57 -1.30 2.92 7.52
CA GLN A 57 -0.32 1.97 7.04
C GLN A 57 0.23 2.45 5.70
N ILE A 58 -0.69 2.82 4.83
CA ILE A 58 -0.35 3.24 3.49
C ILE A 58 0.51 4.49 3.51
N SER A 59 0.10 5.47 4.30
CA SER A 59 0.81 6.74 4.38
C SER A 59 2.26 6.57 4.86
N GLN A 60 2.48 5.71 5.86
CA GLN A 60 3.80 5.48 6.40
C GLN A 60 4.69 4.76 5.40
N ALA A 61 4.19 3.66 4.87
CA ALA A 61 4.93 2.89 3.89
C ALA A 61 5.20 3.75 2.67
N TYR A 62 4.17 4.46 2.21
CA TYR A 62 4.34 5.37 1.10
C TYR A 62 5.33 6.49 1.43
N GLU A 63 5.46 6.84 2.71
CA GLU A 63 6.38 7.91 3.10
C GLU A 63 7.78 7.61 2.62
N VAL A 64 8.21 6.41 2.88
CA VAL A 64 9.49 5.94 2.39
C VAL A 64 9.41 5.43 0.93
N LEU A 65 8.31 4.73 0.60
CA LEU A 65 8.09 4.17 -0.74
C LEU A 65 7.88 5.27 -1.80
N SER A 66 7.67 6.49 -1.36
CA SER A 66 7.46 7.61 -2.27
C SER A 66 8.75 7.96 -2.99
N ASP A 67 9.87 7.55 -2.44
CA ASP A 67 11.16 7.83 -3.03
C ASP A 67 12.05 6.61 -2.89
N ALA A 68 12.65 6.19 -4.00
CA ALA A 68 13.50 5.00 -4.04
C ALA A 68 14.61 5.06 -2.99
N LYS A 69 15.07 6.26 -2.68
CA LYS A 69 16.16 6.43 -1.74
C LYS A 69 15.74 6.05 -0.33
N LYS A 70 14.56 6.54 0.09
CA LYS A 70 14.06 6.26 1.40
C LYS A 70 13.77 4.77 1.52
N ARG A 71 13.24 4.21 0.43
CA ARG A 71 12.97 2.78 0.34
C ARG A 71 14.23 1.98 0.56
N GLU A 72 15.31 2.43 -0.04
CA GLU A 72 16.56 1.73 -0.01
C GLU A 72 17.14 1.74 1.39
N LEU A 73 17.09 2.90 2.03
CA LEU A 73 17.63 3.05 3.36
C LEU A 73 16.82 2.21 4.34
N TYR A 74 15.51 2.23 4.18
CA TYR A 74 14.60 1.52 5.05
C TYR A 74 14.83 0.02 4.95
N ASP A 75 14.91 -0.47 3.73
CA ASP A 75 15.13 -1.90 3.46
C ASP A 75 16.51 -2.35 3.97
N LYS A 76 17.47 -1.43 3.89
CA LYS A 76 18.84 -1.71 4.31
C LYS A 76 18.98 -1.62 5.84
N GLY A 77 17.91 -1.19 6.50
CA GLY A 77 17.93 -1.03 7.94
C GLY A 77 17.99 -2.36 8.67
N MET A 1 -22.87 -5.85 -10.05
CA MET A 1 -23.02 -7.31 -10.07
C MET A 1 -22.54 -7.91 -8.75
N GLY A 2 -23.36 -8.79 -8.18
CA GLY A 2 -22.98 -9.44 -6.95
C GLY A 2 -21.92 -10.49 -7.16
N HIS A 3 -20.67 -10.06 -7.18
CA HIS A 3 -19.55 -10.96 -7.40
C HIS A 3 -19.28 -11.80 -6.16
N HIS A 4 -18.65 -12.95 -6.36
CA HIS A 4 -18.35 -13.86 -5.28
C HIS A 4 -17.16 -13.37 -4.47
N HIS A 5 -17.10 -13.77 -3.22
CA HIS A 5 -16.03 -13.37 -2.32
C HIS A 5 -15.11 -14.54 -2.03
N HIS A 6 -13.82 -14.27 -2.06
CA HIS A 6 -12.82 -15.29 -1.79
C HIS A 6 -12.86 -15.74 -0.34
N HIS A 7 -13.09 -14.78 0.55
CA HIS A 7 -13.14 -15.06 1.98
C HIS A 7 -14.17 -14.15 2.64
N HIS A 8 -14.48 -14.43 3.90
CA HIS A 8 -15.43 -13.63 4.66
C HIS A 8 -14.76 -12.35 5.17
N SER A 9 -13.46 -12.42 5.38
CA SER A 9 -12.70 -11.30 5.88
C SER A 9 -11.24 -11.41 5.43
N HIS A 10 -10.51 -10.31 5.49
CA HIS A 10 -9.11 -10.31 5.11
C HIS A 10 -8.23 -10.57 6.33
N MET A 11 -7.41 -11.59 6.24
CA MET A 11 -6.52 -11.94 7.33
C MET A 11 -5.23 -11.14 7.25
N VAL A 12 -4.87 -10.52 8.35
CA VAL A 12 -3.65 -9.73 8.41
C VAL A 12 -2.50 -10.62 8.87
N LYS A 13 -1.69 -11.06 7.92
CA LYS A 13 -0.58 -11.93 8.23
C LYS A 13 0.70 -11.39 7.66
N GLU A 14 1.46 -10.71 8.51
CA GLU A 14 2.72 -10.11 8.11
C GLU A 14 2.57 -9.25 6.88
N THR A 15 1.94 -8.12 7.05
CA THR A 15 1.76 -7.23 5.98
C THR A 15 2.96 -6.32 5.85
N THR A 16 3.56 -6.30 4.69
CA THR A 16 4.70 -5.47 4.45
C THR A 16 4.29 -4.12 3.95
N TYR A 17 5.24 -3.21 3.91
CA TYR A 17 4.98 -1.88 3.36
C TYR A 17 4.50 -2.01 1.93
N TYR A 18 5.03 -2.99 1.22
CA TYR A 18 4.67 -3.24 -0.13
C TYR A 18 3.30 -3.90 -0.19
N ASP A 19 3.05 -4.81 0.75
CA ASP A 19 1.76 -5.51 0.84
C ASP A 19 0.63 -4.54 1.16
N VAL A 20 0.94 -3.56 2.01
CA VAL A 20 -0.02 -2.49 2.37
C VAL A 20 -0.41 -1.70 1.13
N LEU A 21 0.57 -1.41 0.30
CA LEU A 21 0.37 -0.64 -0.93
C LEU A 21 -0.10 -1.53 -2.07
N GLY A 22 -0.14 -2.82 -1.82
CA GLY A 22 -0.59 -3.76 -2.82
C GLY A 22 0.26 -3.71 -4.07
N VAL A 23 1.55 -3.60 -3.88
CA VAL A 23 2.47 -3.48 -4.98
C VAL A 23 3.54 -4.56 -4.88
N LYS A 24 4.22 -4.83 -5.97
CA LYS A 24 5.25 -5.85 -5.99
C LYS A 24 6.57 -5.28 -5.47
N PRO A 25 7.46 -6.15 -5.00
CA PRO A 25 8.76 -5.75 -4.46
C PRO A 25 9.70 -5.15 -5.51
N ASN A 26 9.38 -5.35 -6.79
CA ASN A 26 10.23 -4.87 -7.86
C ASN A 26 9.58 -3.69 -8.53
N ALA A 27 8.52 -3.19 -7.91
CA ALA A 27 7.81 -2.06 -8.40
C ALA A 27 8.68 -0.82 -8.40
N THR A 28 8.43 0.04 -9.34
CA THR A 28 9.20 1.25 -9.48
C THR A 28 8.75 2.29 -8.53
N GLN A 29 9.55 3.30 -8.38
CA GLN A 29 9.20 4.43 -7.56
C GLN A 29 7.89 5.04 -8.09
N GLU A 30 7.73 4.98 -9.40
CA GLU A 30 6.53 5.45 -10.06
C GLU A 30 5.36 4.54 -9.71
N GLU A 31 5.62 3.24 -9.75
CA GLU A 31 4.64 2.24 -9.48
C GLU A 31 4.18 2.31 -8.03
N LEU A 32 5.11 2.62 -7.14
CA LEU A 32 4.81 2.78 -5.72
C LEU A 32 3.82 3.92 -5.51
N LYS A 33 4.06 5.03 -6.20
CA LYS A 33 3.18 6.19 -6.13
C LYS A 33 1.80 5.85 -6.70
N LYS A 34 1.80 5.17 -7.83
CA LYS A 34 0.58 4.78 -8.51
C LYS A 34 -0.27 3.82 -7.66
N ALA A 35 0.40 2.92 -6.93
CA ALA A 35 -0.30 2.01 -6.02
C ALA A 35 -1.05 2.82 -4.97
N TYR A 36 -0.36 3.81 -4.39
CA TYR A 36 -0.96 4.67 -3.39
C TYR A 36 -2.17 5.39 -3.94
N ARG A 37 -2.00 5.93 -5.13
CA ARG A 37 -3.06 6.68 -5.78
C ARG A 37 -4.32 5.84 -5.92
N LYS A 38 -4.15 4.58 -6.33
CA LYS A 38 -5.26 3.67 -6.48
C LYS A 38 -5.95 3.40 -5.14
N LEU A 39 -5.16 3.08 -4.13
CA LEU A 39 -5.66 2.75 -2.79
C LEU A 39 -6.32 3.93 -2.14
N ALA A 40 -5.72 5.10 -2.33
CA ALA A 40 -6.25 6.33 -1.74
C ALA A 40 -7.67 6.58 -2.19
N LEU A 41 -7.92 6.31 -3.44
CA LEU A 41 -9.24 6.44 -3.99
C LEU A 41 -10.21 5.45 -3.36
N LYS A 42 -9.74 4.24 -3.08
CA LYS A 42 -10.57 3.20 -2.52
C LYS A 42 -10.85 3.41 -1.03
N TYR A 43 -9.81 3.65 -0.25
CA TYR A 43 -9.92 3.76 1.22
C TYR A 43 -9.80 5.18 1.71
N HIS A 44 -10.23 6.14 0.89
CA HIS A 44 -10.23 7.56 1.25
C HIS A 44 -10.81 7.79 2.66
N PRO A 45 -9.94 8.14 3.64
CA PRO A 45 -10.33 8.34 5.04
C PRO A 45 -11.23 9.56 5.20
N ASP A 46 -11.21 10.41 4.19
CA ASP A 46 -12.04 11.60 4.18
C ASP A 46 -13.51 11.20 4.11
N LYS A 47 -13.78 10.11 3.39
CA LYS A 47 -15.16 9.64 3.25
C LYS A 47 -15.39 8.42 4.15
N ASN A 48 -14.33 7.66 4.43
CA ASN A 48 -14.42 6.49 5.29
C ASN A 48 -13.37 6.54 6.38
N PRO A 49 -13.73 7.14 7.52
CA PRO A 49 -12.86 7.25 8.66
C PRO A 49 -12.50 5.88 9.24
N ASN A 50 -13.37 4.90 9.04
CA ASN A 50 -13.14 3.54 9.51
C ASN A 50 -11.96 2.92 8.80
N GLU A 51 -11.77 3.30 7.54
CA GLU A 51 -10.69 2.73 6.75
C GLU A 51 -9.40 3.53 6.98
N GLY A 52 -9.50 4.59 7.79
CA GLY A 52 -8.35 5.41 8.08
C GLY A 52 -7.27 4.65 8.84
N GLU A 53 -7.69 3.63 9.56
CA GLU A 53 -6.76 2.78 10.30
C GLU A 53 -5.78 2.14 9.32
N LYS A 54 -6.32 1.57 8.26
CA LYS A 54 -5.53 0.97 7.23
C LYS A 54 -4.75 2.01 6.46
N PHE A 55 -5.35 3.19 6.35
CA PHE A 55 -4.75 4.29 5.62
C PHE A 55 -3.47 4.78 6.30
N LYS A 56 -3.39 4.65 7.63
CA LYS A 56 -2.20 5.04 8.36
C LYS A 56 -1.02 4.23 7.85
N GLN A 57 -1.28 2.95 7.65
CA GLN A 57 -0.33 2.00 7.13
C GLN A 57 0.13 2.42 5.75
N ILE A 58 -0.84 2.75 4.91
CA ILE A 58 -0.59 3.15 3.54
C ILE A 58 0.24 4.42 3.46
N SER A 59 -0.13 5.41 4.25
CA SER A 59 0.52 6.70 4.21
C SER A 59 2.02 6.60 4.60
N GLN A 60 2.32 5.84 5.65
CA GLN A 60 3.68 5.68 6.11
C GLN A 60 4.53 4.95 5.10
N ALA A 61 4.02 3.81 4.64
CA ALA A 61 4.74 3.02 3.65
C ALA A 61 4.92 3.80 2.37
N TYR A 62 3.88 4.53 1.96
CA TYR A 62 3.97 5.40 0.79
C TYR A 62 5.07 6.42 0.96
N GLU A 63 5.19 6.96 2.17
CA GLU A 63 6.17 8.01 2.44
C GLU A 63 7.58 7.54 2.09
N VAL A 64 7.93 6.36 2.54
CA VAL A 64 9.22 5.79 2.22
C VAL A 64 9.28 5.19 0.80
N LEU A 65 8.20 4.55 0.36
CA LEU A 65 8.14 3.92 -0.98
C LEU A 65 8.27 4.96 -2.11
N SER A 66 7.60 6.10 -1.94
CA SER A 66 7.63 7.15 -2.95
C SER A 66 8.99 7.86 -2.98
N ASP A 67 9.81 7.60 -1.96
CA ASP A 67 11.14 8.19 -1.88
C ASP A 67 12.19 7.10 -1.99
N ALA A 68 12.88 7.05 -3.13
CA ALA A 68 13.88 6.01 -3.39
C ALA A 68 14.94 5.94 -2.28
N LYS A 69 15.28 7.08 -1.70
CA LYS A 69 16.29 7.14 -0.66
C LYS A 69 15.82 6.40 0.59
N LYS A 70 14.62 6.73 1.04
CA LYS A 70 14.06 6.11 2.22
C LYS A 70 13.76 4.65 1.96
N ARG A 71 13.25 4.36 0.77
CA ARG A 71 12.94 3.00 0.36
C ARG A 71 14.18 2.12 0.47
N GLU A 72 15.30 2.67 0.05
CA GLU A 72 16.54 1.96 0.01
C GLU A 72 16.97 1.58 1.41
N LEU A 73 16.83 2.53 2.31
CA LEU A 73 17.23 2.33 3.67
C LEU A 73 16.36 1.29 4.34
N TYR A 74 15.06 1.40 4.13
CA TYR A 74 14.10 0.48 4.70
C TYR A 74 14.21 -0.92 4.13
N ASP A 75 14.52 -1.03 2.85
CA ASP A 75 14.67 -2.35 2.21
C ASP A 75 15.80 -3.15 2.82
N LYS A 76 16.91 -2.50 3.13
CA LYS A 76 18.07 -3.21 3.67
C LYS A 76 18.13 -3.18 5.18
N GLY A 77 17.48 -2.22 5.78
CA GLY A 77 17.48 -2.13 7.22
C GLY A 77 16.15 -2.49 7.81
N MET A 1 -22.87 -8.06 -9.09
CA MET A 1 -22.06 -8.47 -10.24
C MET A 1 -21.21 -7.32 -10.73
N GLY A 2 -20.41 -7.58 -11.75
CA GLY A 2 -19.57 -6.56 -12.31
C GLY A 2 -18.38 -7.17 -13.02
N HIS A 3 -17.47 -6.32 -13.44
CA HIS A 3 -16.27 -6.74 -14.14
C HIS A 3 -15.17 -7.10 -13.15
N HIS A 4 -15.30 -6.60 -11.93
CA HIS A 4 -14.33 -6.88 -10.88
C HIS A 4 -14.94 -7.84 -9.87
N HIS A 5 -14.15 -8.81 -9.45
CA HIS A 5 -14.63 -9.83 -8.51
C HIS A 5 -14.48 -9.37 -7.08
N HIS A 6 -15.50 -9.61 -6.26
CA HIS A 6 -15.45 -9.28 -4.85
C HIS A 6 -15.01 -10.50 -4.05
N HIS A 7 -13.94 -10.34 -3.30
CA HIS A 7 -13.34 -11.43 -2.55
C HIS A 7 -14.25 -11.85 -1.41
N HIS A 8 -14.93 -10.87 -0.81
CA HIS A 8 -15.84 -11.08 0.33
C HIS A 8 -15.06 -11.41 1.61
N SER A 9 -14.32 -12.49 1.57
CA SER A 9 -13.50 -12.88 2.69
C SER A 9 -12.20 -12.06 2.69
N HIS A 10 -11.72 -11.71 3.87
CA HIS A 10 -10.50 -10.91 3.98
C HIS A 10 -9.30 -11.80 4.26
N MET A 11 -8.25 -11.63 3.48
CA MET A 11 -7.06 -12.44 3.63
C MET A 11 -5.96 -11.66 4.33
N VAL A 12 -5.16 -12.36 5.11
CA VAL A 12 -4.04 -11.75 5.82
C VAL A 12 -2.92 -12.77 6.02
N LYS A 13 -1.87 -12.63 5.22
CA LYS A 13 -0.73 -13.54 5.28
C LYS A 13 0.55 -12.76 5.11
N GLU A 14 1.14 -12.37 6.23
CA GLU A 14 2.36 -11.55 6.26
C GLU A 14 2.22 -10.33 5.38
N THR A 15 1.57 -9.32 5.90
CA THR A 15 1.38 -8.15 5.16
C THR A 15 2.57 -7.22 5.31
N THR A 16 3.27 -7.05 4.22
CA THR A 16 4.41 -6.20 4.18
C THR A 16 4.05 -4.82 3.65
N TYR A 17 4.99 -3.90 3.70
CA TYR A 17 4.76 -2.52 3.26
C TYR A 17 4.37 -2.52 1.80
N TYR A 18 4.95 -3.44 1.05
CA TYR A 18 4.66 -3.59 -0.33
C TYR A 18 3.26 -4.18 -0.51
N ASP A 19 2.88 -5.09 0.39
CA ASP A 19 1.53 -5.71 0.39
C ASP A 19 0.46 -4.68 0.73
N VAL A 20 0.80 -3.79 1.66
CA VAL A 20 -0.08 -2.72 2.09
C VAL A 20 -0.43 -1.82 0.93
N LEU A 21 0.58 -1.53 0.13
CA LEU A 21 0.39 -0.69 -1.06
C LEU A 21 -0.07 -1.54 -2.24
N GLY A 22 -0.01 -2.85 -2.08
CA GLY A 22 -0.42 -3.76 -3.13
C GLY A 22 0.45 -3.61 -4.36
N VAL A 23 1.74 -3.48 -4.16
CA VAL A 23 2.66 -3.24 -5.25
C VAL A 23 3.65 -4.41 -5.41
N LYS A 24 4.47 -4.35 -6.47
CA LYS A 24 5.44 -5.40 -6.74
C LYS A 24 6.73 -5.16 -5.96
N PRO A 25 7.52 -6.21 -5.72
CA PRO A 25 8.81 -6.10 -5.01
C PRO A 25 9.83 -5.28 -5.81
N ASN A 26 9.61 -5.20 -7.11
CA ASN A 26 10.52 -4.48 -8.00
C ASN A 26 9.79 -3.31 -8.62
N ALA A 27 8.73 -2.88 -7.97
CA ALA A 27 7.95 -1.77 -8.41
C ALA A 27 8.76 -0.50 -8.41
N THR A 28 8.44 0.38 -9.30
CA THR A 28 9.16 1.61 -9.45
C THR A 28 8.65 2.63 -8.50
N GLN A 29 9.42 3.67 -8.36
CA GLN A 29 9.01 4.80 -7.57
C GLN A 29 7.69 5.35 -8.11
N GLU A 30 7.52 5.24 -9.42
CA GLU A 30 6.30 5.65 -10.08
C GLU A 30 5.16 4.69 -9.71
N GLU A 31 5.48 3.40 -9.74
CA GLU A 31 4.53 2.35 -9.44
C GLU A 31 4.10 2.42 -7.98
N LEU A 32 5.04 2.74 -7.11
CA LEU A 32 4.76 2.90 -5.69
C LEU A 32 3.75 4.02 -5.47
N LYS A 33 3.96 5.11 -6.19
CA LYS A 33 3.07 6.26 -6.15
C LYS A 33 1.69 5.90 -6.71
N LYS A 34 1.68 5.15 -7.80
CA LYS A 34 0.44 4.73 -8.44
C LYS A 34 -0.38 3.84 -7.51
N ALA A 35 0.30 2.96 -6.78
CA ALA A 35 -0.36 2.08 -5.82
C ALA A 35 -1.10 2.90 -4.78
N TYR A 36 -0.41 3.88 -4.22
CA TYR A 36 -0.99 4.75 -3.20
C TYR A 36 -2.22 5.47 -3.72
N ARG A 37 -2.10 6.02 -4.92
CA ARG A 37 -3.19 6.78 -5.51
C ARG A 37 -4.41 5.88 -5.71
N LYS A 38 -4.18 4.65 -6.14
CA LYS A 38 -5.24 3.69 -6.36
C LYS A 38 -5.96 3.36 -5.04
N LEU A 39 -5.16 3.12 -4.00
CA LEU A 39 -5.70 2.79 -2.68
C LEU A 39 -6.44 3.96 -2.11
N ALA A 40 -5.94 5.14 -2.39
CA ALA A 40 -6.58 6.39 -1.93
C ALA A 40 -8.02 6.45 -2.41
N LEU A 41 -8.23 6.04 -3.63
CA LEU A 41 -9.54 5.99 -4.21
C LEU A 41 -10.41 4.93 -3.53
N LYS A 42 -9.77 3.87 -3.07
CA LYS A 42 -10.46 2.79 -2.38
C LYS A 42 -10.78 3.15 -0.92
N TYR A 43 -9.76 3.55 -0.17
CA TYR A 43 -9.88 3.82 1.28
C TYR A 43 -9.86 5.32 1.56
N HIS A 44 -10.59 6.11 0.76
CA HIS A 44 -10.67 7.56 0.96
C HIS A 44 -10.98 7.90 2.43
N PRO A 45 -9.97 8.38 3.19
CA PRO A 45 -10.15 8.70 4.61
C PRO A 45 -10.95 9.97 4.79
N ASP A 46 -10.99 10.76 3.73
CA ASP A 46 -11.75 11.99 3.69
C ASP A 46 -13.22 11.67 3.76
N LYS A 47 -13.59 10.53 3.20
CA LYS A 47 -14.96 10.13 3.13
C LYS A 47 -15.25 8.96 4.08
N ASN A 48 -14.29 8.07 4.24
CA ASN A 48 -14.41 6.94 5.16
C ASN A 48 -13.32 6.99 6.20
N PRO A 49 -13.62 7.61 7.33
CA PRO A 49 -12.71 7.68 8.45
C PRO A 49 -12.47 6.30 9.04
N ASN A 50 -13.40 5.38 8.74
CA ASN A 50 -13.31 4.00 9.17
C ASN A 50 -12.13 3.31 8.51
N GLU A 51 -11.76 3.80 7.32
CA GLU A 51 -10.67 3.19 6.56
C GLU A 51 -9.32 3.82 6.91
N GLY A 52 -9.35 4.83 7.76
CA GLY A 52 -8.12 5.51 8.16
C GLY A 52 -7.19 4.59 8.96
N GLU A 53 -7.77 3.55 9.57
CA GLU A 53 -6.99 2.60 10.36
C GLU A 53 -5.96 1.87 9.49
N LYS A 54 -6.42 1.28 8.40
CA LYS A 54 -5.57 0.61 7.47
C LYS A 54 -4.70 1.64 6.72
N PHE A 55 -5.25 2.84 6.58
CA PHE A 55 -4.56 3.94 5.89
C PHE A 55 -3.27 4.33 6.61
N LYS A 56 -3.23 4.13 7.93
CA LYS A 56 -2.03 4.41 8.72
C LYS A 56 -0.85 3.61 8.16
N GLN A 57 -1.12 2.36 7.81
CA GLN A 57 -0.14 1.49 7.22
C GLN A 57 0.33 2.05 5.90
N ILE A 58 -0.65 2.43 5.08
CA ILE A 58 -0.40 2.91 3.73
C ILE A 58 0.44 4.18 3.73
N SER A 59 0.09 5.12 4.60
CA SER A 59 0.77 6.40 4.64
C SER A 59 2.27 6.25 4.99
N GLN A 60 2.59 5.42 5.98
CA GLN A 60 3.97 5.23 6.38
C GLN A 60 4.78 4.58 5.29
N ALA A 61 4.27 3.48 4.78
CA ALA A 61 4.95 2.76 3.71
C ALA A 61 5.09 3.65 2.49
N TYR A 62 4.02 4.37 2.14
CA TYR A 62 4.06 5.30 1.03
C TYR A 62 5.13 6.38 1.26
N GLU A 63 5.25 6.84 2.50
CA GLU A 63 6.19 7.91 2.84
C GLU A 63 7.59 7.57 2.35
N VAL A 64 8.05 6.37 2.66
CA VAL A 64 9.35 5.90 2.23
C VAL A 64 9.31 5.36 0.78
N LEU A 65 8.22 4.71 0.40
CA LEU A 65 8.06 4.14 -0.96
C LEU A 65 8.07 5.22 -2.03
N SER A 66 7.53 6.39 -1.71
CA SER A 66 7.48 7.50 -2.66
C SER A 66 8.86 8.10 -2.93
N ASP A 67 9.86 7.68 -2.16
CA ASP A 67 11.22 8.15 -2.33
C ASP A 67 12.18 6.98 -2.37
N ALA A 68 12.78 6.75 -3.53
CA ALA A 68 13.70 5.64 -3.74
C ALA A 68 14.81 5.59 -2.69
N LYS A 69 15.23 6.75 -2.21
CA LYS A 69 16.31 6.80 -1.23
C LYS A 69 15.85 6.27 0.13
N LYS A 70 14.69 6.72 0.61
CA LYS A 70 14.17 6.26 1.87
C LYS A 70 13.86 4.79 1.79
N ARG A 71 13.36 4.38 0.63
CA ARG A 71 13.04 2.99 0.35
C ARG A 71 14.28 2.11 0.49
N GLU A 72 15.38 2.58 -0.04
CA GLU A 72 16.61 1.84 -0.06
C GLU A 72 17.14 1.67 1.35
N LEU A 73 17.09 2.74 2.11
CA LEU A 73 17.57 2.72 3.46
C LEU A 73 16.68 1.81 4.31
N TYR A 74 15.38 1.92 4.07
CA TYR A 74 14.39 1.13 4.79
C TYR A 74 14.61 -0.36 4.56
N ASP A 75 14.78 -0.75 3.28
CA ASP A 75 15.03 -2.15 2.90
C ASP A 75 16.37 -2.66 3.43
N LYS A 76 17.28 -1.73 3.71
CA LYS A 76 18.59 -2.08 4.23
C LYS A 76 18.50 -2.37 5.73
N GLY A 77 17.39 -2.01 6.34
CA GLY A 77 17.20 -2.22 7.76
C GLY A 77 16.75 -3.63 8.06
N MET A 1 -23.72 -10.27 -13.57
CA MET A 1 -23.15 -11.43 -14.29
C MET A 1 -22.28 -12.27 -13.37
N GLY A 2 -21.30 -11.62 -12.76
CA GLY A 2 -20.36 -12.33 -11.93
C GLY A 2 -19.00 -12.43 -12.60
N HIS A 3 -18.89 -11.74 -13.73
CA HIS A 3 -17.66 -11.72 -14.53
C HIS A 3 -16.57 -10.91 -13.80
N HIS A 4 -16.99 -9.84 -13.14
CA HIS A 4 -16.07 -8.98 -12.42
C HIS A 4 -15.86 -9.51 -11.01
N HIS A 5 -14.90 -10.42 -10.88
CA HIS A 5 -14.58 -11.00 -9.58
C HIS A 5 -13.83 -10.01 -8.72
N HIS A 6 -14.12 -10.04 -7.42
CA HIS A 6 -13.46 -9.15 -6.47
C HIS A 6 -12.75 -9.96 -5.41
N HIS A 7 -11.48 -9.68 -5.20
CA HIS A 7 -10.69 -10.37 -4.21
C HIS A 7 -9.76 -9.41 -3.50
N HIS A 8 -10.15 -9.00 -2.29
CA HIS A 8 -9.33 -8.10 -1.51
C HIS A 8 -8.71 -8.86 -0.36
N SER A 9 -7.49 -8.49 -0.02
CA SER A 9 -6.77 -9.16 1.04
C SER A 9 -7.34 -8.78 2.42
N HIS A 10 -8.23 -9.63 2.93
CA HIS A 10 -8.79 -9.41 4.26
C HIS A 10 -8.07 -10.26 5.27
N MET A 11 -7.36 -11.26 4.77
CA MET A 11 -6.59 -12.15 5.61
C MET A 11 -5.17 -11.65 5.69
N VAL A 12 -4.68 -11.50 6.90
CA VAL A 12 -3.34 -10.97 7.08
C VAL A 12 -2.31 -12.10 7.13
N LYS A 13 -1.46 -12.14 6.12
CA LYS A 13 -0.40 -13.13 6.04
C LYS A 13 0.90 -12.43 5.68
N GLU A 14 1.64 -12.04 6.72
CA GLU A 14 2.89 -11.29 6.57
C GLU A 14 2.69 -10.09 5.63
N THR A 15 1.95 -9.12 6.10
CA THR A 15 1.71 -7.96 5.31
C THR A 15 2.83 -6.96 5.50
N THR A 16 3.57 -6.77 4.47
CA THR A 16 4.68 -5.85 4.48
C THR A 16 4.28 -4.49 3.93
N TYR A 17 5.20 -3.55 3.99
CA TYR A 17 4.96 -2.19 3.53
C TYR A 17 4.58 -2.19 2.05
N TYR A 18 5.17 -3.10 1.31
CA TYR A 18 4.89 -3.24 -0.08
C TYR A 18 3.48 -3.82 -0.24
N ASP A 19 3.14 -4.77 0.64
CA ASP A 19 1.83 -5.41 0.65
C ASP A 19 0.73 -4.42 1.01
N VAL A 20 1.04 -3.56 1.97
CA VAL A 20 0.13 -2.49 2.40
C VAL A 20 -0.21 -1.60 1.23
N LEU A 21 0.81 -1.31 0.43
CA LEU A 21 0.64 -0.47 -0.76
C LEU A 21 0.12 -1.32 -1.92
N GLY A 22 0.07 -2.62 -1.71
CA GLY A 22 -0.40 -3.53 -2.73
C GLY A 22 0.46 -3.48 -3.98
N VAL A 23 1.76 -3.42 -3.78
CA VAL A 23 2.68 -3.29 -4.89
C VAL A 23 3.77 -4.37 -4.78
N LYS A 24 4.44 -4.65 -5.89
CA LYS A 24 5.48 -5.67 -5.91
C LYS A 24 6.83 -5.07 -5.52
N PRO A 25 7.77 -5.93 -5.08
CA PRO A 25 9.13 -5.49 -4.70
C PRO A 25 9.96 -5.02 -5.91
N ASN A 26 9.37 -5.15 -7.11
CA ASN A 26 10.04 -4.76 -8.34
C ASN A 26 9.36 -3.56 -8.94
N ALA A 27 8.46 -2.97 -8.17
CA ALA A 27 7.66 -1.85 -8.60
C ALA A 27 8.50 -0.61 -8.81
N THR A 28 8.05 0.20 -9.73
CA THR A 28 8.73 1.42 -10.10
C THR A 28 8.33 2.56 -9.22
N GLN A 29 9.07 3.63 -9.35
CA GLN A 29 8.77 4.86 -8.69
C GLN A 29 7.34 5.30 -9.01
N GLU A 30 6.96 5.11 -10.26
CA GLU A 30 5.64 5.47 -10.73
C GLU A 30 4.62 4.50 -10.15
N GLU A 31 4.98 3.22 -10.13
CA GLU A 31 4.14 2.18 -9.64
C GLU A 31 3.85 2.34 -8.15
N LEU A 32 4.86 2.75 -7.38
CA LEU A 32 4.71 3.01 -5.95
C LEU A 32 3.67 4.10 -5.73
N LYS A 33 3.80 5.15 -6.52
CA LYS A 33 2.90 6.29 -6.48
C LYS A 33 1.49 5.87 -6.90
N LYS A 34 1.41 5.05 -7.94
CA LYS A 34 0.14 4.58 -8.48
C LYS A 34 -0.59 3.74 -7.44
N ALA A 35 0.16 2.89 -6.74
CA ALA A 35 -0.40 2.05 -5.68
C ALA A 35 -1.09 2.90 -4.65
N TYR A 36 -0.39 3.92 -4.18
CA TYR A 36 -0.91 4.82 -3.17
C TYR A 36 -2.18 5.50 -3.66
N ARG A 37 -2.16 5.98 -4.90
CA ARG A 37 -3.32 6.64 -5.46
C ARG A 37 -4.53 5.71 -5.52
N LYS A 38 -4.30 4.45 -5.94
CA LYS A 38 -5.38 3.48 -6.06
C LYS A 38 -6.01 3.22 -4.68
N LEU A 39 -5.14 3.01 -3.70
CA LEU A 39 -5.58 2.75 -2.32
C LEU A 39 -6.26 3.97 -1.76
N ALA A 40 -5.70 5.13 -2.06
CA ALA A 40 -6.24 6.39 -1.58
C ALA A 40 -7.67 6.60 -2.05
N LEU A 41 -7.95 6.17 -3.26
CA LEU A 41 -9.26 6.30 -3.82
C LEU A 41 -10.28 5.46 -3.02
N LYS A 42 -9.88 4.23 -2.66
CA LYS A 42 -10.75 3.33 -1.91
C LYS A 42 -10.77 3.60 -0.40
N TYR A 43 -9.60 3.72 0.18
CA TYR A 43 -9.46 3.83 1.65
C TYR A 43 -9.30 5.28 2.10
N HIS A 44 -9.70 6.22 1.25
CA HIS A 44 -9.60 7.66 1.55
C HIS A 44 -10.19 7.97 2.93
N PRO A 45 -9.35 8.40 3.89
CA PRO A 45 -9.80 8.67 5.27
C PRO A 45 -10.82 9.81 5.36
N ASP A 46 -10.79 10.70 4.38
CA ASP A 46 -11.71 11.83 4.33
C ASP A 46 -13.05 11.39 3.78
N LYS A 47 -13.07 10.22 3.14
CA LYS A 47 -14.28 9.70 2.51
C LYS A 47 -14.82 8.55 3.34
N ASN A 48 -13.92 7.68 3.77
CA ASN A 48 -14.27 6.56 4.60
C ASN A 48 -13.38 6.54 5.83
N PRO A 49 -13.87 7.13 6.91
CA PRO A 49 -13.18 7.18 8.17
C PRO A 49 -12.98 5.79 8.76
N ASN A 50 -13.80 4.85 8.32
CA ASN A 50 -13.71 3.47 8.80
C ASN A 50 -12.53 2.73 8.16
N GLU A 51 -12.16 3.12 6.94
CA GLU A 51 -11.04 2.48 6.26
C GLU A 51 -9.73 3.25 6.45
N GLY A 52 -9.82 4.44 7.08
CA GLY A 52 -8.65 5.27 7.31
C GLY A 52 -7.64 4.62 8.24
N GLU A 53 -8.11 3.66 9.04
CA GLU A 53 -7.25 2.97 9.99
C GLU A 53 -6.16 2.20 9.23
N LYS A 54 -6.57 1.63 8.11
CA LYS A 54 -5.68 0.89 7.23
C LYS A 54 -4.74 1.86 6.52
N PHE A 55 -5.26 3.05 6.25
CA PHE A 55 -4.54 4.09 5.53
C PHE A 55 -3.36 4.61 6.35
N LYS A 56 -3.39 4.42 7.66
CA LYS A 56 -2.27 4.84 8.51
C LYS A 56 -1.01 4.10 8.08
N GLN A 57 -1.16 2.81 7.83
CA GLN A 57 -0.10 1.97 7.37
C GLN A 57 0.38 2.43 6.02
N ILE A 58 -0.57 2.75 5.16
CA ILE A 58 -0.28 3.16 3.80
C ILE A 58 0.56 4.43 3.79
N SER A 59 0.17 5.38 4.61
CA SER A 59 0.83 6.67 4.67
C SER A 59 2.31 6.54 5.05
N GLN A 60 2.61 5.72 6.06
CA GLN A 60 3.97 5.53 6.51
C GLN A 60 4.82 4.81 5.47
N ALA A 61 4.30 3.72 4.97
CA ALA A 61 5.03 2.94 3.97
C ALA A 61 5.24 3.77 2.72
N TYR A 62 4.19 4.46 2.28
CA TYR A 62 4.30 5.32 1.14
C TYR A 62 5.30 6.44 1.39
N GLU A 63 5.36 6.93 2.62
CA GLU A 63 6.27 8.01 2.98
C GLU A 63 7.69 7.68 2.53
N VAL A 64 8.14 6.49 2.84
CA VAL A 64 9.43 6.01 2.40
C VAL A 64 9.39 5.46 0.93
N LEU A 65 8.31 4.76 0.56
CA LEU A 65 8.16 4.18 -0.81
C LEU A 65 8.07 5.25 -1.89
N SER A 66 7.65 6.45 -1.50
CA SER A 66 7.55 7.56 -2.42
C SER A 66 8.94 8.06 -2.84
N ASP A 67 9.96 7.56 -2.17
CA ASP A 67 11.33 7.93 -2.46
C ASP A 67 12.22 6.70 -2.43
N ALA A 68 12.73 6.32 -3.59
CA ALA A 68 13.58 5.14 -3.73
C ALA A 68 14.76 5.16 -2.77
N LYS A 69 15.19 6.35 -2.39
CA LYS A 69 16.31 6.52 -1.49
C LYS A 69 15.95 6.08 -0.07
N LYS A 70 14.80 6.56 0.43
CA LYS A 70 14.34 6.20 1.75
C LYS A 70 13.99 4.74 1.78
N ARG A 71 13.38 4.28 0.71
CA ARG A 71 12.98 2.90 0.55
C ARG A 71 14.16 1.97 0.68
N GLU A 72 15.26 2.32 0.07
CA GLU A 72 16.40 1.47 0.00
C GLU A 72 17.02 1.30 1.37
N LEU A 73 17.16 2.41 2.06
CA LEU A 73 17.76 2.39 3.37
C LEU A 73 16.85 1.67 4.35
N TYR A 74 15.55 1.96 4.27
CA TYR A 74 14.56 1.36 5.15
C TYR A 74 14.46 -0.13 4.92
N ASP A 75 14.48 -0.51 3.65
CA ASP A 75 14.33 -1.91 3.24
C ASP A 75 15.43 -2.78 3.80
N LYS A 76 16.64 -2.23 3.87
CA LYS A 76 17.78 -2.99 4.36
C LYS A 76 17.93 -2.91 5.87
N GLY A 77 17.16 -2.03 6.49
CA GLY A 77 17.20 -1.90 7.92
C GLY A 77 18.07 -0.75 8.35
N MET A 1 -26.28 -7.31 -6.16
CA MET A 1 -26.78 -5.93 -5.96
C MET A 1 -26.40 -5.40 -4.57
N GLY A 2 -25.22 -5.78 -4.09
CA GLY A 2 -24.73 -5.26 -2.83
C GLY A 2 -25.27 -6.01 -1.63
N HIS A 3 -25.88 -7.17 -1.85
CA HIS A 3 -26.39 -7.97 -0.74
C HIS A 3 -25.25 -8.64 -0.01
N HIS A 4 -24.37 -9.27 -0.77
CA HIS A 4 -23.22 -9.96 -0.20
C HIS A 4 -22.18 -10.22 -1.29
N HIS A 5 -20.95 -10.45 -0.89
CA HIS A 5 -19.89 -10.73 -1.83
C HIS A 5 -19.56 -12.22 -1.83
N HIS A 6 -19.18 -12.74 -3.00
CA HIS A 6 -18.88 -14.17 -3.15
C HIS A 6 -17.65 -14.57 -2.35
N HIS A 7 -16.59 -13.80 -2.47
CA HIS A 7 -15.36 -14.09 -1.75
C HIS A 7 -14.55 -12.82 -1.53
N HIS A 8 -14.37 -12.46 -0.28
CA HIS A 8 -13.59 -11.29 0.08
C HIS A 8 -12.76 -11.60 1.32
N SER A 9 -11.45 -11.64 1.17
CA SER A 9 -10.59 -11.99 2.29
C SER A 9 -9.31 -11.16 2.28
N HIS A 10 -8.63 -11.14 3.41
CA HIS A 10 -7.36 -10.48 3.57
C HIS A 10 -6.53 -11.19 4.64
N MET A 11 -5.73 -12.16 4.21
CA MET A 11 -4.87 -12.90 5.11
C MET A 11 -3.54 -12.22 5.27
N VAL A 12 -3.02 -12.26 6.48
CA VAL A 12 -1.76 -11.63 6.77
C VAL A 12 -0.58 -12.57 6.59
N LYS A 13 0.18 -12.36 5.53
CA LYS A 13 1.36 -13.14 5.26
C LYS A 13 2.52 -12.20 5.05
N GLU A 14 3.16 -11.83 6.16
CA GLU A 14 4.25 -10.86 6.16
C GLU A 14 3.82 -9.57 5.47
N THR A 15 3.02 -8.78 6.15
CA THR A 15 2.56 -7.58 5.58
C THR A 15 3.57 -6.46 5.73
N THR A 16 4.32 -6.27 4.69
CA THR A 16 5.30 -5.23 4.63
C THR A 16 4.70 -3.99 4.00
N TYR A 17 5.50 -2.95 3.86
CA TYR A 17 5.03 -1.70 3.26
C TYR A 17 4.58 -1.95 1.85
N TYR A 18 5.22 -2.88 1.20
CA TYR A 18 4.87 -3.25 -0.13
C TYR A 18 3.51 -3.96 -0.12
N ASP A 19 3.30 -4.79 0.90
CA ASP A 19 2.04 -5.52 1.08
C ASP A 19 0.89 -4.57 1.41
N VAL A 20 1.17 -3.62 2.31
CA VAL A 20 0.20 -2.60 2.70
C VAL A 20 -0.20 -1.76 1.51
N LEU A 21 0.79 -1.38 0.73
CA LEU A 21 0.58 -0.52 -0.41
C LEU A 21 0.12 -1.35 -1.60
N GLY A 22 0.09 -2.67 -1.42
CA GLY A 22 -0.40 -3.56 -2.44
C GLY A 22 0.40 -3.50 -3.72
N VAL A 23 1.70 -3.32 -3.57
CA VAL A 23 2.57 -3.17 -4.70
C VAL A 23 3.56 -4.34 -4.78
N LYS A 24 4.26 -4.45 -5.88
CA LYS A 24 5.21 -5.52 -6.09
C LYS A 24 6.55 -5.18 -5.45
N PRO A 25 7.34 -6.19 -5.11
CA PRO A 25 8.68 -6.01 -4.54
C PRO A 25 9.64 -5.42 -5.56
N ASN A 26 9.23 -5.48 -6.81
CA ASN A 26 10.03 -5.00 -7.92
C ASN A 26 9.34 -3.82 -8.57
N ALA A 27 8.47 -3.18 -7.79
CA ALA A 27 7.72 -2.05 -8.25
C ALA A 27 8.60 -0.83 -8.42
N THR A 28 8.25 -0.03 -9.39
CA THR A 28 8.99 1.18 -9.72
C THR A 28 8.62 2.32 -8.84
N GLN A 29 9.41 3.35 -8.92
CA GLN A 29 9.13 4.58 -8.24
C GLN A 29 7.73 5.07 -8.62
N GLU A 30 7.39 4.89 -9.88
CA GLU A 30 6.11 5.29 -10.40
C GLU A 30 5.01 4.39 -9.84
N GLU A 31 5.30 3.09 -9.83
CA GLU A 31 4.38 2.10 -9.36
C GLU A 31 4.07 2.29 -7.88
N LEU A 32 5.09 2.65 -7.10
CA LEU A 32 4.93 2.92 -5.68
C LEU A 32 3.96 4.08 -5.42
N LYS A 33 4.19 5.18 -6.13
CA LYS A 33 3.35 6.36 -5.99
C LYS A 33 1.96 6.07 -6.49
N LYS A 34 1.88 5.33 -7.58
CA LYS A 34 0.62 4.97 -8.19
C LYS A 34 -0.20 4.11 -7.25
N ALA A 35 0.46 3.21 -6.50
CA ALA A 35 -0.22 2.36 -5.53
C ALA A 35 -0.91 3.22 -4.49
N TYR A 36 -0.21 4.22 -3.98
CA TYR A 36 -0.76 5.13 -2.99
C TYR A 36 -1.99 5.85 -3.51
N ARG A 37 -1.88 6.40 -4.71
CA ARG A 37 -3.00 7.13 -5.30
C ARG A 37 -4.19 6.19 -5.50
N LYS A 38 -3.89 4.98 -5.95
CA LYS A 38 -4.90 3.97 -6.20
C LYS A 38 -5.68 3.64 -4.92
N LEU A 39 -4.94 3.35 -3.84
CA LEU A 39 -5.54 3.02 -2.57
C LEU A 39 -6.27 4.20 -1.98
N ALA A 40 -5.65 5.36 -2.11
CA ALA A 40 -6.20 6.60 -1.56
C ALA A 40 -7.58 6.91 -2.13
N LEU A 41 -7.75 6.66 -3.41
CA LEU A 41 -9.00 6.89 -4.06
C LEU A 41 -10.09 5.95 -3.52
N LYS A 42 -9.73 4.69 -3.31
CA LYS A 42 -10.66 3.68 -2.83
C LYS A 42 -10.97 3.81 -1.32
N TYR A 43 -9.93 3.96 -0.50
CA TYR A 43 -10.09 3.98 0.97
C TYR A 43 -9.95 5.39 1.53
N HIS A 44 -10.40 6.39 0.76
CA HIS A 44 -10.33 7.79 1.19
C HIS A 44 -10.94 7.98 2.58
N PRO A 45 -10.17 8.51 3.55
CA PRO A 45 -10.66 8.70 4.92
C PRO A 45 -11.79 9.72 5.01
N ASP A 46 -11.87 10.61 4.03
CA ASP A 46 -12.96 11.59 3.97
C ASP A 46 -14.23 10.96 3.44
N LYS A 47 -14.10 9.74 2.95
CA LYS A 47 -15.23 9.00 2.43
C LYS A 47 -15.60 7.88 3.41
N ASN A 48 -14.58 7.21 3.93
CA ASN A 48 -14.77 6.15 4.91
C ASN A 48 -13.75 6.27 6.02
N PRO A 49 -14.14 6.89 7.13
CA PRO A 49 -13.31 7.05 8.30
C PRO A 49 -12.98 5.70 8.93
N ASN A 50 -13.81 4.70 8.63
CA ASN A 50 -13.61 3.34 9.12
C ASN A 50 -12.36 2.74 8.50
N GLU A 51 -12.02 3.20 7.29
CA GLU A 51 -10.86 2.69 6.58
C GLU A 51 -9.62 3.53 6.86
N GLY A 52 -9.78 4.57 7.68
CA GLY A 52 -8.67 5.45 8.00
C GLY A 52 -7.59 4.73 8.78
N GLU A 53 -7.96 3.68 9.50
CA GLU A 53 -7.00 2.90 10.27
C GLU A 53 -6.02 2.23 9.31
N LYS A 54 -6.58 1.73 8.20
CA LYS A 54 -5.82 1.12 7.15
C LYS A 54 -4.99 2.17 6.42
N PHE A 55 -5.56 3.35 6.32
CA PHE A 55 -4.94 4.45 5.62
C PHE A 55 -3.60 4.85 6.25
N LYS A 56 -3.56 4.83 7.58
CA LYS A 56 -2.32 5.16 8.31
C LYS A 56 -1.19 4.23 7.86
N GLN A 57 -1.53 2.97 7.64
CA GLN A 57 -0.61 1.97 7.13
C GLN A 57 -0.09 2.37 5.77
N ILE A 58 -1.00 2.81 4.93
CA ILE A 58 -0.70 3.20 3.57
C ILE A 58 0.25 4.40 3.56
N SER A 59 -0.04 5.37 4.42
CA SER A 59 0.76 6.57 4.53
C SER A 59 2.22 6.24 4.87
N GLN A 60 2.43 5.25 5.74
CA GLN A 60 3.76 4.84 6.16
C GLN A 60 4.55 4.29 4.98
N ALA A 61 3.95 3.35 4.27
CA ALA A 61 4.57 2.73 3.11
C ALA A 61 4.91 3.77 2.08
N TYR A 62 3.95 4.62 1.80
CA TYR A 62 4.15 5.69 0.83
C TYR A 62 5.25 6.62 1.28
N GLU A 63 5.32 6.87 2.57
CA GLU A 63 6.30 7.79 3.12
C GLU A 63 7.72 7.43 2.69
N VAL A 64 8.09 6.18 2.84
CA VAL A 64 9.39 5.70 2.41
C VAL A 64 9.43 5.29 0.91
N LEU A 65 8.36 4.64 0.44
CA LEU A 65 8.29 4.16 -0.96
C LEU A 65 8.27 5.32 -1.98
N SER A 66 7.77 6.47 -1.56
CA SER A 66 7.70 7.62 -2.45
C SER A 66 9.11 8.19 -2.74
N ASP A 67 10.08 7.83 -1.90
CA ASP A 67 11.44 8.27 -2.08
C ASP A 67 12.36 7.07 -2.20
N ALA A 68 13.01 6.95 -3.34
CA ALA A 68 13.91 5.82 -3.61
C ALA A 68 14.97 5.64 -2.51
N LYS A 69 15.39 6.74 -1.90
CA LYS A 69 16.39 6.68 -0.85
C LYS A 69 15.85 6.01 0.39
N LYS A 70 14.67 6.45 0.82
CA LYS A 70 14.05 5.92 2.01
C LYS A 70 13.73 4.44 1.82
N ARG A 71 13.28 4.14 0.61
CA ARG A 71 13.00 2.76 0.21
C ARG A 71 14.26 1.92 0.30
N GLU A 72 15.37 2.48 -0.16
CA GLU A 72 16.62 1.78 -0.23
C GLU A 72 17.11 1.43 1.15
N LEU A 73 16.91 2.34 2.08
CA LEU A 73 17.32 2.11 3.43
C LEU A 73 16.53 0.94 4.03
N TYR A 74 15.22 0.93 3.75
CA TYR A 74 14.34 -0.13 4.23
C TYR A 74 14.72 -1.47 3.63
N ASP A 75 14.89 -1.49 2.32
CA ASP A 75 15.23 -2.72 1.59
C ASP A 75 16.56 -3.28 2.05
N LYS A 76 17.48 -2.39 2.37
CA LYS A 76 18.82 -2.79 2.77
C LYS A 76 18.85 -3.25 4.23
N GLY A 77 17.81 -2.92 4.97
CA GLY A 77 17.72 -3.32 6.36
C GLY A 77 16.83 -4.54 6.55
N MET A 1 -2.57 -11.65 -9.48
CA MET A 1 -1.42 -11.13 -10.25
C MET A 1 -1.05 -12.11 -11.34
N GLY A 2 -0.35 -13.18 -10.97
CA GLY A 2 -0.03 -14.22 -11.94
C GLY A 2 -1.28 -14.93 -12.40
N HIS A 3 -2.18 -15.19 -11.45
CA HIS A 3 -3.46 -15.80 -11.76
C HIS A 3 -4.50 -14.74 -12.09
N HIS A 4 -5.49 -15.12 -12.89
CA HIS A 4 -6.57 -14.20 -13.26
C HIS A 4 -7.59 -14.08 -12.14
N HIS A 5 -7.51 -14.98 -11.18
CA HIS A 5 -8.43 -14.96 -10.05
C HIS A 5 -7.73 -14.45 -8.82
N HIS A 6 -8.47 -13.78 -7.97
CA HIS A 6 -7.90 -13.25 -6.76
C HIS A 6 -8.05 -14.23 -5.62
N HIS A 7 -6.94 -14.63 -5.05
CA HIS A 7 -6.92 -15.56 -3.95
C HIS A 7 -7.47 -14.89 -2.70
N HIS A 8 -8.38 -15.57 -2.03
CA HIS A 8 -8.99 -15.03 -0.83
C HIS A 8 -8.12 -15.31 0.39
N SER A 9 -7.43 -14.29 0.84
CA SER A 9 -6.55 -14.38 1.98
C SER A 9 -6.65 -13.12 2.80
N HIS A 10 -7.21 -13.24 3.99
CA HIS A 10 -7.36 -12.09 4.88
C HIS A 10 -6.39 -12.21 6.04
N MET A 11 -5.58 -13.26 5.99
CA MET A 11 -4.59 -13.50 7.02
C MET A 11 -3.33 -12.71 6.73
N VAL A 12 -2.72 -12.17 7.76
CA VAL A 12 -1.52 -11.37 7.60
C VAL A 12 -0.29 -12.25 7.61
N LYS A 13 0.34 -12.39 6.45
CA LYS A 13 1.51 -13.21 6.33
C LYS A 13 2.60 -12.46 5.59
N GLU A 14 3.53 -11.90 6.34
CA GLU A 14 4.65 -11.14 5.78
C GLU A 14 4.15 -9.89 5.07
N THR A 15 3.21 -9.22 5.67
CA THR A 15 2.67 -8.03 5.10
C THR A 15 3.55 -6.85 5.44
N THR A 16 4.22 -6.37 4.44
CA THR A 16 5.09 -5.24 4.60
C THR A 16 4.47 -4.01 3.93
N TYR A 17 5.22 -2.92 3.90
CA TYR A 17 4.75 -1.67 3.31
C TYR A 17 4.37 -1.87 1.86
N TYR A 18 5.08 -2.76 1.19
CA TYR A 18 4.80 -3.07 -0.17
C TYR A 18 3.47 -3.79 -0.27
N ASP A 19 3.25 -4.72 0.66
CA ASP A 19 2.02 -5.47 0.73
C ASP A 19 0.84 -4.57 1.09
N VAL A 20 1.06 -3.67 2.03
CA VAL A 20 0.04 -2.71 2.46
C VAL A 20 -0.36 -1.81 1.29
N LEU A 21 0.64 -1.41 0.54
CA LEU A 21 0.44 -0.52 -0.61
C LEU A 21 0.00 -1.34 -1.82
N GLY A 22 0.05 -2.66 -1.66
CA GLY A 22 -0.37 -3.56 -2.72
C GLY A 22 0.50 -3.47 -3.95
N VAL A 23 1.79 -3.30 -3.75
CA VAL A 23 2.68 -3.12 -4.86
C VAL A 23 3.77 -4.21 -4.86
N LYS A 24 4.42 -4.38 -5.99
CA LYS A 24 5.44 -5.39 -6.15
C LYS A 24 6.79 -4.89 -5.61
N PRO A 25 7.69 -5.82 -5.26
CA PRO A 25 9.01 -5.49 -4.70
C PRO A 25 9.91 -4.77 -5.71
N ASN A 26 9.54 -4.83 -6.99
CA ASN A 26 10.33 -4.24 -8.05
C ASN A 26 9.61 -3.06 -8.66
N ALA A 27 8.59 -2.58 -7.96
CA ALA A 27 7.77 -1.49 -8.45
C ALA A 27 8.55 -0.18 -8.47
N THR A 28 8.28 0.61 -9.50
CA THR A 28 8.96 1.87 -9.71
C THR A 28 8.35 2.97 -8.91
N GLN A 29 9.02 4.08 -8.91
CA GLN A 29 8.51 5.29 -8.29
C GLN A 29 7.12 5.61 -8.86
N GLU A 30 6.98 5.40 -10.15
CA GLU A 30 5.73 5.63 -10.85
C GLU A 30 4.70 4.62 -10.38
N GLU A 31 5.15 3.38 -10.22
CA GLU A 31 4.31 2.30 -9.79
C GLU A 31 3.89 2.50 -8.31
N LEU A 32 4.83 2.97 -7.50
CA LEU A 32 4.58 3.22 -6.09
C LEU A 32 3.48 4.28 -5.88
N LYS A 33 3.58 5.39 -6.61
CA LYS A 33 2.55 6.44 -6.52
C LYS A 33 1.22 5.92 -7.07
N LYS A 34 1.32 5.06 -8.07
CA LYS A 34 0.16 4.43 -8.70
C LYS A 34 -0.64 3.64 -7.67
N ALA A 35 0.06 2.85 -6.85
CA ALA A 35 -0.59 2.07 -5.82
C ALA A 35 -1.28 2.99 -4.83
N TYR A 36 -0.56 4.00 -4.37
CA TYR A 36 -1.10 4.96 -3.41
C TYR A 36 -2.35 5.64 -3.95
N ARG A 37 -2.29 6.06 -5.21
CA ARG A 37 -3.41 6.75 -5.83
C ARG A 37 -4.66 5.86 -5.85
N LYS A 38 -4.47 4.59 -6.19
CA LYS A 38 -5.57 3.64 -6.26
C LYS A 38 -6.20 3.47 -4.88
N LEU A 39 -5.35 3.28 -3.89
CA LEU A 39 -5.80 3.06 -2.52
C LEU A 39 -6.49 4.28 -1.98
N ALA A 40 -5.93 5.44 -2.31
CA ALA A 40 -6.46 6.73 -1.85
C ALA A 40 -7.89 6.93 -2.28
N LEU A 41 -8.18 6.54 -3.51
CA LEU A 41 -9.51 6.67 -4.06
C LEU A 41 -10.52 5.78 -3.32
N LYS A 42 -10.14 4.53 -3.09
CA LYS A 42 -11.01 3.56 -2.44
C LYS A 42 -11.09 3.70 -0.92
N TYR A 43 -9.96 3.89 -0.29
CA TYR A 43 -9.90 3.90 1.18
C TYR A 43 -9.72 5.32 1.73
N HIS A 44 -10.25 6.32 1.01
CA HIS A 44 -10.16 7.72 1.44
C HIS A 44 -10.63 7.87 2.88
N PRO A 45 -9.75 8.28 3.80
CA PRO A 45 -10.12 8.47 5.22
C PRO A 45 -11.30 9.43 5.39
N ASP A 46 -11.34 10.46 4.56
CA ASP A 46 -12.43 11.44 4.61
C ASP A 46 -13.76 10.83 4.16
N LYS A 47 -13.68 9.90 3.22
CA LYS A 47 -14.87 9.30 2.64
C LYS A 47 -15.23 8.00 3.35
N ASN A 48 -14.26 7.43 4.03
CA ASN A 48 -14.45 6.22 4.81
C ASN A 48 -13.54 6.26 6.03
N PRO A 49 -14.02 6.84 7.11
CA PRO A 49 -13.27 6.98 8.35
C PRO A 49 -12.88 5.63 8.94
N ASN A 50 -13.72 4.63 8.68
CA ASN A 50 -13.47 3.28 9.16
C ASN A 50 -12.25 2.67 8.46
N GLU A 51 -11.99 3.10 7.24
CA GLU A 51 -10.87 2.58 6.46
C GLU A 51 -9.59 3.43 6.65
N GLY A 52 -9.73 4.59 7.30
CA GLY A 52 -8.61 5.50 7.50
C GLY A 52 -7.54 4.95 8.42
N GLU A 53 -7.95 4.10 9.37
CA GLU A 53 -7.01 3.51 10.32
C GLU A 53 -5.98 2.68 9.54
N LYS A 54 -6.47 1.93 8.57
CA LYS A 54 -5.64 1.13 7.71
C LYS A 54 -4.81 2.02 6.79
N PHE A 55 -5.38 3.16 6.40
CA PHE A 55 -4.73 4.10 5.50
C PHE A 55 -3.46 4.66 6.13
N LYS A 56 -3.40 4.64 7.45
CA LYS A 56 -2.21 5.10 8.16
C LYS A 56 -1.02 4.24 7.73
N GLN A 57 -1.26 2.93 7.60
CA GLN A 57 -0.27 2.00 7.11
C GLN A 57 0.12 2.36 5.69
N ILE A 58 -0.89 2.71 4.90
CA ILE A 58 -0.68 3.09 3.51
C ILE A 58 0.20 4.34 3.39
N SER A 59 -0.08 5.34 4.20
CA SER A 59 0.70 6.57 4.18
C SER A 59 2.17 6.31 4.54
N GLN A 60 2.41 5.37 5.47
CA GLN A 60 3.75 5.02 5.86
C GLN A 60 4.50 4.43 4.71
N ALA A 61 3.85 3.48 4.03
CA ALA A 61 4.45 2.85 2.86
C ALA A 61 4.74 3.87 1.80
N TYR A 62 3.82 4.79 1.61
CA TYR A 62 3.98 5.85 0.63
C TYR A 62 5.22 6.69 0.93
N GLU A 63 5.45 6.98 2.21
CA GLU A 63 6.58 7.81 2.61
C GLU A 63 7.93 7.21 2.23
N VAL A 64 8.17 5.99 2.63
CA VAL A 64 9.44 5.34 2.34
C VAL A 64 9.50 4.79 0.89
N LEU A 65 8.40 4.25 0.40
CA LEU A 65 8.36 3.69 -0.94
C LEU A 65 8.57 4.74 -2.03
N SER A 66 7.99 5.92 -1.86
CA SER A 66 8.13 6.98 -2.86
C SER A 66 9.55 7.57 -2.83
N ASP A 67 10.25 7.34 -1.73
CA ASP A 67 11.62 7.82 -1.59
C ASP A 67 12.59 6.67 -1.77
N ALA A 68 13.27 6.65 -2.91
CA ALA A 68 14.19 5.58 -3.25
C ALA A 68 15.24 5.34 -2.16
N LYS A 69 15.57 6.37 -1.39
CA LYS A 69 16.57 6.22 -0.36
C LYS A 69 16.03 5.42 0.82
N LYS A 70 14.88 5.85 1.38
CA LYS A 70 14.28 5.15 2.50
C LYS A 70 13.87 3.77 2.09
N ARG A 71 13.34 3.69 0.87
CA ARG A 71 12.89 2.44 0.29
C ARG A 71 14.03 1.44 0.23
N GLU A 72 15.20 1.92 -0.14
CA GLU A 72 16.33 1.07 -0.34
C GLU A 72 16.82 0.53 0.99
N LEU A 73 16.81 1.38 1.99
CA LEU A 73 17.25 0.99 3.29
C LEU A 73 16.31 -0.06 3.88
N TYR A 74 15.01 0.19 3.72
CA TYR A 74 13.99 -0.74 4.20
C TYR A 74 14.10 -2.07 3.46
N ASP A 75 14.23 -1.96 2.15
CA ASP A 75 14.34 -3.10 1.24
C ASP A 75 15.59 -3.93 1.54
N LYS A 76 16.63 -3.25 1.99
CA LYS A 76 17.91 -3.88 2.30
C LYS A 76 17.85 -4.57 3.68
N GLY A 77 16.77 -4.38 4.40
CA GLY A 77 16.65 -4.98 5.71
C GLY A 77 15.34 -5.70 5.90
N MET A 1 -28.08 -10.52 -10.12
CA MET A 1 -28.31 -9.39 -9.20
C MET A 1 -27.78 -9.70 -7.81
N GLY A 2 -27.50 -10.97 -7.55
CA GLY A 2 -27.01 -11.36 -6.25
C GLY A 2 -25.50 -11.35 -6.17
N HIS A 3 -24.93 -10.17 -6.00
CA HIS A 3 -23.48 -10.05 -5.85
C HIS A 3 -23.07 -10.49 -4.47
N HIS A 4 -22.05 -11.32 -4.40
CA HIS A 4 -21.61 -11.89 -3.13
C HIS A 4 -20.72 -10.93 -2.38
N HIS A 5 -20.91 -10.87 -1.07
CA HIS A 5 -20.11 -10.05 -0.19
C HIS A 5 -20.06 -10.67 1.19
N HIS A 6 -19.06 -10.31 1.97
CA HIS A 6 -18.90 -10.86 3.31
C HIS A 6 -19.16 -9.79 4.36
N HIS A 7 -19.48 -10.21 5.56
CA HIS A 7 -19.71 -9.28 6.66
C HIS A 7 -18.47 -9.16 7.52
N HIS A 8 -17.48 -9.98 7.22
CA HIS A 8 -16.21 -9.98 7.96
C HIS A 8 -15.10 -9.41 7.09
N SER A 9 -14.07 -8.90 7.72
CA SER A 9 -12.96 -8.31 7.02
C SER A 9 -11.97 -9.37 6.53
N HIS A 10 -11.21 -9.04 5.51
CA HIS A 10 -10.21 -9.96 4.97
C HIS A 10 -9.03 -10.05 5.94
N MET A 11 -8.69 -11.27 6.31
CA MET A 11 -7.58 -11.52 7.22
C MET A 11 -6.25 -11.42 6.51
N VAL A 12 -5.26 -10.88 7.21
CA VAL A 12 -3.92 -10.72 6.67
C VAL A 12 -2.91 -10.67 7.83
N LYS A 13 -2.04 -11.66 7.89
CA LYS A 13 -1.05 -11.73 8.97
C LYS A 13 0.32 -11.41 8.43
N GLU A 14 1.09 -10.65 9.20
CA GLU A 14 2.44 -10.25 8.79
C GLU A 14 2.39 -9.50 7.45
N THR A 15 1.71 -8.38 7.46
CA THR A 15 1.53 -7.60 6.29
C THR A 15 2.76 -6.75 6.01
N THR A 16 3.23 -6.78 4.77
CA THR A 16 4.38 -6.00 4.40
C THR A 16 3.98 -4.62 3.94
N TYR A 17 4.95 -3.74 3.84
CA TYR A 17 4.72 -2.39 3.36
C TYR A 17 4.25 -2.45 1.92
N TYR A 18 4.76 -3.43 1.18
CA TYR A 18 4.41 -3.62 -0.19
C TYR A 18 3.01 -4.19 -0.27
N ASP A 19 2.70 -5.07 0.67
CA ASP A 19 1.39 -5.69 0.77
C ASP A 19 0.32 -4.65 1.10
N VAL A 20 0.67 -3.73 2.01
CA VAL A 20 -0.21 -2.62 2.40
C VAL A 20 -0.48 -1.72 1.18
N LEU A 21 0.56 -1.52 0.38
CA LEU A 21 0.46 -0.69 -0.84
C LEU A 21 -0.10 -1.48 -2.01
N GLY A 22 -0.30 -2.79 -1.79
CA GLY A 22 -0.86 -3.64 -2.83
C GLY A 22 -0.03 -3.62 -4.08
N VAL A 23 1.27 -3.64 -3.94
CA VAL A 23 2.15 -3.48 -5.06
C VAL A 23 3.18 -4.61 -5.06
N LYS A 24 3.79 -4.86 -6.21
CA LYS A 24 4.78 -5.90 -6.32
C LYS A 24 6.15 -5.41 -5.83
N PRO A 25 7.00 -6.32 -5.40
CA PRO A 25 8.34 -6.00 -4.87
C PRO A 25 9.28 -5.44 -5.97
N ASN A 26 8.83 -5.50 -7.20
CA ASN A 26 9.63 -5.07 -8.32
C ASN A 26 9.04 -3.80 -8.91
N ALA A 27 8.10 -3.22 -8.17
CA ALA A 27 7.46 -2.00 -8.58
C ALA A 27 8.42 -0.84 -8.58
N THR A 28 8.19 0.08 -9.48
CA THR A 28 9.03 1.22 -9.60
C THR A 28 8.64 2.27 -8.62
N GLN A 29 9.50 3.23 -8.45
CA GLN A 29 9.21 4.38 -7.61
C GLN A 29 7.92 5.05 -8.11
N GLU A 30 7.73 5.03 -9.43
CA GLU A 30 6.55 5.59 -10.06
C GLU A 30 5.33 4.73 -9.72
N GLU A 31 5.53 3.42 -9.78
CA GLU A 31 4.49 2.47 -9.50
C GLU A 31 4.05 2.59 -8.04
N LEU A 32 5.01 2.87 -7.17
CA LEU A 32 4.74 3.05 -5.75
C LEU A 32 3.77 4.21 -5.50
N LYS A 33 3.99 5.34 -6.18
CA LYS A 33 3.05 6.46 -6.08
C LYS A 33 1.70 6.10 -6.65
N LYS A 34 1.71 5.38 -7.75
CA LYS A 34 0.50 4.96 -8.42
C LYS A 34 -0.32 4.04 -7.51
N ALA A 35 0.37 3.16 -6.80
CA ALA A 35 -0.28 2.26 -5.85
C ALA A 35 -1.01 3.05 -4.79
N TYR A 36 -0.31 4.05 -4.25
CA TYR A 36 -0.86 4.92 -3.22
C TYR A 36 -2.11 5.63 -3.70
N ARG A 37 -2.04 6.18 -4.91
CA ARG A 37 -3.18 6.89 -5.48
C ARG A 37 -4.37 5.95 -5.63
N LYS A 38 -4.10 4.73 -6.08
CA LYS A 38 -5.14 3.71 -6.26
C LYS A 38 -5.84 3.40 -4.94
N LEU A 39 -5.04 3.13 -3.94
CA LEU A 39 -5.56 2.79 -2.62
C LEU A 39 -6.27 3.98 -2.02
N ALA A 40 -5.70 5.15 -2.24
CA ALA A 40 -6.25 6.40 -1.74
C ALA A 40 -7.66 6.62 -2.22
N LEU A 41 -7.91 6.24 -3.46
CA LEU A 41 -9.21 6.38 -4.03
C LEU A 41 -10.22 5.51 -3.30
N LYS A 42 -9.81 4.28 -2.97
CA LYS A 42 -10.67 3.36 -2.27
C LYS A 42 -10.79 3.64 -0.77
N TYR A 43 -9.65 3.78 -0.11
CA TYR A 43 -9.62 3.88 1.35
C TYR A 43 -9.38 5.30 1.85
N HIS A 44 -9.80 6.29 1.07
CA HIS A 44 -9.65 7.70 1.47
C HIS A 44 -10.26 7.91 2.88
N PRO A 45 -9.47 8.37 3.87
CA PRO A 45 -9.92 8.55 5.26
C PRO A 45 -11.08 9.53 5.40
N ASP A 46 -11.10 10.51 4.53
CA ASP A 46 -12.17 11.50 4.52
C ASP A 46 -13.46 10.92 3.93
N LYS A 47 -13.35 9.74 3.33
CA LYS A 47 -14.48 9.08 2.71
C LYS A 47 -14.91 7.89 3.59
N ASN A 48 -13.91 7.15 4.05
CA ASN A 48 -14.13 5.99 4.91
C ASN A 48 -13.24 6.09 6.14
N PRO A 49 -13.79 6.60 7.23
CA PRO A 49 -13.09 6.76 8.49
C PRO A 49 -12.70 5.41 9.11
N ASN A 50 -13.51 4.39 8.86
CA ASN A 50 -13.25 3.05 9.37
C ASN A 50 -11.98 2.48 8.76
N GLU A 51 -11.74 2.81 7.50
CA GLU A 51 -10.59 2.33 6.75
C GLU A 51 -9.37 3.24 6.93
N GLY A 52 -9.56 4.34 7.65
CA GLY A 52 -8.47 5.29 7.86
C GLY A 52 -7.31 4.69 8.63
N GLU A 53 -7.60 3.76 9.54
CA GLU A 53 -6.54 3.08 10.30
C GLU A 53 -5.66 2.28 9.34
N LYS A 54 -6.29 1.71 8.34
CA LYS A 54 -5.61 0.99 7.30
C LYS A 54 -4.77 1.95 6.46
N PHE A 55 -5.33 3.12 6.23
CA PHE A 55 -4.68 4.16 5.45
C PHE A 55 -3.41 4.68 6.15
N LYS A 56 -3.41 4.63 7.46
CA LYS A 56 -2.26 5.03 8.27
C LYS A 56 -1.03 4.21 7.86
N GLN A 57 -1.26 2.92 7.68
CA GLN A 57 -0.25 1.99 7.25
C GLN A 57 0.28 2.39 5.89
N ILE A 58 -0.66 2.70 5.00
CA ILE A 58 -0.33 3.09 3.66
C ILE A 58 0.49 4.37 3.63
N SER A 59 0.08 5.35 4.44
CA SER A 59 0.71 6.66 4.46
C SER A 59 2.22 6.58 4.81
N GLN A 60 2.57 5.76 5.81
CA GLN A 60 3.94 5.62 6.23
C GLN A 60 4.77 4.85 5.21
N ALA A 61 4.25 3.72 4.77
CA ALA A 61 4.93 2.91 3.75
C ALA A 61 5.13 3.73 2.48
N TYR A 62 4.10 4.44 2.08
CA TYR A 62 4.17 5.33 0.96
C TYR A 62 5.25 6.39 1.16
N GLU A 63 5.36 6.90 2.37
CA GLU A 63 6.32 7.97 2.66
C GLU A 63 7.74 7.56 2.22
N VAL A 64 8.14 6.36 2.57
CA VAL A 64 9.43 5.82 2.18
C VAL A 64 9.40 5.23 0.75
N LEU A 65 8.33 4.52 0.40
CA LEU A 65 8.20 3.88 -0.93
C LEU A 65 8.16 4.90 -2.07
N SER A 66 7.64 6.08 -1.79
CA SER A 66 7.53 7.15 -2.79
C SER A 66 8.92 7.65 -3.19
N ASP A 67 9.92 7.31 -2.39
CA ASP A 67 11.28 7.77 -2.61
C ASP A 67 12.26 6.59 -2.58
N ALA A 68 12.90 6.35 -3.71
CA ALA A 68 13.87 5.25 -3.84
C ALA A 68 14.97 5.36 -2.78
N LYS A 69 15.25 6.59 -2.33
CA LYS A 69 16.28 6.83 -1.32
C LYS A 69 15.88 6.19 -0.01
N LYS A 70 14.72 6.61 0.53
CA LYS A 70 14.25 6.10 1.79
C LYS A 70 13.96 4.62 1.67
N ARG A 71 13.43 4.24 0.52
CA ARG A 71 13.12 2.84 0.25
C ARG A 71 14.38 1.99 0.37
N GLU A 72 15.49 2.51 -0.15
CA GLU A 72 16.74 1.80 -0.15
C GLU A 72 17.31 1.73 1.27
N LEU A 73 17.28 2.86 1.95
CA LEU A 73 17.82 2.97 3.28
C LEU A 73 17.02 2.12 4.26
N TYR A 74 15.70 2.13 4.10
CA TYR A 74 14.82 1.34 4.94
C TYR A 74 15.11 -0.15 4.74
N ASP A 75 15.39 -0.53 3.49
CA ASP A 75 15.76 -1.90 3.14
C ASP A 75 17.05 -2.30 3.87
N LYS A 76 17.94 -1.34 4.03
CA LYS A 76 19.20 -1.55 4.76
C LYS A 76 18.97 -1.44 6.25
N GLY A 77 17.80 -0.99 6.63
CA GLY A 77 17.50 -0.83 8.01
C GLY A 77 16.99 -2.11 8.67
N MET A 1 -22.97 -5.53 -8.05
CA MET A 1 -21.75 -6.36 -8.19
C MET A 1 -20.56 -5.49 -8.54
N GLY A 2 -19.42 -6.11 -8.75
CA GLY A 2 -18.24 -5.38 -9.11
C GLY A 2 -17.75 -5.76 -10.48
N HIS A 3 -16.44 -5.81 -10.62
CA HIS A 3 -15.84 -6.18 -11.89
C HIS A 3 -16.04 -7.66 -12.15
N HIS A 4 -16.08 -8.44 -11.07
CA HIS A 4 -16.25 -9.88 -11.16
C HIS A 4 -17.53 -10.32 -10.45
N HIS A 5 -18.01 -11.50 -10.82
CA HIS A 5 -19.24 -12.06 -10.24
C HIS A 5 -18.93 -12.79 -8.94
N HIS A 6 -17.69 -13.18 -8.78
CA HIS A 6 -17.25 -13.86 -7.57
C HIS A 6 -16.43 -12.91 -6.73
N HIS A 7 -16.60 -13.01 -5.42
CA HIS A 7 -15.84 -12.17 -4.51
C HIS A 7 -14.54 -12.86 -4.12
N HIS A 8 -13.46 -12.41 -4.70
CA HIS A 8 -12.16 -12.97 -4.41
C HIS A 8 -11.34 -12.00 -3.55
N SER A 9 -11.36 -12.19 -2.26
CA SER A 9 -10.59 -11.38 -1.37
C SER A 9 -9.18 -11.98 -1.25
N HIS A 10 -8.26 -11.21 -0.71
CA HIS A 10 -6.88 -11.68 -0.60
C HIS A 10 -6.51 -11.95 0.84
N MET A 11 -5.98 -13.13 1.08
CA MET A 11 -5.50 -13.49 2.41
C MET A 11 -4.09 -12.99 2.56
N VAL A 12 -3.84 -12.28 3.63
CA VAL A 12 -2.54 -11.67 3.83
C VAL A 12 -1.54 -12.66 4.46
N LYS A 13 -0.45 -12.91 3.73
CA LYS A 13 0.59 -13.80 4.17
C LYS A 13 1.91 -13.03 4.26
N GLU A 14 2.39 -12.82 5.48
CA GLU A 14 3.61 -12.03 5.72
C GLU A 14 3.44 -10.61 5.20
N THR A 15 2.95 -9.74 6.05
CA THR A 15 2.66 -8.42 5.64
C THR A 15 3.86 -7.51 5.67
N THR A 16 3.92 -6.66 4.68
CA THR A 16 4.92 -5.66 4.58
C THR A 16 4.31 -4.43 3.96
N TYR A 17 5.06 -3.35 3.91
CA TYR A 17 4.57 -2.10 3.34
C TYR A 17 4.19 -2.28 1.89
N TYR A 18 4.88 -3.17 1.23
CA TYR A 18 4.60 -3.48 -0.14
C TYR A 18 3.28 -4.23 -0.23
N ASP A 19 3.01 -5.10 0.76
CA ASP A 19 1.77 -5.87 0.83
C ASP A 19 0.59 -4.93 1.07
N VAL A 20 0.78 -4.03 2.02
CA VAL A 20 -0.21 -3.04 2.39
C VAL A 20 -0.54 -2.15 1.22
N LEU A 21 0.50 -1.75 0.51
CA LEU A 21 0.37 -0.85 -0.62
C LEU A 21 -0.08 -1.63 -1.85
N GLY A 22 -0.07 -2.95 -1.74
CA GLY A 22 -0.53 -3.80 -2.81
C GLY A 22 0.27 -3.60 -4.07
N VAL A 23 1.56 -3.58 -3.95
CA VAL A 23 2.43 -3.33 -5.07
C VAL A 23 3.38 -4.50 -5.28
N LYS A 24 4.09 -4.49 -6.39
CA LYS A 24 5.01 -5.57 -6.73
C LYS A 24 6.35 -5.37 -6.00
N PRO A 25 7.10 -6.46 -5.79
CA PRO A 25 8.42 -6.40 -5.14
C PRO A 25 9.46 -5.71 -6.03
N ASN A 26 9.10 -5.54 -7.28
CA ASN A 26 9.98 -4.94 -8.27
C ASN A 26 9.43 -3.60 -8.72
N ALA A 27 8.49 -3.09 -7.94
CA ALA A 27 7.81 -1.87 -8.26
C ALA A 27 8.75 -0.66 -8.16
N THR A 28 8.52 0.28 -9.04
CA THR A 28 9.32 1.49 -9.11
C THR A 28 8.80 2.52 -8.18
N GLN A 29 9.58 3.55 -7.99
CA GLN A 29 9.16 4.70 -7.22
C GLN A 29 7.85 5.24 -7.79
N GLU A 30 7.74 5.18 -9.12
CA GLU A 30 6.55 5.62 -9.83
C GLU A 30 5.39 4.70 -9.50
N GLU A 31 5.68 3.40 -9.52
CA GLU A 31 4.71 2.38 -9.27
C GLU A 31 4.22 2.45 -7.82
N LEU A 32 5.13 2.77 -6.93
CA LEU A 32 4.81 2.92 -5.53
C LEU A 32 3.80 4.06 -5.34
N LYS A 33 4.03 5.15 -6.05
CA LYS A 33 3.14 6.30 -6.03
C LYS A 33 1.76 5.90 -6.59
N LYS A 34 1.78 5.10 -7.66
CA LYS A 34 0.56 4.62 -8.31
C LYS A 34 -0.28 3.77 -7.36
N ALA A 35 0.38 2.90 -6.60
CA ALA A 35 -0.31 2.04 -5.64
C ALA A 35 -1.01 2.89 -4.60
N TYR A 36 -0.29 3.86 -4.07
CA TYR A 36 -0.83 4.76 -3.06
C TYR A 36 -2.04 5.50 -3.56
N ARG A 37 -1.93 6.07 -4.75
CA ARG A 37 -3.03 6.85 -5.32
C ARG A 37 -4.27 5.99 -5.48
N LYS A 38 -4.07 4.76 -5.94
CA LYS A 38 -5.17 3.83 -6.15
C LYS A 38 -5.89 3.52 -4.83
N LEU A 39 -5.13 3.19 -3.81
CA LEU A 39 -5.69 2.87 -2.52
C LEU A 39 -6.34 4.09 -1.91
N ALA A 40 -5.66 5.22 -2.06
CA ALA A 40 -6.14 6.48 -1.50
C ALA A 40 -7.48 6.88 -2.05
N LEU A 41 -7.68 6.65 -3.34
CA LEU A 41 -8.93 6.99 -3.97
C LEU A 41 -10.09 6.17 -3.40
N LYS A 42 -9.85 4.88 -3.21
CA LYS A 42 -10.89 3.99 -2.74
C LYS A 42 -11.09 4.03 -1.22
N TYR A 43 -10.00 3.95 -0.48
CA TYR A 43 -10.05 3.87 1.00
C TYR A 43 -9.78 5.23 1.64
N HIS A 44 -10.04 6.29 0.88
CA HIS A 44 -9.82 7.68 1.35
C HIS A 44 -10.42 7.90 2.73
N PRO A 45 -9.60 8.25 3.74
CA PRO A 45 -10.08 8.50 5.10
C PRO A 45 -11.03 9.67 5.18
N ASP A 46 -10.87 10.62 4.27
CA ASP A 46 -11.73 11.79 4.18
C ASP A 46 -13.12 11.40 3.69
N LYS A 47 -13.19 10.26 3.02
CA LYS A 47 -14.44 9.77 2.47
C LYS A 47 -14.98 8.60 3.30
N ASN A 48 -14.07 7.84 3.90
CA ASN A 48 -14.42 6.72 4.75
C ASN A 48 -13.53 6.73 5.98
N PRO A 49 -13.99 7.34 7.06
CA PRO A 49 -13.26 7.43 8.29
C PRO A 49 -12.94 6.06 8.90
N ASN A 50 -13.83 5.10 8.65
CA ASN A 50 -13.65 3.74 9.18
C ASN A 50 -12.45 3.05 8.50
N GLU A 51 -12.20 3.41 7.25
CA GLU A 51 -11.12 2.78 6.49
C GLU A 51 -9.81 3.53 6.67
N GLY A 52 -9.85 4.62 7.46
CA GLY A 52 -8.65 5.41 7.70
C GLY A 52 -7.60 4.66 8.49
N GLU A 53 -8.04 3.71 9.32
CA GLU A 53 -7.12 2.90 10.10
C GLU A 53 -6.23 2.09 9.16
N LYS A 54 -6.82 1.62 8.07
CA LYS A 54 -6.11 0.91 7.04
C LYS A 54 -5.15 1.85 6.33
N PHE A 55 -5.62 3.07 6.13
CA PHE A 55 -4.87 4.10 5.43
C PHE A 55 -3.61 4.49 6.20
N LYS A 56 -3.62 4.29 7.50
CA LYS A 56 -2.46 4.57 8.33
C LYS A 56 -1.27 3.75 7.83
N GLN A 57 -1.53 2.49 7.54
CA GLN A 57 -0.56 1.57 7.02
C GLN A 57 -0.07 2.02 5.66
N ILE A 58 -1.02 2.45 4.85
CA ILE A 58 -0.75 2.91 3.50
C ILE A 58 0.16 4.16 3.52
N SER A 59 -0.14 5.08 4.42
CA SER A 59 0.60 6.32 4.56
C SER A 59 2.09 6.05 4.86
N GLN A 60 2.35 5.09 5.75
CA GLN A 60 3.72 4.73 6.14
C GLN A 60 4.50 4.17 4.96
N ALA A 61 3.89 3.25 4.24
CA ALA A 61 4.50 2.66 3.07
C ALA A 61 4.81 3.73 2.06
N TYR A 62 3.85 4.59 1.79
CA TYR A 62 4.03 5.68 0.85
C TYR A 62 5.16 6.60 1.31
N GLU A 63 5.22 6.82 2.62
CA GLU A 63 6.22 7.71 3.23
C GLU A 63 7.63 7.40 2.72
N VAL A 64 8.05 6.17 2.86
CA VAL A 64 9.36 5.74 2.41
C VAL A 64 9.36 5.25 0.93
N LEU A 65 8.32 4.53 0.55
CA LEU A 65 8.22 3.97 -0.81
C LEU A 65 8.14 5.03 -1.90
N SER A 66 7.52 6.18 -1.59
CA SER A 66 7.40 7.24 -2.59
C SER A 66 8.74 7.90 -2.89
N ASP A 67 9.75 7.54 -2.10
CA ASP A 67 11.08 8.10 -2.27
C ASP A 67 12.10 6.96 -2.38
N ALA A 68 12.74 6.84 -3.55
CA ALA A 68 13.70 5.77 -3.78
C ALA A 68 14.80 5.73 -2.73
N LYS A 69 15.15 6.87 -2.16
CA LYS A 69 16.19 6.94 -1.17
C LYS A 69 15.73 6.31 0.14
N LYS A 70 14.55 6.70 0.60
CA LYS A 70 14.01 6.16 1.83
C LYS A 70 13.75 4.68 1.68
N ARG A 71 13.26 4.29 0.49
CA ARG A 71 13.04 2.89 0.17
C ARG A 71 14.33 2.11 0.29
N GLU A 72 15.39 2.70 -0.21
CA GLU A 72 16.68 2.06 -0.27
C GLU A 72 17.22 1.86 1.12
N LEU A 73 17.04 2.86 1.97
CA LEU A 73 17.49 2.78 3.33
C LEU A 73 16.71 1.72 4.08
N TYR A 74 15.41 1.65 3.82
CA TYR A 74 14.54 0.68 4.47
C TYR A 74 14.95 -0.74 4.14
N ASP A 75 15.18 -0.99 2.86
CA ASP A 75 15.60 -2.32 2.41
C ASP A 75 16.94 -2.71 3.01
N LYS A 76 17.83 -1.74 3.19
CA LYS A 76 19.16 -2.00 3.71
C LYS A 76 19.16 -2.01 5.26
N GLY A 77 18.10 -1.49 5.84
CA GLY A 77 18.01 -1.41 7.29
C GLY A 77 17.21 -2.55 7.87
N MET A 1 -5.71 -5.39 -15.01
CA MET A 1 -5.11 -5.50 -13.67
C MET A 1 -5.82 -6.56 -12.84
N GLY A 2 -7.05 -6.26 -12.43
CA GLY A 2 -7.81 -7.20 -11.62
C GLY A 2 -9.19 -6.67 -11.32
N HIS A 3 -9.91 -7.36 -10.46
CA HIS A 3 -11.26 -6.95 -10.09
C HIS A 3 -11.25 -6.16 -8.79
N HIS A 4 -11.87 -4.98 -8.81
CA HIS A 4 -11.90 -4.10 -7.64
C HIS A 4 -13.01 -4.52 -6.67
N HIS A 5 -13.84 -5.45 -7.11
CA HIS A 5 -14.92 -5.98 -6.27
C HIS A 5 -14.42 -7.18 -5.49
N HIS A 6 -13.17 -7.54 -5.70
CA HIS A 6 -12.56 -8.68 -5.03
C HIS A 6 -11.28 -8.27 -4.33
N HIS A 7 -10.86 -9.10 -3.39
CA HIS A 7 -9.64 -8.85 -2.62
C HIS A 7 -8.93 -10.16 -2.36
N HIS A 8 -7.67 -10.08 -2.01
CA HIS A 8 -6.90 -11.27 -1.65
C HIS A 8 -7.15 -11.58 -0.20
N SER A 9 -6.95 -10.55 0.65
CA SER A 9 -7.12 -10.64 2.10
C SER A 9 -6.42 -11.85 2.72
N HIS A 10 -7.21 -12.89 3.04
CA HIS A 10 -6.71 -14.11 3.70
C HIS A 10 -6.13 -13.78 5.06
N MET A 11 -5.43 -14.72 5.66
CA MET A 11 -4.84 -14.49 6.96
C MET A 11 -3.52 -13.74 6.82
N VAL A 12 -3.31 -12.76 7.68
CA VAL A 12 -2.07 -11.99 7.64
C VAL A 12 -0.98 -12.73 8.39
N LYS A 13 0.10 -13.02 7.70
CA LYS A 13 1.20 -13.75 8.29
C LYS A 13 2.45 -12.90 8.22
N GLU A 14 2.52 -12.08 7.19
CA GLU A 14 3.66 -11.22 6.97
C GLU A 14 3.28 -10.09 6.03
N THR A 15 2.50 -9.16 6.51
CA THR A 15 2.09 -8.06 5.73
C THR A 15 3.05 -6.88 5.91
N THR A 16 3.75 -6.59 4.86
CA THR A 16 4.73 -5.54 4.85
C THR A 16 4.18 -4.30 4.16
N TYR A 17 4.99 -3.26 4.09
CA TYR A 17 4.58 -1.99 3.47
C TYR A 17 4.20 -2.22 2.02
N TYR A 18 4.90 -3.12 1.38
CA TYR A 18 4.63 -3.45 0.02
C TYR A 18 3.32 -4.20 -0.08
N ASP A 19 3.04 -5.03 0.93
CA ASP A 19 1.80 -5.79 1.00
C ASP A 19 0.61 -4.86 1.27
N VAL A 20 0.81 -3.91 2.20
CA VAL A 20 -0.19 -2.89 2.55
C VAL A 20 -0.51 -2.02 1.34
N LEU A 21 0.54 -1.66 0.63
CA LEU A 21 0.43 -0.78 -0.54
C LEU A 21 0.06 -1.59 -1.77
N GLY A 22 0.02 -2.91 -1.61
CA GLY A 22 -0.38 -3.80 -2.68
C GLY A 22 0.50 -3.69 -3.90
N VAL A 23 1.80 -3.55 -3.67
CA VAL A 23 2.71 -3.38 -4.76
C VAL A 23 3.79 -4.47 -4.70
N LYS A 24 4.48 -4.70 -5.81
CA LYS A 24 5.52 -5.71 -5.84
C LYS A 24 6.84 -5.14 -5.35
N PRO A 25 7.75 -6.00 -4.88
CA PRO A 25 9.06 -5.58 -4.37
C PRO A 25 9.95 -5.02 -5.48
N ASN A 26 9.53 -5.19 -6.73
CA ASN A 26 10.30 -4.73 -7.87
C ASN A 26 9.62 -3.54 -8.50
N ALA A 27 8.63 -3.00 -7.81
CA ALA A 27 7.88 -1.86 -8.28
C ALA A 27 8.71 -0.59 -8.22
N THR A 28 8.44 0.28 -9.16
CA THR A 28 9.17 1.52 -9.29
C THR A 28 8.65 2.57 -8.35
N GLN A 29 9.41 3.62 -8.23
CA GLN A 29 8.99 4.77 -7.48
C GLN A 29 7.65 5.28 -8.01
N GLU A 30 7.50 5.20 -9.34
CA GLU A 30 6.26 5.61 -9.98
C GLU A 30 5.15 4.64 -9.58
N GLU A 31 5.49 3.36 -9.61
CA GLU A 31 4.58 2.30 -9.31
C GLU A 31 4.11 2.39 -7.87
N LEU A 32 5.04 2.71 -6.98
CA LEU A 32 4.73 2.88 -5.57
C LEU A 32 3.72 4.00 -5.36
N LYS A 33 3.93 5.13 -6.05
CA LYS A 33 3.01 6.26 -5.98
C LYS A 33 1.65 5.90 -6.56
N LYS A 34 1.68 5.18 -7.67
CA LYS A 34 0.46 4.76 -8.35
C LYS A 34 -0.37 3.84 -7.46
N ALA A 35 0.30 2.95 -6.71
CA ALA A 35 -0.38 2.05 -5.77
C ALA A 35 -1.08 2.87 -4.70
N TYR A 36 -0.35 3.84 -4.15
CA TYR A 36 -0.88 4.70 -3.11
C TYR A 36 -2.08 5.46 -3.58
N ARG A 37 -1.99 6.09 -4.73
CA ARG A 37 -3.04 6.89 -5.22
C ARG A 37 -4.28 6.06 -5.49
N LYS A 38 -4.08 4.86 -5.99
CA LYS A 38 -5.18 3.99 -6.30
C LYS A 38 -5.93 3.61 -5.01
N LEU A 39 -5.17 3.20 -4.00
CA LEU A 39 -5.75 2.81 -2.71
C LEU A 39 -6.36 4.01 -2.02
N ALA A 40 -5.60 5.10 -2.02
CA ALA A 40 -6.00 6.33 -1.34
C ALA A 40 -7.29 6.90 -1.85
N LEU A 41 -7.49 6.87 -3.14
CA LEU A 41 -8.71 7.37 -3.70
C LEU A 41 -9.91 6.52 -3.27
N LYS A 42 -9.73 5.19 -3.28
CA LYS A 42 -10.79 4.29 -2.91
C LYS A 42 -11.07 4.23 -1.39
N TYR A 43 -10.02 4.14 -0.61
CA TYR A 43 -10.14 3.99 0.86
C TYR A 43 -9.83 5.30 1.57
N HIS A 44 -10.02 6.38 0.83
CA HIS A 44 -9.79 7.74 1.30
C HIS A 44 -10.46 7.97 2.68
N PRO A 45 -9.68 8.44 3.68
CA PRO A 45 -10.22 8.70 5.03
C PRO A 45 -11.32 9.75 5.05
N ASP A 46 -11.28 10.65 4.07
CA ASP A 46 -12.30 11.69 3.92
C ASP A 46 -13.55 11.11 3.24
N LYS A 47 -13.43 9.89 2.74
CA LYS A 47 -14.52 9.21 2.05
C LYS A 47 -15.09 8.14 2.98
N ASN A 48 -14.20 7.32 3.51
CA ASN A 48 -14.55 6.27 4.44
C ASN A 48 -13.71 6.41 5.69
N PRO A 49 -14.28 7.04 6.71
CA PRO A 49 -13.61 7.26 7.98
C PRO A 49 -13.25 5.97 8.70
N ASN A 50 -13.99 4.92 8.40
CA ASN A 50 -13.76 3.61 9.00
C ASN A 50 -12.52 2.95 8.39
N GLU A 51 -12.10 3.41 7.22
CA GLU A 51 -10.94 2.82 6.55
C GLU A 51 -9.64 3.58 6.86
N GLY A 52 -9.76 4.68 7.58
CA GLY A 52 -8.60 5.50 7.92
C GLY A 52 -7.58 4.75 8.76
N GLU A 53 -8.05 3.79 9.54
CA GLU A 53 -7.17 2.96 10.36
C GLU A 53 -6.19 2.21 9.46
N LYS A 54 -6.72 1.63 8.40
CA LYS A 54 -5.92 0.93 7.43
C LYS A 54 -5.05 1.93 6.68
N PHE A 55 -5.62 3.09 6.42
CA PHE A 55 -4.95 4.16 5.68
C PHE A 55 -3.67 4.62 6.39
N LYS A 56 -3.61 4.50 7.71
CA LYS A 56 -2.40 4.86 8.44
C LYS A 56 -1.23 4.01 7.93
N GLN A 57 -1.51 2.72 7.73
CA GLN A 57 -0.56 1.77 7.20
C GLN A 57 -0.11 2.19 5.81
N ILE A 58 -1.09 2.59 5.00
CA ILE A 58 -0.84 3.02 3.64
C ILE A 58 0.04 4.26 3.62
N SER A 59 -0.26 5.20 4.52
CA SER A 59 0.47 6.45 4.62
C SER A 59 1.97 6.22 4.89
N GLN A 60 2.29 5.29 5.79
CA GLN A 60 3.67 4.98 6.14
C GLN A 60 4.43 4.42 4.95
N ALA A 61 3.83 3.44 4.28
CA ALA A 61 4.45 2.84 3.10
C ALA A 61 4.64 3.90 2.04
N TYR A 62 3.65 4.77 1.90
CA TYR A 62 3.71 5.86 0.96
C TYR A 62 4.92 6.77 1.25
N GLU A 63 5.18 7.02 2.53
CA GLU A 63 6.27 7.90 2.92
C GLU A 63 7.64 7.42 2.43
N VAL A 64 8.01 6.22 2.79
CA VAL A 64 9.30 5.67 2.42
C VAL A 64 9.32 5.09 0.99
N LEU A 65 8.24 4.42 0.58
CA LEU A 65 8.17 3.81 -0.76
C LEU A 65 8.20 4.85 -1.88
N SER A 66 7.49 5.96 -1.70
CA SER A 66 7.46 6.99 -2.75
C SER A 66 8.79 7.75 -2.79
N ASP A 67 9.61 7.54 -1.78
CA ASP A 67 10.94 8.11 -1.73
C ASP A 67 11.95 7.01 -1.99
N ALA A 68 12.44 6.95 -3.22
CA ALA A 68 13.35 5.88 -3.63
C ALA A 68 14.57 5.78 -2.73
N LYS A 69 14.94 6.89 -2.12
CA LYS A 69 16.09 6.92 -1.28
C LYS A 69 15.81 6.20 0.06
N LYS A 70 14.70 6.57 0.72
CA LYS A 70 14.34 5.96 2.00
C LYS A 70 13.99 4.51 1.80
N ARG A 71 13.33 4.22 0.70
CA ARG A 71 12.96 2.87 0.34
C ARG A 71 14.16 1.98 0.28
N GLU A 72 15.22 2.49 -0.32
CA GLU A 72 16.41 1.73 -0.52
C GLU A 72 17.11 1.49 0.78
N LEU A 73 17.10 2.49 1.64
CA LEU A 73 17.74 2.38 2.91
C LEU A 73 17.03 1.36 3.77
N TYR A 74 15.69 1.37 3.72
CA TYR A 74 14.89 0.45 4.52
C TYR A 74 15.18 -0.98 4.09
N ASP A 75 15.14 -1.21 2.79
CA ASP A 75 15.45 -2.52 2.22
C ASP A 75 16.90 -2.92 2.49
N LYS A 76 17.79 -1.95 2.50
CA LYS A 76 19.21 -2.20 2.75
C LYS A 76 19.43 -2.76 4.15
N GLY A 77 18.85 -2.11 5.14
CA GLY A 77 19.00 -2.55 6.50
C GLY A 77 18.60 -1.48 7.48
N MET A 1 -8.11 -29.33 -6.76
CA MET A 1 -9.51 -29.00 -6.47
C MET A 1 -9.62 -28.28 -5.13
N GLY A 2 -10.43 -27.21 -5.11
CA GLY A 2 -10.66 -26.46 -3.87
C GLY A 2 -9.39 -25.93 -3.22
N HIS A 3 -8.64 -25.14 -3.95
CA HIS A 3 -7.38 -24.58 -3.44
C HIS A 3 -7.48 -23.08 -3.19
N HIS A 4 -8.53 -22.47 -3.71
CA HIS A 4 -8.72 -21.03 -3.56
C HIS A 4 -10.13 -20.71 -3.12
N HIS A 5 -10.24 -19.98 -2.02
CA HIS A 5 -11.55 -19.53 -1.55
C HIS A 5 -11.88 -18.21 -2.21
N HIS A 6 -13.11 -18.05 -2.67
CA HIS A 6 -13.53 -16.85 -3.37
C HIS A 6 -13.49 -15.65 -2.43
N HIS A 7 -13.93 -15.85 -1.20
CA HIS A 7 -13.91 -14.80 -0.20
C HIS A 7 -12.48 -14.61 0.31
N HIS A 8 -11.99 -13.38 0.24
CA HIS A 8 -10.64 -13.08 0.67
C HIS A 8 -10.56 -13.09 2.18
N SER A 9 -9.49 -13.65 2.69
CA SER A 9 -9.27 -13.68 4.11
C SER A 9 -8.84 -12.30 4.57
N HIS A 10 -9.47 -11.81 5.63
CA HIS A 10 -9.15 -10.49 6.17
C HIS A 10 -7.93 -10.58 7.09
N MET A 11 -7.52 -11.81 7.37
CA MET A 11 -6.35 -12.06 8.18
C MET A 11 -5.09 -11.84 7.37
N VAL A 12 -4.14 -11.13 7.93
CA VAL A 12 -2.89 -10.83 7.24
C VAL A 12 -1.88 -11.96 7.38
N LYS A 13 -1.22 -12.29 6.29
CA LYS A 13 -0.21 -13.34 6.28
C LYS A 13 1.11 -12.75 5.80
N GLU A 14 1.89 -12.25 6.75
CA GLU A 14 3.16 -11.61 6.44
C GLU A 14 2.94 -10.46 5.47
N THR A 15 2.23 -9.46 5.92
CA THR A 15 1.95 -8.34 5.08
C THR A 15 3.08 -7.36 5.12
N THR A 16 3.63 -7.11 3.97
CA THR A 16 4.71 -6.18 3.83
C THR A 16 4.23 -4.84 3.34
N TYR A 17 5.11 -3.85 3.39
CA TYR A 17 4.79 -2.49 3.00
C TYR A 17 4.35 -2.44 1.55
N TYR A 18 4.95 -3.29 0.74
CA TYR A 18 4.59 -3.40 -0.63
C TYR A 18 3.20 -4.00 -0.76
N ASP A 19 2.90 -4.96 0.12
CA ASP A 19 1.59 -5.60 0.16
C ASP A 19 0.50 -4.62 0.56
N VAL A 20 0.83 -3.75 1.52
CA VAL A 20 -0.09 -2.72 2.03
C VAL A 20 -0.51 -1.79 0.91
N LEU A 21 0.46 -1.46 0.05
CA LEU A 21 0.21 -0.57 -1.09
C LEU A 21 -0.38 -1.36 -2.25
N GLY A 22 -0.47 -2.68 -2.07
CA GLY A 22 -1.01 -3.52 -3.09
C GLY A 22 -0.16 -3.51 -4.32
N VAL A 23 1.13 -3.50 -4.12
CA VAL A 23 2.07 -3.41 -5.22
C VAL A 23 3.00 -4.63 -5.21
N LYS A 24 3.76 -4.81 -6.28
CA LYS A 24 4.66 -5.95 -6.39
C LYS A 24 5.97 -5.66 -5.68
N PRO A 25 6.71 -6.70 -5.31
CA PRO A 25 8.01 -6.58 -4.62
C PRO A 25 9.09 -5.97 -5.52
N ASN A 26 8.78 -5.86 -6.80
CA ASN A 26 9.72 -5.33 -7.78
C ASN A 26 9.18 -4.03 -8.37
N ALA A 27 8.22 -3.44 -7.66
CA ALA A 27 7.56 -2.23 -8.11
C ALA A 27 8.48 -1.04 -8.17
N THR A 28 8.22 -0.19 -9.13
CA THR A 28 9.00 1.01 -9.36
C THR A 28 8.52 2.15 -8.52
N GLN A 29 9.33 3.18 -8.47
CA GLN A 29 8.94 4.42 -7.81
C GLN A 29 7.62 4.91 -8.41
N GLU A 30 7.50 4.75 -9.72
CA GLU A 30 6.30 5.13 -10.44
C GLU A 30 5.13 4.26 -10.01
N GLU A 31 5.40 2.98 -9.89
CA GLU A 31 4.43 2.00 -9.53
C GLU A 31 3.99 2.18 -8.07
N LEU A 32 4.94 2.54 -7.21
CA LEU A 32 4.65 2.79 -5.79
C LEU A 32 3.66 3.94 -5.64
N LYS A 33 3.93 5.03 -6.36
CA LYS A 33 3.09 6.21 -6.34
C LYS A 33 1.73 5.93 -6.95
N LYS A 34 1.73 5.11 -8.01
CA LYS A 34 0.49 4.71 -8.67
C LYS A 34 -0.41 3.92 -7.71
N ALA A 35 0.22 3.03 -6.95
CA ALA A 35 -0.50 2.23 -5.96
C ALA A 35 -1.18 3.13 -4.94
N TYR A 36 -0.45 4.12 -4.44
CA TYR A 36 -0.97 5.05 -3.44
C TYR A 36 -2.19 5.79 -3.97
N ARG A 37 -2.10 6.31 -5.20
CA ARG A 37 -3.22 7.04 -5.80
C ARG A 37 -4.46 6.15 -5.90
N LYS A 38 -4.25 4.92 -6.32
CA LYS A 38 -5.33 3.95 -6.46
C LYS A 38 -6.03 3.71 -5.11
N LEU A 39 -5.24 3.45 -4.09
CA LEU A 39 -5.75 3.17 -2.76
C LEU A 39 -6.40 4.40 -2.16
N ALA A 40 -5.77 5.53 -2.36
CA ALA A 40 -6.26 6.80 -1.81
C ALA A 40 -7.66 7.11 -2.27
N LEU A 41 -7.91 6.91 -3.54
CA LEU A 41 -9.19 7.15 -4.11
C LEU A 41 -10.24 6.20 -3.54
N LYS A 42 -9.85 4.94 -3.32
CA LYS A 42 -10.75 3.95 -2.76
C LYS A 42 -10.97 4.08 -1.24
N TYR A 43 -9.89 4.18 -0.50
CA TYR A 43 -9.95 4.16 0.97
C TYR A 43 -9.71 5.55 1.58
N HIS A 44 -10.08 6.59 0.84
CA HIS A 44 -9.94 7.97 1.32
C HIS A 44 -10.50 8.10 2.74
N PRO A 45 -9.65 8.39 3.74
CA PRO A 45 -10.06 8.48 5.16
C PRO A 45 -11.03 9.62 5.41
N ASP A 46 -11.01 10.60 4.52
CA ASP A 46 -11.90 11.74 4.62
C ASP A 46 -13.29 11.35 4.07
N LYS A 47 -13.33 10.22 3.39
CA LYS A 47 -14.57 9.72 2.77
C LYS A 47 -15.07 8.50 3.56
N ASN A 48 -14.13 7.68 4.01
CA ASN A 48 -14.42 6.50 4.82
C ASN A 48 -13.53 6.53 6.05
N PRO A 49 -14.02 7.12 7.13
CA PRO A 49 -13.29 7.25 8.35
C PRO A 49 -12.95 5.91 8.98
N ASN A 50 -13.74 4.89 8.67
CA ASN A 50 -13.52 3.55 9.21
C ASN A 50 -12.30 2.90 8.59
N GLU A 51 -11.92 3.37 7.40
CA GLU A 51 -10.78 2.79 6.68
C GLU A 51 -9.49 3.57 6.96
N GLY A 52 -9.60 4.66 7.74
CA GLY A 52 -8.44 5.51 8.02
C GLY A 52 -7.34 4.80 8.81
N GLU A 53 -7.74 3.89 9.70
CA GLU A 53 -6.77 3.14 10.49
C GLU A 53 -5.88 2.30 9.58
N LYS A 54 -6.50 1.72 8.57
CA LYS A 54 -5.82 0.95 7.57
C LYS A 54 -4.94 1.87 6.71
N PHE A 55 -5.47 3.06 6.44
CA PHE A 55 -4.79 4.05 5.63
C PHE A 55 -3.47 4.49 6.27
N LYS A 56 -3.38 4.36 7.59
CA LYS A 56 -2.16 4.67 8.32
C LYS A 56 -1.02 3.77 7.83
N GLN A 57 -1.35 2.49 7.60
CA GLN A 57 -0.43 1.53 7.06
C GLN A 57 0.07 1.98 5.71
N ILE A 58 -0.87 2.38 4.87
CA ILE A 58 -0.56 2.82 3.52
C ILE A 58 0.32 4.07 3.54
N SER A 59 -0.04 5.01 4.40
CA SER A 59 0.67 6.28 4.50
C SER A 59 2.15 6.09 4.85
N GLN A 60 2.45 5.20 5.82
CA GLN A 60 3.80 4.97 6.27
C GLN A 60 4.64 4.38 5.14
N ALA A 61 4.14 3.32 4.54
CA ALA A 61 4.86 2.65 3.45
C ALA A 61 5.05 3.61 2.30
N TYR A 62 4.01 4.36 1.96
CA TYR A 62 4.11 5.35 0.90
C TYR A 62 5.17 6.38 1.22
N GLU A 63 5.25 6.81 2.48
CA GLU A 63 6.20 7.83 2.90
C GLU A 63 7.63 7.47 2.48
N VAL A 64 8.04 6.27 2.79
CA VAL A 64 9.35 5.79 2.43
C VAL A 64 9.42 5.24 0.97
N LEU A 65 8.35 4.59 0.52
CA LEU A 65 8.29 4.01 -0.84
C LEU A 65 8.38 5.08 -1.92
N SER A 66 7.74 6.23 -1.68
CA SER A 66 7.77 7.32 -2.65
C SER A 66 9.15 7.99 -2.71
N ASP A 67 9.94 7.83 -1.66
CA ASP A 67 11.27 8.41 -1.61
C ASP A 67 12.33 7.34 -1.78
N ALA A 68 13.00 7.36 -2.91
CA ALA A 68 14.00 6.36 -3.24
C ALA A 68 15.09 6.25 -2.17
N LYS A 69 15.38 7.34 -1.47
CA LYS A 69 16.43 7.32 -0.47
C LYS A 69 15.96 6.53 0.75
N LYS A 70 14.79 6.89 1.27
CA LYS A 70 14.24 6.24 2.45
C LYS A 70 13.92 4.79 2.17
N ARG A 71 13.43 4.55 0.97
CA ARG A 71 13.14 3.20 0.51
C ARG A 71 14.40 2.35 0.58
N GLU A 72 15.49 2.94 0.16
CA GLU A 72 16.76 2.28 0.12
C GLU A 72 17.32 2.07 1.52
N LEU A 73 17.18 3.08 2.37
CA LEU A 73 17.67 3.00 3.72
C LEU A 73 16.91 1.93 4.49
N TYR A 74 15.59 1.90 4.29
CA TYR A 74 14.75 0.91 4.92
C TYR A 74 15.10 -0.49 4.43
N ASP A 75 15.42 -0.56 3.14
CA ASP A 75 15.80 -1.83 2.49
C ASP A 75 17.04 -2.42 3.17
N LYS A 76 17.91 -1.54 3.63
CA LYS A 76 19.15 -1.95 4.30
C LYS A 76 18.87 -2.37 5.74
N GLY A 77 17.62 -2.23 6.14
CA GLY A 77 17.23 -2.57 7.48
C GLY A 77 17.00 -4.06 7.67
N MET A 1 -20.41 -16.18 -3.40
CA MET A 1 -20.62 -15.36 -4.62
C MET A 1 -20.04 -16.05 -5.85
N GLY A 2 -19.60 -17.30 -5.69
CA GLY A 2 -19.04 -18.03 -6.82
C GLY A 2 -17.66 -17.55 -7.19
N HIS A 3 -16.86 -17.22 -6.20
CA HIS A 3 -15.51 -16.71 -6.42
C HIS A 3 -14.60 -17.07 -5.24
N HIS A 4 -13.40 -17.54 -5.56
CA HIS A 4 -12.42 -17.88 -4.52
C HIS A 4 -11.69 -16.65 -4.03
N HIS A 5 -11.43 -16.61 -2.73
CA HIS A 5 -10.77 -15.47 -2.07
C HIS A 5 -11.72 -14.27 -2.00
N HIS A 6 -12.44 -14.16 -0.89
CA HIS A 6 -13.40 -13.08 -0.70
C HIS A 6 -12.68 -11.76 -0.47
N HIS A 7 -13.10 -10.72 -1.19
CA HIS A 7 -12.48 -9.40 -1.08
C HIS A 7 -12.88 -8.73 0.23
N HIS A 8 -13.91 -9.25 0.88
CA HIS A 8 -14.38 -8.72 2.15
C HIS A 8 -13.52 -9.28 3.29
N SER A 9 -12.69 -10.22 2.97
CA SER A 9 -11.83 -10.86 3.94
C SER A 9 -10.38 -10.66 3.51
N HIS A 10 -9.45 -10.88 4.43
CA HIS A 10 -8.04 -10.72 4.12
C HIS A 10 -7.18 -11.65 4.96
N MET A 11 -6.35 -12.43 4.30
CA MET A 11 -5.47 -13.37 4.98
C MET A 11 -4.11 -12.70 5.19
N VAL A 12 -3.77 -12.46 6.43
CA VAL A 12 -2.52 -11.80 6.74
C VAL A 12 -1.41 -12.83 6.98
N LYS A 13 -0.44 -12.85 6.07
CA LYS A 13 0.68 -13.76 6.18
C LYS A 13 1.95 -13.01 5.85
N GLU A 14 2.47 -12.29 6.85
CA GLU A 14 3.62 -11.42 6.68
C GLU A 14 3.34 -10.36 5.62
N THR A 15 2.54 -9.39 5.99
CA THR A 15 2.20 -8.34 5.12
C THR A 15 3.23 -7.22 5.23
N THR A 16 3.82 -6.91 4.13
CA THR A 16 4.83 -5.90 4.08
C THR A 16 4.28 -4.59 3.55
N TYR A 17 5.11 -3.55 3.57
CA TYR A 17 4.72 -2.21 3.15
C TYR A 17 4.25 -2.22 1.72
N TYR A 18 4.86 -3.08 0.94
CA TYR A 18 4.52 -3.22 -0.43
C TYR A 18 3.15 -3.90 -0.55
N ASP A 19 2.93 -4.90 0.30
CA ASP A 19 1.66 -5.64 0.34
C ASP A 19 0.53 -4.72 0.79
N VAL A 20 0.83 -3.87 1.76
CA VAL A 20 -0.11 -2.87 2.27
C VAL A 20 -0.50 -1.92 1.16
N LEU A 21 0.49 -1.53 0.40
CA LEU A 21 0.31 -0.56 -0.68
C LEU A 21 -0.21 -1.26 -1.93
N GLY A 22 -0.35 -2.58 -1.84
CA GLY A 22 -0.87 -3.35 -2.96
C GLY A 22 0.04 -3.32 -4.15
N VAL A 23 1.32 -3.28 -3.88
CA VAL A 23 2.31 -3.19 -4.92
C VAL A 23 3.32 -4.33 -4.76
N LYS A 24 4.00 -4.68 -5.82
CA LYS A 24 4.96 -5.76 -5.78
C LYS A 24 6.32 -5.27 -5.33
N PRO A 25 7.15 -6.19 -4.82
CA PRO A 25 8.50 -5.87 -4.33
C PRO A 25 9.48 -5.41 -5.43
N ASN A 26 9.02 -5.48 -6.68
CA ASN A 26 9.85 -5.10 -7.82
C ASN A 26 9.25 -3.89 -8.50
N ALA A 27 8.34 -3.23 -7.81
CA ALA A 27 7.66 -2.07 -8.32
C ALA A 27 8.58 -0.86 -8.40
N THR A 28 8.32 -0.02 -9.37
CA THR A 28 9.10 1.18 -9.63
C THR A 28 8.67 2.29 -8.74
N GLN A 29 9.47 3.33 -8.74
CA GLN A 29 9.12 4.54 -8.03
C GLN A 29 7.76 5.04 -8.51
N GLU A 30 7.54 4.90 -9.81
CA GLU A 30 6.31 5.32 -10.43
C GLU A 30 5.17 4.41 -9.98
N GLU A 31 5.46 3.12 -9.93
CA GLU A 31 4.51 2.12 -9.52
C GLU A 31 4.12 2.31 -8.06
N LEU A 32 5.09 2.69 -7.24
CA LEU A 32 4.86 2.95 -5.84
C LEU A 32 3.88 4.11 -5.69
N LYS A 33 4.08 5.15 -6.51
CA LYS A 33 3.20 6.31 -6.54
C LYS A 33 1.80 5.89 -7.01
N LYS A 34 1.77 5.04 -8.03
CA LYS A 34 0.52 4.51 -8.59
C LYS A 34 -0.27 3.71 -7.57
N ALA A 35 0.41 2.89 -6.77
CA ALA A 35 -0.25 2.09 -5.75
C ALA A 35 -0.98 2.99 -4.76
N TYR A 36 -0.27 3.99 -4.24
CA TYR A 36 -0.86 4.93 -3.30
C TYR A 36 -2.01 5.67 -3.95
N ARG A 37 -1.81 6.09 -5.19
CA ARG A 37 -2.84 6.84 -5.92
C ARG A 37 -4.13 6.03 -6.01
N LYS A 38 -4.00 4.76 -6.34
CA LYS A 38 -5.14 3.88 -6.49
C LYS A 38 -5.86 3.68 -5.15
N LEU A 39 -5.10 3.38 -4.11
CA LEU A 39 -5.65 3.13 -2.79
C LEU A 39 -6.26 4.39 -2.20
N ALA A 40 -5.59 5.51 -2.39
CA ALA A 40 -6.03 6.79 -1.84
C ALA A 40 -7.42 7.14 -2.31
N LEU A 41 -7.68 6.88 -3.57
CA LEU A 41 -8.96 7.14 -4.16
C LEU A 41 -10.05 6.25 -3.55
N LYS A 42 -9.72 4.97 -3.37
CA LYS A 42 -10.66 3.99 -2.87
C LYS A 42 -10.90 4.09 -1.34
N TYR A 43 -9.83 4.26 -0.61
CA TYR A 43 -9.89 4.28 0.86
C TYR A 43 -9.75 5.70 1.41
N HIS A 44 -10.36 6.66 0.73
CA HIS A 44 -10.33 8.05 1.16
C HIS A 44 -10.80 8.17 2.63
N PRO A 45 -9.92 8.62 3.54
CA PRO A 45 -10.22 8.72 4.98
C PRO A 45 -11.32 9.74 5.31
N ASP A 46 -11.57 10.66 4.39
CA ASP A 46 -12.60 11.66 4.59
C ASP A 46 -13.95 11.13 4.12
N LYS A 47 -13.92 10.14 3.25
CA LYS A 47 -15.16 9.55 2.73
C LYS A 47 -15.44 8.23 3.46
N ASN A 48 -14.38 7.66 4.03
CA ASN A 48 -14.46 6.46 4.83
C ASN A 48 -13.54 6.58 6.02
N PRO A 49 -14.04 7.16 7.09
CA PRO A 49 -13.29 7.37 8.31
C PRO A 49 -12.90 6.04 8.97
N ASN A 50 -13.70 5.02 8.72
CA ASN A 50 -13.46 3.69 9.29
C ASN A 50 -12.28 3.02 8.60
N GLU A 51 -11.97 3.43 7.39
CA GLU A 51 -10.87 2.84 6.64
C GLU A 51 -9.57 3.62 6.90
N GLY A 52 -9.66 4.66 7.72
CA GLY A 52 -8.49 5.46 8.06
C GLY A 52 -7.45 4.69 8.82
N GLU A 53 -7.90 3.73 9.63
CA GLU A 53 -6.99 2.89 10.40
C GLU A 53 -6.12 2.07 9.45
N LYS A 54 -6.74 1.61 8.37
CA LYS A 54 -6.07 0.91 7.31
C LYS A 54 -5.11 1.83 6.58
N PHE A 55 -5.58 3.06 6.40
CA PHE A 55 -4.85 4.09 5.69
C PHE A 55 -3.55 4.45 6.42
N LYS A 56 -3.53 4.20 7.73
CA LYS A 56 -2.34 4.44 8.52
C LYS A 56 -1.18 3.61 7.96
N GLN A 57 -1.48 2.35 7.64
CA GLN A 57 -0.53 1.45 7.05
C GLN A 57 -0.08 1.96 5.69
N ILE A 58 -1.05 2.41 4.91
CA ILE A 58 -0.78 2.92 3.57
C ILE A 58 0.12 4.14 3.63
N SER A 59 -0.17 5.03 4.57
CA SER A 59 0.60 6.25 4.74
C SER A 59 2.09 5.94 5.00
N GLN A 60 2.34 4.94 5.86
CA GLN A 60 3.69 4.56 6.23
C GLN A 60 4.46 3.99 5.04
N ALA A 61 3.82 3.06 4.33
CA ALA A 61 4.44 2.49 3.13
C ALA A 61 4.73 3.57 2.14
N TYR A 62 3.76 4.43 1.91
CA TYR A 62 3.91 5.53 0.98
C TYR A 62 5.05 6.44 1.41
N GLU A 63 5.16 6.68 2.71
CA GLU A 63 6.19 7.55 3.25
C GLU A 63 7.59 7.17 2.75
N VAL A 64 7.98 5.94 2.96
CA VAL A 64 9.27 5.47 2.50
C VAL A 64 9.26 5.05 1.01
N LEU A 65 8.19 4.42 0.56
CA LEU A 65 8.09 3.94 -0.84
C LEU A 65 8.06 5.09 -1.85
N SER A 66 7.45 6.23 -1.50
CA SER A 66 7.42 7.38 -2.42
C SER A 66 8.79 8.03 -2.53
N ASP A 67 9.67 7.64 -1.63
CA ASP A 67 11.02 8.15 -1.63
C ASP A 67 11.99 7.01 -1.81
N ALA A 68 12.49 6.84 -3.02
CA ALA A 68 13.39 5.74 -3.36
C ALA A 68 14.58 5.67 -2.41
N LYS A 69 14.97 6.80 -1.86
CA LYS A 69 16.07 6.84 -0.93
C LYS A 69 15.70 6.12 0.36
N LYS A 70 14.55 6.47 0.93
CA LYS A 70 14.11 5.88 2.18
C LYS A 70 13.83 4.41 1.99
N ARG A 71 13.27 4.07 0.83
CA ARG A 71 13.02 2.68 0.48
C ARG A 71 14.32 1.90 0.51
N GLU A 72 15.37 2.50 -0.04
CA GLU A 72 16.63 1.85 -0.16
C GLU A 72 17.29 1.73 1.20
N LEU A 73 17.17 2.78 2.01
CA LEU A 73 17.76 2.78 3.32
C LEU A 73 17.12 1.72 4.17
N TYR A 74 15.80 1.59 4.05
CA TYR A 74 15.07 0.60 4.80
C TYR A 74 15.55 -0.79 4.41
N ASP A 75 15.74 -0.99 3.11
CA ASP A 75 16.29 -2.24 2.60
C ASP A 75 17.71 -2.50 3.11
N LYS A 76 18.50 -1.44 3.23
CA LYS A 76 19.89 -1.57 3.70
C LYS A 76 19.96 -1.90 5.19
N GLY A 77 19.21 -1.19 5.99
CA GLY A 77 19.24 -1.39 7.41
C GLY A 77 18.52 -0.29 8.16
N MET A 1 -22.98 1.02 -1.14
CA MET A 1 -23.67 1.10 -2.45
C MET A 1 -22.96 0.25 -3.48
N GLY A 2 -23.73 -0.47 -4.27
CA GLY A 2 -23.15 -1.33 -5.28
C GLY A 2 -22.69 -2.65 -4.71
N HIS A 3 -21.79 -3.32 -5.42
CA HIS A 3 -21.22 -4.61 -4.99
C HIS A 3 -22.28 -5.71 -4.95
N HIS A 4 -22.40 -6.43 -6.06
CA HIS A 4 -23.36 -7.53 -6.17
C HIS A 4 -23.01 -8.66 -5.22
N HIS A 5 -21.75 -9.02 -5.20
CA HIS A 5 -21.27 -10.08 -4.32
C HIS A 5 -20.70 -9.48 -3.06
N HIS A 6 -21.00 -10.07 -1.93
CA HIS A 6 -20.56 -9.52 -0.66
C HIS A 6 -19.57 -10.46 0.01
N HIS A 7 -18.30 -10.09 -0.03
CA HIS A 7 -17.25 -10.86 0.61
C HIS A 7 -16.38 -9.93 1.44
N HIS A 8 -16.34 -10.17 2.72
CA HIS A 8 -15.55 -9.35 3.60
C HIS A 8 -14.46 -10.19 4.24
N SER A 9 -13.33 -10.27 3.60
CA SER A 9 -12.22 -11.03 4.11
C SER A 9 -10.90 -10.39 3.72
N HIS A 10 -9.93 -10.48 4.62
CA HIS A 10 -8.59 -9.97 4.36
C HIS A 10 -7.62 -10.59 5.35
N MET A 11 -7.05 -11.70 4.96
CA MET A 11 -6.09 -12.41 5.80
C MET A 11 -4.74 -11.74 5.69
N VAL A 12 -4.13 -11.45 6.81
CA VAL A 12 -2.83 -10.83 6.80
C VAL A 12 -1.72 -11.88 6.83
N LYS A 13 -1.07 -12.03 5.69
CA LYS A 13 -0.02 -13.00 5.55
C LYS A 13 1.27 -12.30 5.16
N GLU A 14 2.13 -12.07 6.15
CA GLU A 14 3.39 -11.38 5.94
C GLU A 14 3.17 -10.04 5.25
N THR A 15 2.53 -9.13 5.96
CA THR A 15 2.24 -7.86 5.42
C THR A 15 3.38 -6.90 5.65
N THR A 16 4.05 -6.63 4.58
CA THR A 16 5.12 -5.67 4.58
C THR A 16 4.61 -4.35 4.04
N TYR A 17 5.47 -3.36 4.01
CA TYR A 17 5.09 -2.04 3.50
C TYR A 17 4.65 -2.13 2.05
N TYR A 18 5.25 -3.05 1.33
CA TYR A 18 4.89 -3.29 -0.04
C TYR A 18 3.51 -3.95 -0.11
N ASP A 19 3.25 -4.85 0.84
CA ASP A 19 1.96 -5.54 0.95
C ASP A 19 0.84 -4.56 1.29
N VAL A 20 1.18 -3.59 2.13
CA VAL A 20 0.25 -2.53 2.54
C VAL A 20 -0.22 -1.75 1.32
N LEU A 21 0.72 -1.46 0.43
CA LEU A 21 0.42 -0.73 -0.81
C LEU A 21 -0.07 -1.68 -1.88
N GLY A 22 -0.02 -2.97 -1.59
CA GLY A 22 -0.46 -3.96 -2.54
C GLY A 22 0.36 -3.93 -3.81
N VAL A 23 1.64 -3.64 -3.67
CA VAL A 23 2.50 -3.47 -4.81
C VAL A 23 3.61 -4.54 -4.79
N LYS A 24 4.23 -4.75 -5.92
CA LYS A 24 5.25 -5.74 -6.05
C LYS A 24 6.62 -5.19 -5.64
N PRO A 25 7.55 -6.07 -5.27
CA PRO A 25 8.90 -5.69 -4.86
C PRO A 25 9.73 -5.10 -6.01
N ASN A 26 9.25 -5.25 -7.24
CA ASN A 26 9.98 -4.78 -8.39
C ASN A 26 9.33 -3.54 -8.93
N ALA A 27 8.36 -3.03 -8.18
CA ALA A 27 7.65 -1.84 -8.56
C ALA A 27 8.56 -0.63 -8.47
N THR A 28 8.29 0.34 -9.32
CA THR A 28 9.06 1.54 -9.37
C THR A 28 8.60 2.53 -8.35
N GLN A 29 9.40 3.55 -8.16
CA GLN A 29 9.04 4.65 -7.29
C GLN A 29 7.70 5.23 -7.75
N GLU A 30 7.52 5.25 -9.06
CA GLU A 30 6.31 5.75 -9.67
C GLU A 30 5.15 4.77 -9.42
N GLU A 31 5.46 3.48 -9.54
CA GLU A 31 4.50 2.44 -9.34
C GLU A 31 4.03 2.41 -7.89
N LEU A 32 4.94 2.71 -6.99
CA LEU A 32 4.62 2.80 -5.59
C LEU A 32 3.58 3.89 -5.37
N LYS A 33 3.76 5.01 -6.04
CA LYS A 33 2.79 6.10 -5.98
C LYS A 33 1.46 5.69 -6.59
N LYS A 34 1.53 4.98 -7.70
CA LYS A 34 0.32 4.54 -8.40
C LYS A 34 -0.54 3.63 -7.53
N ALA A 35 0.12 2.71 -6.81
CA ALA A 35 -0.59 1.83 -5.87
C ALA A 35 -1.27 2.67 -4.82
N TYR A 36 -0.53 3.67 -4.33
CA TYR A 36 -1.05 4.59 -3.33
C TYR A 36 -2.28 5.31 -3.84
N ARG A 37 -2.21 5.77 -5.08
CA ARG A 37 -3.31 6.52 -5.69
C ARG A 37 -4.58 5.68 -5.72
N LYS A 38 -4.46 4.42 -6.12
CA LYS A 38 -5.61 3.53 -6.21
C LYS A 38 -6.20 3.26 -4.81
N LEU A 39 -5.33 2.96 -3.85
CA LEU A 39 -5.75 2.68 -2.49
C LEU A 39 -6.36 3.89 -1.86
N ALA A 40 -5.74 5.03 -2.12
CA ALA A 40 -6.19 6.31 -1.58
C ALA A 40 -7.61 6.63 -2.00
N LEU A 41 -7.97 6.23 -3.20
CA LEU A 41 -9.29 6.45 -3.69
C LEU A 41 -10.32 5.66 -2.88
N LYS A 42 -10.01 4.40 -2.59
CA LYS A 42 -10.89 3.56 -1.85
C LYS A 42 -10.84 3.85 -0.34
N TYR A 43 -9.64 3.99 0.18
CA TYR A 43 -9.42 4.17 1.63
C TYR A 43 -9.32 5.65 2.00
N HIS A 44 -9.84 6.51 1.14
CA HIS A 44 -9.83 7.96 1.37
C HIS A 44 -10.42 8.28 2.76
N PRO A 45 -9.58 8.74 3.71
CA PRO A 45 -10.02 9.02 5.09
C PRO A 45 -11.04 10.16 5.14
N ASP A 46 -11.02 11.01 4.13
CA ASP A 46 -11.97 12.12 4.03
C ASP A 46 -13.32 11.64 3.51
N LYS A 47 -13.33 10.43 2.94
CA LYS A 47 -14.54 9.86 2.39
C LYS A 47 -15.04 8.75 3.29
N ASN A 48 -14.12 7.90 3.70
CA ASN A 48 -14.43 6.80 4.58
C ASN A 48 -13.53 6.83 5.79
N PRO A 49 -14.03 7.35 6.89
CA PRO A 49 -13.32 7.41 8.13
C PRO A 49 -12.99 6.00 8.65
N ASN A 50 -13.78 5.03 8.21
CA ASN A 50 -13.57 3.64 8.59
C ASN A 50 -12.40 3.01 7.83
N GLU A 51 -12.01 3.64 6.73
CA GLU A 51 -10.90 3.11 5.94
C GLU A 51 -9.56 3.75 6.32
N GLY A 52 -9.63 4.83 7.11
CA GLY A 52 -8.43 5.54 7.50
C GLY A 52 -7.54 4.74 8.44
N GLU A 53 -8.13 3.75 9.11
CA GLU A 53 -7.37 2.91 10.03
C GLU A 53 -6.26 2.18 9.29
N LYS A 54 -6.64 1.54 8.20
CA LYS A 54 -5.71 0.84 7.36
C LYS A 54 -4.80 1.83 6.65
N PHE A 55 -5.37 2.98 6.30
CA PHE A 55 -4.67 4.02 5.57
C PHE A 55 -3.45 4.55 6.34
N LYS A 56 -3.47 4.41 7.66
CA LYS A 56 -2.32 4.82 8.46
C LYS A 56 -1.09 4.03 8.04
N GLN A 57 -1.28 2.73 7.79
CA GLN A 57 -0.24 1.86 7.31
C GLN A 57 0.21 2.32 5.93
N ILE A 58 -0.75 2.63 5.09
CA ILE A 58 -0.49 3.04 3.73
C ILE A 58 0.32 4.33 3.68
N SER A 59 -0.06 5.29 4.52
CA SER A 59 0.62 6.57 4.55
C SER A 59 2.10 6.41 4.91
N GLN A 60 2.41 5.57 5.92
CA GLN A 60 3.77 5.35 6.36
C GLN A 60 4.60 4.70 5.27
N ALA A 61 4.10 3.61 4.75
CA ALA A 61 4.80 2.89 3.70
C ALA A 61 4.95 3.76 2.47
N TYR A 62 3.90 4.51 2.11
CA TYR A 62 3.99 5.46 1.02
C TYR A 62 5.09 6.49 1.28
N GLU A 63 5.21 6.93 2.53
CA GLU A 63 6.20 7.92 2.91
C GLU A 63 7.60 7.53 2.44
N VAL A 64 7.99 6.31 2.76
CA VAL A 64 9.27 5.79 2.35
C VAL A 64 9.27 5.26 0.89
N LEU A 65 8.20 4.58 0.49
CA LEU A 65 8.08 4.01 -0.87
C LEU A 65 8.03 5.09 -1.96
N SER A 66 7.48 6.25 -1.62
CA SER A 66 7.39 7.37 -2.57
C SER A 66 8.78 7.95 -2.88
N ASP A 67 9.78 7.58 -2.08
CA ASP A 67 11.14 8.05 -2.28
C ASP A 67 12.09 6.88 -2.30
N ALA A 68 12.70 6.66 -3.45
CA ALA A 68 13.62 5.54 -3.65
C ALA A 68 14.69 5.48 -2.56
N LYS A 69 15.12 6.64 -2.10
CA LYS A 69 16.15 6.73 -1.09
C LYS A 69 15.68 6.16 0.25
N LYS A 70 14.50 6.59 0.71
CA LYS A 70 13.96 6.08 1.95
C LYS A 70 13.63 4.61 1.82
N ARG A 71 13.14 4.25 0.64
CA ARG A 71 12.81 2.87 0.30
C ARG A 71 14.02 1.96 0.42
N GLU A 72 15.15 2.42 -0.09
CA GLU A 72 16.32 1.62 -0.13
C GLU A 72 16.87 1.41 1.26
N LEU A 73 16.76 2.43 2.10
CA LEU A 73 17.22 2.34 3.44
C LEU A 73 16.37 1.33 4.19
N TYR A 74 15.08 1.30 3.85
CA TYR A 74 14.15 0.34 4.43
C TYR A 74 14.56 -1.08 4.12
N ASP A 75 14.82 -1.34 2.86
CA ASP A 75 15.24 -2.68 2.44
C ASP A 75 16.55 -3.10 3.09
N LYS A 76 17.47 -2.15 3.23
CA LYS A 76 18.79 -2.42 3.82
C LYS A 76 18.71 -2.60 5.32
N GLY A 77 17.98 -1.71 5.97
CA GLY A 77 17.87 -1.76 7.40
C GLY A 77 16.59 -2.40 7.87
N MET A 1 -26.75 -13.56 -15.41
CA MET A 1 -25.51 -13.53 -16.22
C MET A 1 -24.27 -13.40 -15.33
N GLY A 2 -23.46 -14.44 -15.30
CA GLY A 2 -22.22 -14.39 -14.53
C GLY A 2 -22.44 -14.67 -13.06
N HIS A 3 -22.69 -15.94 -12.72
CA HIS A 3 -22.87 -16.33 -11.33
C HIS A 3 -21.55 -16.70 -10.68
N HIS A 4 -20.52 -16.92 -11.49
CA HIS A 4 -19.22 -17.29 -10.98
C HIS A 4 -18.29 -16.08 -10.89
N HIS A 5 -17.81 -15.80 -9.71
CA HIS A 5 -16.93 -14.68 -9.48
C HIS A 5 -15.60 -15.21 -8.94
N HIS A 6 -14.50 -14.51 -9.22
CA HIS A 6 -13.21 -14.92 -8.72
C HIS A 6 -12.89 -14.19 -7.43
N HIS A 7 -13.20 -14.83 -6.31
CA HIS A 7 -13.00 -14.23 -5.01
C HIS A 7 -11.99 -15.05 -4.20
N HIS A 8 -11.23 -14.39 -3.36
CA HIS A 8 -10.26 -15.05 -2.53
C HIS A 8 -10.21 -14.40 -1.17
N SER A 9 -10.03 -15.20 -0.14
CA SER A 9 -9.97 -14.69 1.21
C SER A 9 -8.55 -14.29 1.57
N HIS A 10 -8.30 -12.98 1.63
CA HIS A 10 -6.99 -12.47 1.97
C HIS A 10 -6.69 -12.68 3.44
N MET A 11 -5.76 -13.56 3.72
CA MET A 11 -5.35 -13.86 5.08
C MET A 11 -4.13 -13.02 5.43
N VAL A 12 -3.89 -12.83 6.72
CA VAL A 12 -2.74 -12.07 7.15
C VAL A 12 -1.52 -12.96 7.22
N LYS A 13 -0.70 -12.91 6.18
CA LYS A 13 0.47 -13.76 6.08
C LYS A 13 1.65 -12.96 5.56
N GLU A 14 2.53 -12.57 6.48
CA GLU A 14 3.71 -11.80 6.13
C GLU A 14 3.31 -10.51 5.39
N THR A 15 2.45 -9.73 6.00
CA THR A 15 2.03 -8.53 5.39
C THR A 15 3.02 -7.41 5.64
N THR A 16 3.70 -7.03 4.61
CA THR A 16 4.68 -5.98 4.70
C THR A 16 4.18 -4.72 4.03
N TYR A 17 5.02 -3.70 4.00
CA TYR A 17 4.67 -2.41 3.41
C TYR A 17 4.32 -2.56 1.95
N TYR A 18 4.97 -3.51 1.30
CA TYR A 18 4.70 -3.78 -0.08
C TYR A 18 3.31 -4.39 -0.21
N ASP A 19 2.96 -5.24 0.75
CA ASP A 19 1.64 -5.89 0.79
C ASP A 19 0.56 -4.86 1.12
N VAL A 20 0.84 -4.00 2.10
CA VAL A 20 -0.08 -2.96 2.53
C VAL A 20 -0.37 -1.99 1.38
N LEU A 21 0.68 -1.65 0.68
CA LEU A 21 0.59 -0.70 -0.42
C LEU A 21 0.14 -1.42 -1.69
N GLY A 22 0.05 -2.75 -1.61
CA GLY A 22 -0.41 -3.54 -2.73
C GLY A 22 0.45 -3.37 -3.96
N VAL A 23 1.75 -3.33 -3.75
CA VAL A 23 2.67 -3.09 -4.82
C VAL A 23 3.66 -4.23 -4.94
N LYS A 24 4.42 -4.24 -6.01
CA LYS A 24 5.37 -5.29 -6.26
C LYS A 24 6.69 -4.99 -5.55
N PRO A 25 7.46 -6.02 -5.23
CA PRO A 25 8.75 -5.87 -4.55
C PRO A 25 9.77 -5.14 -5.42
N ASN A 26 9.51 -5.11 -6.71
CA ASN A 26 10.41 -4.48 -7.67
C ASN A 26 9.73 -3.32 -8.35
N ALA A 27 8.65 -2.86 -7.75
CA ALA A 27 7.90 -1.75 -8.27
C ALA A 27 8.72 -0.49 -8.27
N THR A 28 8.47 0.35 -9.24
CA THR A 28 9.22 1.57 -9.39
C THR A 28 8.74 2.62 -8.47
N GLN A 29 9.53 3.66 -8.36
CA GLN A 29 9.17 4.81 -7.58
C GLN A 29 7.83 5.36 -8.10
N GLU A 30 7.62 5.21 -9.40
CA GLU A 30 6.39 5.61 -10.03
C GLU A 30 5.26 4.69 -9.59
N GLU A 31 5.54 3.39 -9.60
CA GLU A 31 4.59 2.39 -9.23
C GLU A 31 4.22 2.49 -7.75
N LEU A 32 5.19 2.82 -6.93
CA LEU A 32 4.97 2.98 -5.50
C LEU A 32 3.98 4.13 -5.24
N LYS A 33 4.19 5.25 -5.93
CA LYS A 33 3.30 6.40 -5.85
C LYS A 33 1.92 6.03 -6.41
N LYS A 34 1.93 5.27 -7.50
CA LYS A 34 0.71 4.82 -8.17
C LYS A 34 -0.15 3.95 -7.25
N ALA A 35 0.49 3.05 -6.53
CA ALA A 35 -0.21 2.16 -5.59
C ALA A 35 -0.95 2.99 -4.56
N TYR A 36 -0.27 3.97 -4.01
CA TYR A 36 -0.86 4.85 -3.02
C TYR A 36 -2.06 5.56 -3.57
N ARG A 37 -1.94 6.08 -4.78
CA ARG A 37 -3.03 6.80 -5.42
C ARG A 37 -4.27 5.91 -5.58
N LYS A 38 -4.06 4.68 -6.02
CA LYS A 38 -5.17 3.75 -6.23
C LYS A 38 -5.88 3.41 -4.91
N LEU A 39 -5.07 3.14 -3.89
CA LEU A 39 -5.60 2.79 -2.56
C LEU A 39 -6.33 3.96 -1.96
N ALA A 40 -5.77 5.15 -2.17
CA ALA A 40 -6.36 6.38 -1.66
C ALA A 40 -7.77 6.57 -2.18
N LEU A 41 -7.99 6.17 -3.40
CA LEU A 41 -9.30 6.26 -4.01
C LEU A 41 -10.29 5.34 -3.28
N LYS A 42 -9.85 4.11 -2.98
CA LYS A 42 -10.70 3.13 -2.33
C LYS A 42 -10.88 3.40 -0.82
N TYR A 43 -9.78 3.68 -0.13
CA TYR A 43 -9.81 3.89 1.32
C TYR A 43 -9.79 5.36 1.69
N HIS A 44 -10.29 6.21 0.77
CA HIS A 44 -10.36 7.65 0.99
C HIS A 44 -10.90 7.99 2.38
N PRO A 45 -10.01 8.45 3.29
CA PRO A 45 -10.39 8.79 4.67
C PRO A 45 -11.31 9.99 4.71
N ASP A 46 -11.30 10.74 3.63
CA ASP A 46 -12.13 11.93 3.49
C ASP A 46 -13.60 11.54 3.50
N LYS A 47 -13.91 10.38 2.92
CA LYS A 47 -15.27 9.90 2.89
C LYS A 47 -15.45 8.73 3.85
N ASN A 48 -14.40 7.95 4.04
CA ASN A 48 -14.43 6.80 4.93
C ASN A 48 -13.39 6.95 6.02
N PRO A 49 -13.74 7.63 7.09
CA PRO A 49 -12.87 7.84 8.23
C PRO A 49 -12.55 6.52 8.93
N ASN A 50 -13.47 5.57 8.78
CA ASN A 50 -13.30 4.26 9.37
C ASN A 50 -12.38 3.38 8.51
N GLU A 51 -12.20 3.75 7.24
CA GLU A 51 -11.25 3.03 6.37
C GLU A 51 -9.86 3.65 6.45
N GLY A 52 -9.78 4.82 7.10
CA GLY A 52 -8.51 5.50 7.29
C GLY A 52 -7.57 4.71 8.18
N GLU A 53 -8.14 3.79 8.96
CA GLU A 53 -7.36 2.95 9.85
C GLU A 53 -6.32 2.16 9.07
N LYS A 54 -6.76 1.49 8.00
CA LYS A 54 -5.86 0.79 7.12
C LYS A 54 -4.96 1.76 6.37
N PHE A 55 -5.49 2.94 6.12
CA PHE A 55 -4.77 3.97 5.40
C PHE A 55 -3.54 4.46 6.18
N LYS A 56 -3.59 4.30 7.50
CA LYS A 56 -2.45 4.66 8.34
C LYS A 56 -1.23 3.83 7.92
N GLN A 57 -1.48 2.54 7.67
CA GLN A 57 -0.48 1.62 7.20
C GLN A 57 0.00 2.02 5.81
N ILE A 58 -0.95 2.40 4.97
CA ILE A 58 -0.67 2.78 3.60
C ILE A 58 0.21 4.02 3.56
N SER A 59 -0.11 4.97 4.41
CA SER A 59 0.62 6.21 4.49
C SER A 59 2.09 5.97 4.86
N GLN A 60 2.34 5.02 5.77
CA GLN A 60 3.68 4.68 6.20
C GLN A 60 4.50 4.15 5.03
N ALA A 61 3.95 3.14 4.37
CA ALA A 61 4.61 2.54 3.21
C ALA A 61 4.86 3.59 2.18
N TYR A 62 3.87 4.42 1.92
CA TYR A 62 4.00 5.48 0.95
C TYR A 62 5.11 6.45 1.32
N GLU A 63 5.20 6.82 2.59
CA GLU A 63 6.18 7.82 3.03
C GLU A 63 7.60 7.45 2.61
N VAL A 64 7.99 6.22 2.87
CA VAL A 64 9.31 5.75 2.50
C VAL A 64 9.37 5.22 1.04
N LEU A 65 8.35 4.49 0.62
CA LEU A 65 8.31 3.89 -0.73
C LEU A 65 8.28 4.93 -1.84
N SER A 66 7.58 6.04 -1.62
CA SER A 66 7.48 7.07 -2.64
C SER A 66 8.84 7.73 -2.89
N ASP A 67 9.70 7.67 -1.90
CA ASP A 67 11.04 8.20 -2.00
C ASP A 67 12.01 7.05 -2.14
N ALA A 68 12.57 6.91 -3.33
CA ALA A 68 13.49 5.81 -3.62
C ALA A 68 14.67 5.77 -2.65
N LYS A 69 15.01 6.92 -2.08
CA LYS A 69 16.12 7.00 -1.14
C LYS A 69 15.73 6.41 0.21
N LYS A 70 14.55 6.79 0.72
CA LYS A 70 14.08 6.27 1.98
C LYS A 70 13.83 4.78 1.87
N ARG A 71 13.27 4.40 0.73
CA ARG A 71 13.04 3.00 0.42
C ARG A 71 14.34 2.23 0.46
N GLU A 72 15.38 2.86 -0.04
CA GLU A 72 16.67 2.24 -0.14
C GLU A 72 17.21 1.92 1.22
N LEU A 73 17.00 2.84 2.15
CA LEU A 73 17.47 2.67 3.48
C LEU A 73 16.75 1.51 4.15
N TYR A 74 15.44 1.46 3.96
CA TYR A 74 14.61 0.39 4.51
C TYR A 74 14.98 -0.95 3.90
N ASP A 75 15.05 -0.98 2.59
CA ASP A 75 15.35 -2.19 1.83
C ASP A 75 16.73 -2.72 2.19
N LYS A 76 17.66 -1.80 2.40
CA LYS A 76 19.01 -2.16 2.77
C LYS A 76 19.07 -2.73 4.17
N GLY A 77 18.39 -2.08 5.09
CA GLY A 77 18.36 -2.55 6.45
C GLY A 77 18.54 -1.42 7.44
N MET A 1 -12.83 -23.35 -6.87
CA MET A 1 -14.22 -22.90 -7.07
C MET A 1 -14.87 -22.57 -5.73
N GLY A 2 -16.06 -22.01 -5.78
CA GLY A 2 -16.75 -21.66 -4.57
C GLY A 2 -17.89 -20.71 -4.87
N HIS A 3 -18.40 -20.07 -3.84
CA HIS A 3 -19.49 -19.12 -4.00
C HIS A 3 -18.95 -17.71 -4.17
N HIS A 4 -17.67 -17.54 -3.88
CA HIS A 4 -17.03 -16.22 -3.98
C HIS A 4 -15.54 -16.38 -4.24
N HIS A 5 -14.98 -15.44 -4.99
CA HIS A 5 -13.55 -15.44 -5.27
C HIS A 5 -12.76 -15.03 -4.04
N HIS A 6 -13.23 -13.98 -3.38
CA HIS A 6 -12.57 -13.46 -2.19
C HIS A 6 -13.62 -13.09 -1.15
N HIS A 7 -13.31 -13.33 0.12
CA HIS A 7 -14.22 -13.03 1.20
C HIS A 7 -14.17 -11.52 1.51
N HIS A 8 -15.27 -10.97 2.04
CA HIS A 8 -15.31 -9.55 2.35
C HIS A 8 -14.32 -9.19 3.45
N SER A 9 -14.12 -10.11 4.39
CA SER A 9 -13.12 -9.91 5.40
C SER A 9 -11.74 -10.09 4.79
N HIS A 10 -10.82 -9.20 5.08
CA HIS A 10 -9.50 -9.28 4.51
C HIS A 10 -8.53 -9.82 5.53
N MET A 11 -8.14 -11.07 5.35
CA MET A 11 -7.19 -11.70 6.24
C MET A 11 -5.81 -11.14 5.97
N VAL A 12 -5.19 -10.62 7.01
CA VAL A 12 -3.86 -10.06 6.87
C VAL A 12 -2.82 -11.17 6.95
N LYS A 13 -2.17 -11.43 5.84
CA LYS A 13 -1.22 -12.50 5.75
C LYS A 13 0.10 -11.97 5.24
N GLU A 14 1.06 -11.83 6.15
CA GLU A 14 2.38 -11.32 5.80
C GLU A 14 2.26 -9.96 5.11
N THR A 15 1.50 -9.08 5.68
CA THR A 15 1.31 -7.82 5.10
C THR A 15 2.45 -6.89 5.45
N THR A 16 3.26 -6.65 4.48
CA THR A 16 4.36 -5.75 4.60
C THR A 16 4.00 -4.40 4.01
N TYR A 17 4.96 -3.49 4.01
CA TYR A 17 4.74 -2.14 3.51
C TYR A 17 4.34 -2.18 2.04
N TYR A 18 4.92 -3.11 1.32
CA TYR A 18 4.61 -3.29 -0.06
C TYR A 18 3.22 -3.90 -0.21
N ASP A 19 2.88 -4.82 0.71
CA ASP A 19 1.56 -5.47 0.71
C ASP A 19 0.47 -4.45 1.03
N VAL A 20 0.79 -3.51 1.94
CA VAL A 20 -0.10 -2.42 2.31
C VAL A 20 -0.40 -1.57 1.10
N LEU A 21 0.62 -1.32 0.31
CA LEU A 21 0.49 -0.53 -0.92
C LEU A 21 -0.01 -1.41 -2.04
N GLY A 22 -0.07 -2.71 -1.79
CA GLY A 22 -0.53 -3.65 -2.77
C GLY A 22 0.32 -3.62 -4.01
N VAL A 23 1.61 -3.50 -3.83
CA VAL A 23 2.52 -3.38 -4.94
C VAL A 23 3.58 -4.46 -4.85
N LYS A 24 4.19 -4.77 -5.96
CA LYS A 24 5.20 -5.81 -6.01
C LYS A 24 6.56 -5.23 -5.60
N PRO A 25 7.47 -6.09 -5.15
CA PRO A 25 8.81 -5.69 -4.70
C PRO A 25 9.69 -5.16 -5.84
N ASN A 26 9.22 -5.30 -7.07
CA ASN A 26 9.98 -4.88 -8.22
C ASN A 26 9.34 -3.66 -8.83
N ALA A 27 8.39 -3.09 -8.10
CA ALA A 27 7.68 -1.93 -8.54
C ALA A 27 8.58 -0.72 -8.64
N THR A 28 8.26 0.13 -9.57
CA THR A 28 9.01 1.33 -9.81
C THR A 28 8.57 2.42 -8.91
N GLN A 29 9.38 3.44 -8.83
CA GLN A 29 9.03 4.63 -8.11
C GLN A 29 7.70 5.18 -8.63
N GLU A 30 7.50 5.05 -9.92
CA GLU A 30 6.27 5.48 -10.55
C GLU A 30 5.13 4.59 -10.07
N GLU A 31 5.39 3.28 -10.05
CA GLU A 31 4.42 2.27 -9.64
C GLU A 31 4.05 2.42 -8.18
N LEU A 32 5.02 2.79 -7.36
CA LEU A 32 4.78 3.01 -5.94
C LEU A 32 3.75 4.11 -5.75
N LYS A 33 3.90 5.18 -6.52
CA LYS A 33 2.96 6.30 -6.48
C LYS A 33 1.59 5.86 -6.97
N LYS A 34 1.58 5.05 -8.03
CA LYS A 34 0.34 4.57 -8.62
C LYS A 34 -0.44 3.71 -7.63
N ALA A 35 0.27 2.85 -6.90
CA ALA A 35 -0.34 1.99 -5.89
C ALA A 35 -1.03 2.84 -4.84
N TYR A 36 -0.32 3.86 -4.36
CA TYR A 36 -0.86 4.76 -3.36
C TYR A 36 -2.11 5.44 -3.86
N ARG A 37 -2.06 5.93 -5.09
CA ARG A 37 -3.19 6.65 -5.67
C ARG A 37 -4.43 5.76 -5.69
N LYS A 38 -4.24 4.51 -6.10
CA LYS A 38 -5.34 3.55 -6.20
C LYS A 38 -5.98 3.32 -4.83
N LEU A 39 -5.15 3.06 -3.85
CA LEU A 39 -5.61 2.78 -2.49
C LEU A 39 -6.24 4.00 -1.88
N ALA A 40 -5.61 5.14 -2.10
CA ALA A 40 -6.07 6.41 -1.54
C ALA A 40 -7.49 6.74 -1.96
N LEU A 41 -7.78 6.48 -3.21
CA LEU A 41 -9.10 6.72 -3.74
C LEU A 41 -10.15 5.83 -3.08
N LYS A 42 -9.81 4.56 -2.89
CA LYS A 42 -10.72 3.59 -2.31
C LYS A 42 -10.83 3.70 -0.78
N TYR A 43 -9.70 3.81 -0.10
CA TYR A 43 -9.66 3.85 1.37
C TYR A 43 -9.58 5.28 1.88
N HIS A 44 -10.08 6.22 1.10
CA HIS A 44 -10.09 7.64 1.46
C HIS A 44 -10.67 7.81 2.88
N PRO A 45 -9.89 8.38 3.82
CA PRO A 45 -10.30 8.53 5.23
C PRO A 45 -11.57 9.36 5.41
N ASP A 46 -11.82 10.27 4.48
CA ASP A 46 -13.01 11.10 4.53
C ASP A 46 -14.24 10.34 4.03
N LYS A 47 -13.99 9.23 3.35
CA LYS A 47 -15.08 8.44 2.79
C LYS A 47 -15.28 7.17 3.60
N ASN A 48 -14.19 6.63 4.12
CA ASN A 48 -14.21 5.48 5.02
C ASN A 48 -13.34 5.77 6.23
N PRO A 49 -13.93 6.42 7.22
CA PRO A 49 -13.24 6.82 8.43
C PRO A 49 -12.71 5.63 9.21
N ASN A 50 -13.46 4.54 9.15
CA ASN A 50 -13.10 3.32 9.83
C ASN A 50 -11.87 2.69 9.21
N GLU A 51 -11.72 2.85 7.89
CA GLU A 51 -10.59 2.28 7.18
C GLU A 51 -9.42 3.27 7.13
N GLY A 52 -9.59 4.41 7.78
CA GLY A 52 -8.55 5.42 7.79
C GLY A 52 -7.30 4.96 8.52
N GLU A 53 -7.46 4.04 9.47
CA GLU A 53 -6.32 3.50 10.18
C GLU A 53 -5.44 2.70 9.22
N LYS A 54 -6.10 2.04 8.29
CA LYS A 54 -5.45 1.31 7.24
C LYS A 54 -4.73 2.27 6.30
N PHE A 55 -5.34 3.43 6.12
CA PHE A 55 -4.77 4.49 5.29
C PHE A 55 -3.47 4.98 5.89
N LYS A 56 -3.41 5.04 7.21
CA LYS A 56 -2.22 5.49 7.92
C LYS A 56 -1.04 4.60 7.55
N GLN A 57 -1.31 3.30 7.44
CA GLN A 57 -0.32 2.34 7.02
C GLN A 57 0.18 2.69 5.64
N ILE A 58 -0.76 2.96 4.76
CA ILE A 58 -0.48 3.23 3.38
C ILE A 58 0.34 4.51 3.22
N SER A 59 -0.07 5.57 3.93
CA SER A 59 0.59 6.85 3.81
C SER A 59 2.06 6.78 4.26
N GLN A 60 2.32 6.12 5.40
CA GLN A 60 3.66 6.02 5.93
C GLN A 60 4.58 5.22 5.03
N ALA A 61 4.11 4.05 4.62
CA ALA A 61 4.89 3.20 3.74
C ALA A 61 5.12 3.92 2.43
N TYR A 62 4.11 4.64 1.96
CA TYR A 62 4.24 5.42 0.76
C TYR A 62 5.35 6.47 0.89
N GLU A 63 5.44 7.11 2.06
CA GLU A 63 6.46 8.13 2.31
C GLU A 63 7.85 7.61 2.00
N VAL A 64 8.15 6.45 2.53
CA VAL A 64 9.43 5.82 2.30
C VAL A 64 9.51 5.14 0.91
N LEU A 65 8.42 4.53 0.46
CA LEU A 65 8.39 3.85 -0.86
C LEU A 65 8.60 4.83 -2.02
N SER A 66 7.96 5.99 -1.94
CA SER A 66 8.08 7.00 -2.99
C SER A 66 9.40 7.76 -2.89
N ASP A 67 10.15 7.48 -1.84
CA ASP A 67 11.45 8.08 -1.66
C ASP A 67 12.51 7.01 -1.78
N ALA A 68 13.17 6.96 -2.92
CA ALA A 68 14.17 5.92 -3.20
C ALA A 68 15.23 5.85 -2.10
N LYS A 69 15.55 6.97 -1.49
CA LYS A 69 16.56 6.99 -0.47
C LYS A 69 16.06 6.29 0.79
N LYS A 70 14.89 6.69 1.28
CA LYS A 70 14.31 6.11 2.48
C LYS A 70 13.97 4.65 2.25
N ARG A 71 13.47 4.37 1.04
CA ARG A 71 13.11 3.01 0.63
C ARG A 71 14.31 2.09 0.73
N GLU A 72 15.46 2.58 0.29
CA GLU A 72 16.65 1.80 0.23
C GLU A 72 17.17 1.51 1.62
N LEU A 73 17.12 2.51 2.49
CA LEU A 73 17.59 2.35 3.83
C LEU A 73 16.73 1.35 4.56
N TYR A 74 15.42 1.46 4.36
CA TYR A 74 14.47 0.56 4.97
C TYR A 74 14.63 -0.88 4.49
N ASP A 75 14.76 -1.06 3.18
CA ASP A 75 14.94 -2.39 2.62
C ASP A 75 16.25 -3.01 3.07
N LYS A 76 17.27 -2.17 3.23
CA LYS A 76 18.59 -2.63 3.69
C LYS A 76 18.51 -3.16 5.12
N GLY A 77 17.83 -2.42 5.96
CA GLY A 77 17.69 -2.80 7.33
C GLY A 77 18.22 -1.75 8.28
N MET A 1 -4.60 -0.07 -24.29
CA MET A 1 -5.76 -0.71 -24.96
C MET A 1 -6.46 -1.65 -24.01
N GLY A 2 -7.76 -1.69 -24.08
CA GLY A 2 -8.54 -2.58 -23.25
C GLY A 2 -8.52 -2.17 -21.79
N HIS A 3 -8.86 -3.11 -20.93
CA HIS A 3 -8.89 -2.87 -19.50
C HIS A 3 -8.00 -3.86 -18.80
N HIS A 4 -7.62 -3.56 -17.59
CA HIS A 4 -6.79 -4.47 -16.82
C HIS A 4 -7.66 -5.55 -16.21
N HIS A 5 -7.52 -6.77 -16.71
CA HIS A 5 -8.35 -7.89 -16.26
C HIS A 5 -7.69 -8.62 -15.10
N HIS A 6 -6.57 -8.11 -14.64
CA HIS A 6 -5.87 -8.73 -13.52
C HIS A 6 -6.31 -8.10 -12.21
N HIS A 7 -7.23 -8.77 -11.54
CA HIS A 7 -7.76 -8.28 -10.28
C HIS A 7 -8.27 -9.45 -9.44
N HIS A 8 -7.87 -9.48 -8.19
CA HIS A 8 -8.28 -10.53 -7.27
C HIS A 8 -8.26 -9.99 -5.86
N SER A 9 -8.84 -10.73 -4.93
CA SER A 9 -8.90 -10.31 -3.54
C SER A 9 -7.49 -10.31 -2.93
N HIS A 10 -7.18 -9.26 -2.18
CA HIS A 10 -5.89 -9.17 -1.54
C HIS A 10 -5.95 -9.84 -0.19
N MET A 11 -5.43 -11.04 -0.13
CA MET A 11 -5.45 -11.83 1.09
C MET A 11 -4.27 -11.48 1.98
N VAL A 12 -4.42 -11.69 3.27
CA VAL A 12 -3.36 -11.37 4.21
C VAL A 12 -2.42 -12.56 4.36
N LYS A 13 -1.15 -12.34 4.03
CA LYS A 13 -0.12 -13.34 4.13
C LYS A 13 1.22 -12.65 4.23
N GLU A 14 1.64 -12.36 5.46
CA GLU A 14 2.85 -11.60 5.72
C GLU A 14 2.79 -10.26 5.00
N THR A 15 2.01 -9.36 5.54
CA THR A 15 1.83 -8.12 4.91
C THR A 15 2.90 -7.14 5.30
N THR A 16 3.72 -6.84 4.34
CA THR A 16 4.77 -5.88 4.48
C THR A 16 4.35 -4.56 3.88
N TYR A 17 5.26 -3.60 3.89
CA TYR A 17 4.98 -2.25 3.39
C TYR A 17 4.60 -2.29 1.93
N TYR A 18 5.20 -3.18 1.19
CA TYR A 18 4.89 -3.34 -0.20
C TYR A 18 3.51 -4.01 -0.35
N ASP A 19 3.22 -4.95 0.56
CA ASP A 19 1.94 -5.66 0.58
C ASP A 19 0.79 -4.69 0.93
N VAL A 20 1.08 -3.76 1.85
CA VAL A 20 0.10 -2.74 2.28
C VAL A 20 -0.32 -1.89 1.10
N LEU A 21 0.63 -1.58 0.25
CA LEU A 21 0.37 -0.77 -0.95
C LEU A 21 -0.15 -1.66 -2.08
N GLY A 22 -0.18 -2.96 -1.84
CA GLY A 22 -0.65 -3.89 -2.84
C GLY A 22 0.16 -3.81 -4.11
N VAL A 23 1.46 -3.59 -3.95
CA VAL A 23 2.34 -3.40 -5.08
C VAL A 23 3.36 -4.54 -5.16
N LYS A 24 4.08 -4.61 -6.26
CA LYS A 24 5.06 -5.65 -6.46
C LYS A 24 6.37 -5.29 -5.75
N PRO A 25 7.16 -6.30 -5.40
CA PRO A 25 8.46 -6.09 -4.76
C PRO A 25 9.48 -5.46 -5.70
N ASN A 26 9.14 -5.42 -6.98
CA ASN A 26 10.01 -4.88 -8.01
C ASN A 26 9.44 -3.58 -8.53
N ALA A 27 8.45 -3.07 -7.81
CA ALA A 27 7.77 -1.86 -8.21
C ALA A 27 8.67 -0.65 -8.14
N THR A 28 8.47 0.25 -9.07
CA THR A 28 9.24 1.45 -9.15
C THR A 28 8.71 2.51 -8.26
N GLN A 29 9.49 3.55 -8.09
CA GLN A 29 9.03 4.71 -7.34
C GLN A 29 7.74 5.24 -7.96
N GLU A 30 7.65 5.13 -9.28
CA GLU A 30 6.47 5.53 -10.02
C GLU A 30 5.31 4.62 -9.65
N GLU A 31 5.60 3.33 -9.65
CA GLU A 31 4.64 2.30 -9.38
C GLU A 31 4.17 2.37 -7.93
N LEU A 32 5.06 2.73 -7.03
CA LEU A 32 4.72 2.88 -5.62
C LEU A 32 3.67 3.96 -5.43
N LYS A 33 3.86 5.10 -6.08
CA LYS A 33 2.90 6.20 -5.98
C LYS A 33 1.58 5.80 -6.66
N LYS A 34 1.68 5.03 -7.74
CA LYS A 34 0.49 4.53 -8.44
C LYS A 34 -0.35 3.66 -7.53
N ALA A 35 0.30 2.78 -6.77
CA ALA A 35 -0.39 1.93 -5.83
C ALA A 35 -1.12 2.77 -4.80
N TYR A 36 -0.40 3.74 -4.26
CA TYR A 36 -0.95 4.65 -3.26
C TYR A 36 -2.15 5.39 -3.81
N ARG A 37 -2.03 5.88 -5.03
CA ARG A 37 -3.09 6.63 -5.67
C ARG A 37 -4.36 5.80 -5.81
N LYS A 38 -4.19 4.55 -6.23
CA LYS A 38 -5.33 3.65 -6.42
C LYS A 38 -6.02 3.36 -5.08
N LEU A 39 -5.22 3.06 -4.06
CA LEU A 39 -5.73 2.76 -2.74
C LEU A 39 -6.40 3.97 -2.13
N ALA A 40 -5.80 5.12 -2.36
CA ALA A 40 -6.33 6.38 -1.84
C ALA A 40 -7.74 6.64 -2.32
N LEU A 41 -7.99 6.31 -3.56
CA LEU A 41 -9.29 6.47 -4.14
C LEU A 41 -10.31 5.57 -3.43
N LYS A 42 -9.90 4.33 -3.15
CA LYS A 42 -10.74 3.37 -2.52
C LYS A 42 -10.94 3.62 -1.00
N TYR A 43 -9.86 3.91 -0.31
CA TYR A 43 -9.89 4.07 1.15
C TYR A 43 -9.74 5.54 1.56
N HIS A 44 -10.28 6.44 0.75
CA HIS A 44 -10.23 7.89 1.02
C HIS A 44 -10.70 8.17 2.47
N PRO A 45 -9.78 8.62 3.35
CA PRO A 45 -10.09 8.84 4.77
C PRO A 45 -11.10 9.95 5.02
N ASP A 46 -11.20 10.88 4.07
CA ASP A 46 -12.15 11.99 4.19
C ASP A 46 -13.53 11.56 3.73
N LYS A 47 -13.58 10.40 3.13
CA LYS A 47 -14.83 9.81 2.68
C LYS A 47 -15.25 8.69 3.63
N ASN A 48 -14.31 7.81 3.92
CA ASN A 48 -14.53 6.72 4.83
C ASN A 48 -13.48 6.72 5.92
N PRO A 49 -13.77 7.42 7.02
CA PRO A 49 -12.90 7.51 8.15
C PRO A 49 -12.71 6.15 8.82
N ASN A 50 -13.63 5.25 8.53
CA ASN A 50 -13.61 3.89 9.04
C ASN A 50 -12.38 3.15 8.52
N GLU A 51 -12.01 3.44 7.28
CA GLU A 51 -10.88 2.76 6.65
C GLU A 51 -9.58 3.53 6.86
N GLY A 52 -9.64 4.60 7.64
CA GLY A 52 -8.48 5.43 7.89
C GLY A 52 -7.39 4.69 8.67
N GLU A 53 -7.80 3.75 9.53
CA GLU A 53 -6.84 2.94 10.29
C GLU A 53 -5.95 2.15 9.32
N LYS A 54 -6.56 1.61 8.29
CA LYS A 54 -5.86 0.88 7.26
C LYS A 54 -4.96 1.83 6.49
N PHE A 55 -5.49 3.01 6.24
CA PHE A 55 -4.81 4.04 5.47
C PHE A 55 -3.54 4.51 6.19
N LYS A 56 -3.55 4.40 7.51
CA LYS A 56 -2.40 4.76 8.33
C LYS A 56 -1.19 3.91 7.92
N GLN A 57 -1.45 2.62 7.67
CA GLN A 57 -0.44 1.70 7.20
C GLN A 57 0.09 2.16 5.86
N ILE A 58 -0.83 2.51 4.99
CA ILE A 58 -0.50 2.94 3.65
C ILE A 58 0.34 4.21 3.66
N SER A 59 -0.05 5.15 4.52
CA SER A 59 0.60 6.45 4.59
C SER A 59 2.10 6.33 4.93
N GLN A 60 2.44 5.49 5.91
CA GLN A 60 3.81 5.33 6.33
C GLN A 60 4.65 4.66 5.26
N ALA A 61 4.15 3.56 4.74
CA ALA A 61 4.86 2.83 3.70
C ALA A 61 5.04 3.70 2.47
N TYR A 62 3.98 4.45 2.11
CA TYR A 62 4.07 5.39 1.01
C TYR A 62 5.15 6.43 1.26
N GLU A 63 5.25 6.89 2.51
CA GLU A 63 6.22 7.90 2.90
C GLU A 63 7.64 7.51 2.48
N VAL A 64 8.05 6.32 2.83
CA VAL A 64 9.36 5.81 2.48
C VAL A 64 9.40 5.26 1.02
N LEU A 65 8.33 4.59 0.59
CA LEU A 65 8.26 4.01 -0.77
C LEU A 65 8.31 5.08 -1.86
N SER A 66 7.65 6.21 -1.63
CA SER A 66 7.63 7.31 -2.59
C SER A 66 9.00 7.98 -2.69
N ASP A 67 9.88 7.69 -1.72
CA ASP A 67 11.19 8.27 -1.71
C ASP A 67 12.24 7.18 -1.87
N ALA A 68 12.88 7.15 -3.03
CA ALA A 68 13.90 6.12 -3.34
C ALA A 68 14.97 6.03 -2.26
N LYS A 69 15.29 7.16 -1.64
CA LYS A 69 16.31 7.21 -0.62
C LYS A 69 15.86 6.42 0.61
N LYS A 70 14.70 6.81 1.14
CA LYS A 70 14.17 6.18 2.32
C LYS A 70 13.84 4.73 2.04
N ARG A 71 13.30 4.50 0.84
CA ARG A 71 12.97 3.16 0.39
C ARG A 71 14.17 2.25 0.38
N GLU A 72 15.28 2.75 -0.13
CA GLU A 72 16.45 1.96 -0.29
C GLU A 72 17.10 1.68 1.04
N LEU A 73 17.11 2.66 1.92
CA LEU A 73 17.69 2.48 3.21
C LEU A 73 16.86 1.48 4.00
N TYR A 74 15.54 1.54 3.83
CA TYR A 74 14.65 0.62 4.50
C TYR A 74 14.88 -0.81 4.03
N ASP A 75 15.00 -0.98 2.70
CA ASP A 75 15.30 -2.31 2.13
C ASP A 75 16.65 -2.79 2.62
N LYS A 76 17.58 -1.86 2.77
CA LYS A 76 18.90 -2.17 3.28
C LYS A 76 18.83 -2.67 4.72
N GLY A 77 18.07 -1.97 5.53
CA GLY A 77 17.94 -2.30 6.93
C GLY A 77 17.52 -1.11 7.76
N MET A 1 -6.06 -4.67 -15.19
CA MET A 1 -4.82 -5.17 -15.81
C MET A 1 -3.89 -5.72 -14.75
N GLY A 2 -3.77 -7.02 -14.69
CA GLY A 2 -2.91 -7.65 -13.72
C GLY A 2 -2.88 -9.15 -13.90
N HIS A 3 -2.85 -9.86 -12.80
CA HIS A 3 -2.83 -11.31 -12.85
C HIS A 3 -3.94 -11.87 -12.00
N HIS A 4 -4.50 -12.98 -12.43
CA HIS A 4 -5.56 -13.64 -11.69
C HIS A 4 -4.99 -14.29 -10.44
N HIS A 5 -5.15 -13.61 -9.31
CA HIS A 5 -4.65 -14.13 -8.06
C HIS A 5 -5.50 -15.30 -7.61
N HIS A 6 -4.90 -16.48 -7.61
CA HIS A 6 -5.60 -17.69 -7.21
C HIS A 6 -5.92 -17.66 -5.74
N HIS A 7 -4.97 -17.18 -4.96
CA HIS A 7 -5.16 -17.06 -3.54
C HIS A 7 -5.53 -15.63 -3.19
N HIS A 8 -6.70 -15.48 -2.61
CA HIS A 8 -7.19 -14.18 -2.21
C HIS A 8 -6.96 -14.01 -0.73
N SER A 9 -6.29 -12.95 -0.34
CA SER A 9 -6.00 -12.69 1.06
C SER A 9 -7.28 -12.41 1.83
N HIS A 10 -7.80 -13.45 2.47
CA HIS A 10 -9.01 -13.34 3.28
C HIS A 10 -8.67 -12.74 4.64
N MET A 11 -7.47 -13.02 5.12
CA MET A 11 -7.01 -12.51 6.40
C MET A 11 -5.59 -11.98 6.27
N VAL A 12 -5.32 -10.85 6.89
CA VAL A 12 -4.00 -10.25 6.85
C VAL A 12 -3.15 -10.71 8.03
N LYS A 13 -2.07 -11.41 7.72
CA LYS A 13 -1.15 -11.89 8.75
C LYS A 13 0.25 -11.40 8.43
N GLU A 14 0.77 -10.53 9.29
CA GLU A 14 2.07 -9.92 9.09
C GLU A 14 2.12 -9.22 7.73
N THR A 15 1.44 -8.11 7.65
CA THR A 15 1.37 -7.37 6.44
C THR A 15 2.57 -6.44 6.29
N THR A 16 3.17 -6.45 5.11
CA THR A 16 4.33 -5.63 4.85
C THR A 16 3.93 -4.29 4.32
N TYR A 17 4.86 -3.37 4.33
CA TYR A 17 4.64 -2.03 3.80
C TYR A 17 4.32 -2.11 2.32
N TYR A 18 4.94 -3.06 1.63
CA TYR A 18 4.70 -3.27 0.24
C TYR A 18 3.33 -3.90 0.04
N ASP A 19 2.98 -4.81 0.96
CA ASP A 19 1.68 -5.48 0.94
C ASP A 19 0.55 -4.47 1.16
N VAL A 20 0.80 -3.51 2.05
CA VAL A 20 -0.13 -2.42 2.34
C VAL A 20 -0.40 -1.60 1.09
N LEU A 21 0.67 -1.34 0.34
CA LEU A 21 0.58 -0.56 -0.89
C LEU A 21 0.14 -1.43 -2.05
N GLY A 22 0.10 -2.74 -1.82
CA GLY A 22 -0.32 -3.66 -2.83
C GLY A 22 0.55 -3.58 -4.07
N VAL A 23 1.84 -3.45 -3.87
CA VAL A 23 2.75 -3.25 -4.97
C VAL A 23 3.79 -4.37 -4.99
N LYS A 24 4.50 -4.50 -6.11
CA LYS A 24 5.51 -5.53 -6.24
C LYS A 24 6.81 -5.09 -5.58
N PRO A 25 7.64 -6.05 -5.19
CA PRO A 25 8.95 -5.78 -4.61
C PRO A 25 9.90 -5.17 -5.65
N ASN A 26 9.51 -5.31 -6.92
CA ASN A 26 10.31 -4.83 -8.03
C ASN A 26 9.68 -3.61 -8.64
N ALA A 27 8.66 -3.09 -7.96
CA ALA A 27 7.94 -1.94 -8.43
C ALA A 27 8.82 -0.73 -8.49
N THR A 28 8.56 0.12 -9.45
CA THR A 28 9.34 1.30 -9.68
C THR A 28 8.92 2.41 -8.79
N GLN A 29 9.74 3.41 -8.75
CA GLN A 29 9.44 4.63 -8.03
C GLN A 29 8.10 5.19 -8.52
N GLU A 30 7.89 5.06 -9.82
CA GLU A 30 6.66 5.50 -10.46
C GLU A 30 5.49 4.62 -10.01
N GLU A 31 5.76 3.31 -9.98
CA GLU A 31 4.78 2.32 -9.61
C GLU A 31 4.36 2.49 -8.16
N LEU A 32 5.31 2.85 -7.31
CA LEU A 32 5.04 3.06 -5.89
C LEU A 32 4.03 4.18 -5.68
N LYS A 33 4.23 5.31 -6.39
CA LYS A 33 3.28 6.42 -6.31
C LYS A 33 1.93 6.00 -6.88
N LYS A 34 1.99 5.23 -7.96
CA LYS A 34 0.81 4.72 -8.64
C LYS A 34 -0.04 3.85 -7.70
N ALA A 35 0.61 2.98 -6.92
CA ALA A 35 -0.09 2.14 -5.95
C ALA A 35 -0.81 3.00 -4.92
N TYR A 36 -0.12 4.00 -4.41
CA TYR A 36 -0.68 4.89 -3.40
C TYR A 36 -1.92 5.59 -3.90
N ARG A 37 -1.84 6.13 -5.11
CA ARG A 37 -2.93 6.87 -5.68
C ARG A 37 -4.17 5.99 -5.82
N LYS A 38 -3.97 4.73 -6.18
CA LYS A 38 -5.06 3.78 -6.31
C LYS A 38 -5.73 3.54 -4.94
N LEU A 39 -4.91 3.29 -3.94
CA LEU A 39 -5.39 2.99 -2.59
C LEU A 39 -6.05 4.19 -1.96
N ALA A 40 -5.46 5.35 -2.18
CA ALA A 40 -5.97 6.60 -1.64
C ALA A 40 -7.42 6.84 -2.03
N LEU A 41 -7.70 6.58 -3.28
CA LEU A 41 -9.02 6.74 -3.82
C LEU A 41 -9.99 5.72 -3.18
N LYS A 42 -9.50 4.51 -2.96
CA LYS A 42 -10.30 3.43 -2.40
C LYS A 42 -10.56 3.57 -0.88
N TYR A 43 -9.53 3.84 -0.11
CA TYR A 43 -9.65 3.84 1.36
C TYR A 43 -9.60 5.22 1.97
N HIS A 44 -9.95 6.24 1.18
CA HIS A 44 -10.04 7.62 1.67
C HIS A 44 -10.80 7.71 3.00
N PRO A 45 -10.09 8.10 4.08
CA PRO A 45 -10.67 8.19 5.43
C PRO A 45 -11.74 9.27 5.55
N ASP A 46 -11.71 10.20 4.61
CA ASP A 46 -12.72 11.27 4.56
C ASP A 46 -14.08 10.70 4.20
N LYS A 47 -14.07 9.53 3.58
CA LYS A 47 -15.31 8.86 3.23
C LYS A 47 -15.52 7.65 4.12
N ASN A 48 -14.43 6.98 4.49
CA ASN A 48 -14.50 5.82 5.35
C ASN A 48 -13.51 5.93 6.48
N PRO A 49 -13.96 6.48 7.62
CA PRO A 49 -13.13 6.65 8.80
C PRO A 49 -12.64 5.31 9.33
N ASN A 50 -13.42 4.27 9.08
CA ASN A 50 -13.08 2.93 9.53
C ASN A 50 -11.84 2.42 8.80
N GLU A 51 -11.61 2.94 7.59
CA GLU A 51 -10.46 2.51 6.81
C GLU A 51 -9.26 3.46 7.01
N GLY A 52 -9.42 4.43 7.90
CA GLY A 52 -8.35 5.37 8.18
C GLY A 52 -7.14 4.69 8.79
N GLU A 53 -7.38 3.61 9.53
CA GLU A 53 -6.30 2.83 10.11
C GLU A 53 -5.41 2.30 9.00
N LYS A 54 -6.06 1.78 7.98
CA LYS A 54 -5.39 1.22 6.85
C LYS A 54 -4.64 2.32 6.11
N PHE A 55 -5.27 3.49 6.08
CA PHE A 55 -4.72 4.65 5.41
C PHE A 55 -3.38 5.08 6.05
N LYS A 56 -3.31 5.03 7.38
CA LYS A 56 -2.08 5.39 8.08
C LYS A 56 -0.96 4.48 7.63
N GLN A 57 -1.27 3.20 7.49
CA GLN A 57 -0.35 2.20 7.02
C GLN A 57 0.16 2.57 5.65
N ILE A 58 -0.76 2.93 4.79
CA ILE A 58 -0.46 3.31 3.43
C ILE A 58 0.41 4.56 3.41
N SER A 59 0.06 5.53 4.22
CA SER A 59 0.77 6.81 4.25
C SER A 59 2.25 6.63 4.67
N GLN A 60 2.49 5.81 5.68
CA GLN A 60 3.83 5.57 6.17
C GLN A 60 4.68 4.91 5.11
N ALA A 61 4.17 3.80 4.61
CA ALA A 61 4.88 3.06 3.58
C ALA A 61 5.08 3.94 2.36
N TYR A 62 4.03 4.65 1.95
CA TYR A 62 4.12 5.56 0.82
C TYR A 62 5.21 6.61 1.04
N GLU A 63 5.31 7.14 2.26
CA GLU A 63 6.28 8.19 2.55
C GLU A 63 7.69 7.78 2.11
N VAL A 64 8.10 6.62 2.53
CA VAL A 64 9.40 6.09 2.17
C VAL A 64 9.40 5.40 0.77
N LEU A 65 8.34 4.69 0.44
CA LEU A 65 8.23 3.97 -0.84
C LEU A 65 8.24 4.91 -2.05
N SER A 66 7.64 6.08 -1.90
CA SER A 66 7.57 7.04 -2.99
C SER A 66 8.96 7.58 -3.36
N ASP A 67 9.91 7.42 -2.44
CA ASP A 67 11.26 7.86 -2.67
C ASP A 67 12.20 6.66 -2.64
N ALA A 68 12.78 6.35 -3.79
CA ALA A 68 13.67 5.20 -3.92
C ALA A 68 14.81 5.23 -2.90
N LYS A 69 15.17 6.43 -2.47
CA LYS A 69 16.23 6.57 -1.49
C LYS A 69 15.78 6.09 -0.11
N LYS A 70 14.65 6.60 0.39
CA LYS A 70 14.15 6.20 1.68
C LYS A 70 13.76 4.73 1.64
N ARG A 71 13.15 4.33 0.54
CA ARG A 71 12.71 2.96 0.33
C ARG A 71 13.85 1.98 0.44
N GLU A 72 14.96 2.30 -0.17
CA GLU A 72 16.07 1.40 -0.22
C GLU A 72 16.73 1.28 1.14
N LEU A 73 16.88 2.41 1.81
CA LEU A 73 17.50 2.43 3.10
C LEU A 73 16.62 1.71 4.11
N TYR A 74 15.32 1.97 4.05
CA TYR A 74 14.36 1.35 4.96
C TYR A 74 14.30 -0.15 4.73
N ASP A 75 14.26 -0.52 3.46
CA ASP A 75 14.21 -1.93 3.05
C ASP A 75 15.47 -2.67 3.50
N LYS A 76 16.57 -1.95 3.53
CA LYS A 76 17.86 -2.50 3.96
C LYS A 76 17.79 -2.95 5.42
N GLY A 77 17.18 -2.13 6.24
CA GLY A 77 17.04 -2.45 7.65
C GLY A 77 16.53 -1.29 8.45
N MET A 1 11.78 -17.45 -13.18
CA MET A 1 11.14 -18.53 -12.40
C MET A 1 10.08 -17.98 -11.46
N GLY A 2 9.08 -18.78 -11.15
CA GLY A 2 8.08 -18.35 -10.19
C GLY A 2 6.71 -18.90 -10.52
N HIS A 3 6.06 -19.45 -9.51
CA HIS A 3 4.70 -19.98 -9.66
C HIS A 3 3.77 -19.23 -8.71
N HIS A 4 2.59 -18.89 -9.20
CA HIS A 4 1.64 -18.10 -8.41
C HIS A 4 0.59 -18.99 -7.74
N HIS A 5 0.94 -20.25 -7.52
CA HIS A 5 0.03 -21.17 -6.86
C HIS A 5 -0.02 -20.90 -5.36
N HIS A 6 0.97 -20.16 -4.88
CA HIS A 6 1.06 -19.82 -3.47
C HIS A 6 0.21 -18.60 -3.18
N HIS A 7 -0.93 -18.82 -2.54
CA HIS A 7 -1.86 -17.73 -2.23
C HIS A 7 -1.67 -17.26 -0.80
N HIS A 8 -2.29 -16.13 -0.47
CA HIS A 8 -2.18 -15.55 0.86
C HIS A 8 -3.49 -15.70 1.63
N SER A 9 -3.39 -15.67 2.94
CA SER A 9 -4.56 -15.76 3.81
C SER A 9 -4.85 -14.38 4.42
N HIS A 10 -5.90 -14.29 5.23
CA HIS A 10 -6.25 -13.02 5.87
C HIS A 10 -5.50 -12.85 7.19
N MET A 11 -4.55 -13.74 7.43
CA MET A 11 -3.75 -13.71 8.65
C MET A 11 -2.44 -12.95 8.42
N VAL A 12 -2.05 -12.15 9.39
CA VAL A 12 -0.81 -11.40 9.28
C VAL A 12 0.34 -12.26 9.74
N LYS A 13 1.03 -12.85 8.79
CA LYS A 13 2.14 -13.75 9.06
C LYS A 13 3.42 -13.20 8.45
N GLU A 14 3.24 -12.44 7.37
CA GLU A 14 4.34 -11.80 6.67
C GLU A 14 3.77 -10.67 5.82
N THR A 15 3.83 -9.46 6.35
CA THR A 15 3.31 -8.30 5.69
C THR A 15 4.34 -7.19 5.69
N THR A 16 4.39 -6.45 4.61
CA THR A 16 5.30 -5.35 4.49
C THR A 16 4.66 -4.21 3.74
N TYR A 17 5.39 -3.11 3.58
CA TYR A 17 4.87 -1.91 2.93
C TYR A 17 4.46 -2.19 1.50
N TYR A 18 5.11 -3.14 0.88
CA TYR A 18 4.77 -3.52 -0.46
C TYR A 18 3.41 -4.21 -0.45
N ASP A 19 3.19 -5.03 0.59
CA ASP A 19 1.92 -5.75 0.78
C ASP A 19 0.79 -4.78 1.09
N VAL A 20 1.05 -3.87 2.01
CA VAL A 20 0.10 -2.86 2.43
C VAL A 20 -0.31 -1.98 1.26
N LEU A 21 0.68 -1.60 0.48
CA LEU A 21 0.47 -0.71 -0.66
C LEU A 21 0.01 -1.52 -1.88
N GLY A 22 -0.02 -2.84 -1.75
CA GLY A 22 -0.52 -3.69 -2.81
C GLY A 22 0.26 -3.53 -4.10
N VAL A 23 1.56 -3.42 -3.97
CA VAL A 23 2.41 -3.22 -5.12
C VAL A 23 3.41 -4.38 -5.24
N LYS A 24 4.09 -4.46 -6.36
CA LYS A 24 5.07 -5.50 -6.57
C LYS A 24 6.41 -5.08 -5.96
N PRO A 25 7.25 -6.05 -5.61
CA PRO A 25 8.58 -5.77 -5.05
C PRO A 25 9.50 -5.13 -6.10
N ASN A 26 9.09 -5.22 -7.36
CA ASN A 26 9.86 -4.72 -8.48
C ASN A 26 9.24 -3.47 -9.02
N ALA A 27 8.29 -2.94 -8.27
CA ALA A 27 7.57 -1.75 -8.65
C ALA A 27 8.48 -0.54 -8.66
N THR A 28 8.17 0.38 -9.55
CA THR A 28 8.93 1.58 -9.72
C THR A 28 8.53 2.63 -8.74
N GLN A 29 9.33 3.65 -8.66
CA GLN A 29 9.00 4.82 -7.87
C GLN A 29 7.63 5.35 -8.31
N GLU A 30 7.40 5.29 -9.62
CA GLU A 30 6.16 5.72 -10.21
C GLU A 30 5.03 4.78 -9.81
N GLU A 31 5.32 3.49 -9.83
CA GLU A 31 4.37 2.47 -9.51
C GLU A 31 3.96 2.57 -8.04
N LEU A 32 4.93 2.91 -7.19
CA LEU A 32 4.68 3.07 -5.77
C LEU A 32 3.67 4.20 -5.53
N LYS A 33 3.86 5.33 -6.21
CA LYS A 33 2.95 6.46 -6.13
C LYS A 33 1.59 6.08 -6.71
N LYS A 34 1.64 5.33 -7.81
CA LYS A 34 0.46 4.85 -8.50
C LYS A 34 -0.39 3.94 -7.59
N ALA A 35 0.27 3.03 -6.86
CA ALA A 35 -0.43 2.16 -5.91
C ALA A 35 -1.12 3.01 -4.86
N TYR A 36 -0.39 3.98 -4.35
CA TYR A 36 -0.90 4.88 -3.32
C TYR A 36 -2.13 5.62 -3.80
N ARG A 37 -2.07 6.16 -5.01
CA ARG A 37 -3.19 6.91 -5.56
C ARG A 37 -4.43 6.02 -5.71
N LYS A 38 -4.21 4.80 -6.17
CA LYS A 38 -5.29 3.82 -6.36
C LYS A 38 -5.96 3.48 -5.01
N LEU A 39 -5.13 3.16 -4.03
CA LEU A 39 -5.62 2.80 -2.70
C LEU A 39 -6.27 3.97 -2.03
N ALA A 40 -5.68 5.14 -2.22
CA ALA A 40 -6.17 6.38 -1.63
C ALA A 40 -7.61 6.63 -2.01
N LEU A 41 -7.95 6.30 -3.23
CA LEU A 41 -9.30 6.43 -3.70
C LEU A 41 -10.23 5.50 -2.93
N LYS A 42 -9.81 4.26 -2.73
CA LYS A 42 -10.62 3.26 -2.04
C LYS A 42 -10.69 3.46 -0.51
N TYR A 43 -9.58 3.79 0.11
CA TYR A 43 -9.50 3.90 1.58
C TYR A 43 -9.51 5.35 2.05
N HIS A 44 -9.97 6.23 1.18
CA HIS A 44 -10.08 7.67 1.49
C HIS A 44 -10.79 7.89 2.82
N PRO A 45 -10.08 8.40 3.85
CA PRO A 45 -10.66 8.63 5.19
C PRO A 45 -11.83 9.60 5.16
N ASP A 46 -11.79 10.54 4.21
CA ASP A 46 -12.87 11.53 4.06
C ASP A 46 -14.10 10.89 3.42
N LYS A 47 -13.93 9.70 2.89
CA LYS A 47 -15.03 8.93 2.30
C LYS A 47 -15.45 7.86 3.28
N ASN A 48 -14.46 7.14 3.79
CA ASN A 48 -14.68 6.10 4.77
C ASN A 48 -13.78 6.34 5.96
N PRO A 49 -14.29 7.10 6.92
CA PRO A 49 -13.61 7.43 8.15
C PRO A 49 -13.06 6.20 8.85
N ASN A 50 -13.77 5.11 8.73
CA ASN A 50 -13.40 3.86 9.40
C ASN A 50 -12.22 3.17 8.71
N GLU A 51 -11.90 3.58 7.49
CA GLU A 51 -10.78 2.98 6.77
C GLU A 51 -9.51 3.80 6.93
N GLY A 52 -9.59 4.89 7.67
CA GLY A 52 -8.45 5.77 7.85
C GLY A 52 -7.28 5.10 8.58
N GLU A 53 -7.58 4.19 9.50
CA GLU A 53 -6.53 3.46 10.21
C GLU A 53 -5.72 2.61 9.22
N LYS A 54 -6.43 1.99 8.27
CA LYS A 54 -5.80 1.25 7.22
C LYS A 54 -4.99 2.18 6.35
N PHE A 55 -5.52 3.36 6.13
CA PHE A 55 -4.87 4.39 5.34
C PHE A 55 -3.56 4.81 5.98
N LYS A 56 -3.50 4.75 7.31
CA LYS A 56 -2.29 5.11 8.03
C LYS A 56 -1.14 4.23 7.56
N GLN A 57 -1.41 2.95 7.41
CA GLN A 57 -0.46 1.99 6.91
C GLN A 57 -0.01 2.35 5.51
N ILE A 58 -0.98 2.70 4.68
CA ILE A 58 -0.73 3.06 3.29
C ILE A 58 0.14 4.30 3.22
N SER A 59 -0.16 5.28 4.06
CA SER A 59 0.58 6.51 4.10
C SER A 59 2.05 6.25 4.49
N GLN A 60 2.28 5.36 5.46
CA GLN A 60 3.61 5.03 5.89
C GLN A 60 4.39 4.38 4.77
N ALA A 61 3.77 3.42 4.10
CA ALA A 61 4.41 2.76 2.96
C ALA A 61 4.79 3.77 1.92
N TYR A 62 3.86 4.67 1.63
CA TYR A 62 4.10 5.73 0.66
C TYR A 62 5.28 6.61 1.07
N GLU A 63 5.36 6.93 2.35
CA GLU A 63 6.39 7.83 2.83
C GLU A 63 7.80 7.31 2.51
N VAL A 64 8.04 6.05 2.77
CA VAL A 64 9.31 5.43 2.46
C VAL A 64 9.42 5.03 0.96
N LEU A 65 8.32 4.54 0.40
CA LEU A 65 8.28 4.09 -1.00
C LEU A 65 8.47 5.23 -1.99
N SER A 66 7.94 6.41 -1.66
CA SER A 66 8.08 7.57 -2.53
C SER A 66 9.54 7.99 -2.62
N ASP A 67 10.28 7.83 -1.53
CA ASP A 67 11.68 8.16 -1.51
C ASP A 67 12.50 6.92 -1.76
N ALA A 68 13.13 6.85 -2.91
CA ALA A 68 13.98 5.69 -3.25
C ALA A 68 15.03 5.47 -2.17
N LYS A 69 15.40 6.56 -1.49
CA LYS A 69 16.36 6.51 -0.42
C LYS A 69 15.80 5.71 0.75
N LYS A 70 14.61 6.11 1.22
CA LYS A 70 13.98 5.46 2.36
C LYS A 70 13.64 4.02 2.04
N ARG A 71 13.14 3.80 0.84
CA ARG A 71 12.79 2.47 0.36
C ARG A 71 13.99 1.54 0.44
N GLU A 72 15.13 2.06 0.02
CA GLU A 72 16.32 1.29 -0.05
C GLU A 72 16.87 1.00 1.33
N LEU A 73 16.72 1.97 2.23
CA LEU A 73 17.18 1.80 3.59
C LEU A 73 16.38 0.71 4.26
N TYR A 74 15.07 0.72 4.02
CA TYR A 74 14.19 -0.28 4.58
C TYR A 74 14.54 -1.66 4.05
N ASP A 75 14.75 -1.72 2.76
CA ASP A 75 15.11 -2.99 2.07
C ASP A 75 16.44 -3.54 2.60
N LYS A 76 17.35 -2.63 2.91
CA LYS A 76 18.67 -3.00 3.41
C LYS A 76 18.59 -3.60 4.83
N GLY A 77 17.73 -3.04 5.66
CA GLY A 77 17.63 -3.46 7.05
C GLY A 77 16.31 -4.12 7.37
N MET A 1 -0.20 -27.31 3.58
CA MET A 1 0.93 -26.70 4.30
C MET A 1 1.86 -25.96 3.34
N GLY A 2 1.43 -25.78 2.10
CA GLY A 2 2.25 -25.09 1.12
C GLY A 2 1.59 -23.82 0.65
N HIS A 3 2.37 -22.89 0.13
CA HIS A 3 1.83 -21.64 -0.35
C HIS A 3 1.21 -21.81 -1.74
N HIS A 4 -0.10 -21.84 -1.78
CA HIS A 4 -0.83 -22.03 -3.03
C HIS A 4 -0.94 -20.74 -3.81
N HIS A 5 -1.23 -20.88 -5.10
CA HIS A 5 -1.43 -19.73 -5.98
C HIS A 5 -2.89 -19.65 -6.38
N HIS A 6 -3.71 -20.47 -5.74
CA HIS A 6 -5.14 -20.50 -6.01
C HIS A 6 -5.89 -19.89 -4.85
N HIS A 7 -7.13 -19.46 -5.12
CA HIS A 7 -7.99 -18.80 -4.13
C HIS A 7 -7.36 -17.49 -3.72
N HIS A 8 -7.19 -16.62 -4.72
CA HIS A 8 -6.55 -15.32 -4.54
C HIS A 8 -7.33 -14.47 -3.55
N SER A 9 -6.69 -14.12 -2.47
CA SER A 9 -7.26 -13.27 -1.45
C SER A 9 -6.13 -12.63 -0.66
N HIS A 10 -6.38 -11.47 -0.09
CA HIS A 10 -5.35 -10.79 0.67
C HIS A 10 -5.37 -11.27 2.12
N MET A 11 -4.74 -12.39 2.35
CA MET A 11 -4.62 -12.96 3.67
C MET A 11 -3.43 -12.36 4.38
N VAL A 12 -3.48 -12.28 5.68
CA VAL A 12 -2.39 -11.66 6.43
C VAL A 12 -1.29 -12.64 6.76
N LYS A 13 -0.32 -12.71 5.86
CA LYS A 13 0.84 -13.55 6.02
C LYS A 13 2.07 -12.80 5.59
N GLU A 14 2.75 -12.22 6.58
CA GLU A 14 3.95 -11.42 6.34
C GLU A 14 3.61 -10.16 5.51
N THR A 15 2.87 -9.26 6.12
CA THR A 15 2.52 -8.03 5.48
C THR A 15 3.63 -7.02 5.67
N THR A 16 3.90 -6.28 4.63
CA THR A 16 4.93 -5.28 4.66
C THR A 16 4.47 -4.05 3.92
N TYR A 17 5.32 -3.04 3.88
CA TYR A 17 5.01 -1.75 3.26
C TYR A 17 4.56 -1.94 1.81
N TYR A 18 5.18 -2.90 1.14
CA TYR A 18 4.86 -3.20 -0.21
C TYR A 18 3.48 -3.84 -0.28
N ASP A 19 3.20 -4.71 0.69
CA ASP A 19 1.91 -5.39 0.79
C ASP A 19 0.79 -4.41 1.11
N VAL A 20 1.08 -3.48 2.00
CA VAL A 20 0.14 -2.43 2.41
C VAL A 20 -0.24 -1.58 1.20
N LEU A 21 0.76 -1.28 0.39
CA LEU A 21 0.57 -0.49 -0.83
C LEU A 21 0.12 -1.40 -1.97
N GLY A 22 0.11 -2.70 -1.72
CA GLY A 22 -0.32 -3.66 -2.71
C GLY A 22 0.53 -3.61 -3.96
N VAL A 23 1.80 -3.34 -3.79
CA VAL A 23 2.67 -3.15 -4.92
C VAL A 23 3.73 -4.26 -4.97
N LYS A 24 4.38 -4.41 -6.13
CA LYS A 24 5.40 -5.41 -6.31
C LYS A 24 6.76 -4.90 -5.83
N PRO A 25 7.68 -5.81 -5.52
CA PRO A 25 9.04 -5.45 -5.10
C PRO A 25 9.84 -4.81 -6.23
N ASN A 26 9.36 -5.00 -7.46
CA ASN A 26 10.03 -4.50 -8.64
C ASN A 26 9.31 -3.29 -9.16
N ALA A 27 8.40 -2.79 -8.36
CA ALA A 27 7.62 -1.65 -8.72
C ALA A 27 8.46 -0.41 -8.88
N THR A 28 8.08 0.40 -9.83
CA THR A 28 8.78 1.61 -10.15
C THR A 28 8.35 2.71 -9.26
N GLN A 29 9.10 3.78 -9.28
CA GLN A 29 8.74 4.97 -8.57
C GLN A 29 7.35 5.43 -9.00
N GLU A 30 7.07 5.25 -10.29
CA GLU A 30 5.77 5.58 -10.84
C GLU A 30 4.72 4.63 -10.28
N GLU A 31 5.08 3.37 -10.20
CA GLU A 31 4.20 2.34 -9.72
C GLU A 31 3.91 2.50 -8.23
N LEU A 32 4.90 2.94 -7.47
CA LEU A 32 4.72 3.17 -6.05
C LEU A 32 3.67 4.24 -5.82
N LYS A 33 3.74 5.31 -6.59
CA LYS A 33 2.73 6.37 -6.56
C LYS A 33 1.40 5.84 -7.05
N LYS A 34 1.46 5.02 -8.10
CA LYS A 34 0.29 4.45 -8.72
C LYS A 34 -0.51 3.62 -7.71
N ALA A 35 0.20 2.82 -6.93
CA ALA A 35 -0.42 2.01 -5.90
C ALA A 35 -1.08 2.89 -4.86
N TYR A 36 -0.33 3.87 -4.36
CA TYR A 36 -0.85 4.78 -3.34
C TYR A 36 -2.05 5.52 -3.84
N ARG A 37 -1.97 6.03 -5.06
CA ARG A 37 -3.05 6.78 -5.66
C ARG A 37 -4.31 5.94 -5.72
N LYS A 38 -4.18 4.70 -6.17
CA LYS A 38 -5.31 3.82 -6.32
C LYS A 38 -5.95 3.51 -4.97
N LEU A 39 -5.11 3.19 -3.98
CA LEU A 39 -5.58 2.91 -2.64
C LEU A 39 -6.21 4.14 -2.02
N ALA A 40 -5.58 5.27 -2.22
CA ALA A 40 -6.04 6.54 -1.66
C ALA A 40 -7.43 6.89 -2.13
N LEU A 41 -7.69 6.65 -3.40
CA LEU A 41 -8.97 6.92 -3.99
C LEU A 41 -10.05 6.07 -3.33
N LYS A 42 -9.73 4.80 -3.12
CA LYS A 42 -10.66 3.86 -2.55
C LYS A 42 -10.84 4.07 -1.05
N TYR A 43 -9.72 4.22 -0.35
CA TYR A 43 -9.70 4.31 1.11
C TYR A 43 -9.59 5.74 1.63
N HIS A 44 -10.16 6.70 0.89
CA HIS A 44 -10.20 8.09 1.36
C HIS A 44 -10.75 8.12 2.78
N PRO A 45 -9.98 8.63 3.76
CA PRO A 45 -10.39 8.65 5.16
C PRO A 45 -11.65 9.47 5.40
N ASP A 46 -11.89 10.45 4.53
CA ASP A 46 -13.10 11.28 4.63
C ASP A 46 -14.30 10.54 4.09
N LYS A 47 -14.06 9.54 3.26
CA LYS A 47 -15.13 8.78 2.65
C LYS A 47 -15.32 7.47 3.40
N ASN A 48 -14.25 6.97 3.99
CA ASN A 48 -14.30 5.77 4.80
C ASN A 48 -13.40 5.92 6.00
N PRO A 49 -13.93 6.54 7.05
CA PRO A 49 -13.19 6.78 8.28
C PRO A 49 -12.73 5.48 8.95
N ASN A 50 -13.49 4.42 8.70
CA ASN A 50 -13.18 3.10 9.25
C ASN A 50 -11.87 2.57 8.67
N GLU A 51 -11.60 2.90 7.41
CA GLU A 51 -10.39 2.43 6.73
C GLU A 51 -9.22 3.40 6.91
N GLY A 52 -9.47 4.52 7.58
CA GLY A 52 -8.42 5.51 7.80
C GLY A 52 -7.30 4.98 8.70
N GLU A 53 -7.66 4.13 9.66
CA GLU A 53 -6.66 3.50 10.55
C GLU A 53 -5.71 2.65 9.72
N LYS A 54 -6.28 1.94 8.78
CA LYS A 54 -5.58 1.15 7.82
C LYS A 54 -4.75 2.05 6.89
N PHE A 55 -5.30 3.20 6.57
CA PHE A 55 -4.67 4.18 5.71
C PHE A 55 -3.39 4.74 6.35
N LYS A 56 -3.30 4.65 7.66
CA LYS A 56 -2.10 5.10 8.36
C LYS A 56 -0.90 4.31 7.84
N GLN A 57 -1.11 3.01 7.68
CA GLN A 57 -0.11 2.13 7.14
C GLN A 57 0.22 2.53 5.73
N ILE A 58 -0.82 2.78 4.94
CA ILE A 58 -0.66 3.12 3.55
C ILE A 58 0.12 4.41 3.36
N SER A 59 -0.23 5.42 4.14
CA SER A 59 0.42 6.71 4.03
C SER A 59 1.93 6.63 4.37
N GLN A 60 2.27 5.91 5.45
CA GLN A 60 3.65 5.79 5.85
C GLN A 60 4.46 5.00 4.86
N ALA A 61 3.92 3.88 4.42
CA ALA A 61 4.62 3.05 3.44
C ALA A 61 4.88 3.83 2.18
N TYR A 62 3.90 4.65 1.80
CA TYR A 62 4.05 5.52 0.66
C TYR A 62 5.22 6.47 0.82
N GLU A 63 5.37 7.03 2.02
CA GLU A 63 6.42 8.01 2.30
C GLU A 63 7.80 7.46 2.04
N VAL A 64 8.04 6.26 2.49
CA VAL A 64 9.30 5.60 2.25
C VAL A 64 9.41 5.02 0.83
N LEU A 65 8.32 4.45 0.33
CA LEU A 65 8.31 3.87 -1.02
C LEU A 65 8.54 4.90 -2.12
N SER A 66 7.94 6.07 -1.98
CA SER A 66 8.11 7.12 -2.99
C SER A 66 9.52 7.76 -2.91
N ASP A 67 10.24 7.49 -1.83
CA ASP A 67 11.60 7.98 -1.66
C ASP A 67 12.55 6.81 -1.81
N ALA A 68 13.30 6.81 -2.90
CA ALA A 68 14.20 5.71 -3.22
C ALA A 68 15.14 5.37 -2.08
N LYS A 69 15.59 6.39 -1.35
CA LYS A 69 16.52 6.16 -0.25
C LYS A 69 15.83 5.42 0.90
N LYS A 70 14.68 5.94 1.32
CA LYS A 70 13.94 5.38 2.42
C LYS A 70 13.48 3.97 2.07
N ARG A 71 13.09 3.81 0.81
CA ARG A 71 12.67 2.52 0.30
C ARG A 71 13.76 1.48 0.47
N GLU A 72 14.98 1.87 0.18
CA GLU A 72 16.09 0.98 0.23
C GLU A 72 16.40 0.59 1.66
N LEU A 73 16.35 1.58 2.54
CA LEU A 73 16.67 1.37 3.93
C LEU A 73 15.64 0.45 4.57
N TYR A 74 14.37 0.73 4.30
CA TYR A 74 13.27 -0.03 4.83
C TYR A 74 13.20 -1.43 4.24
N ASP A 75 13.54 -1.56 2.96
CA ASP A 75 13.54 -2.86 2.28
C ASP A 75 14.53 -3.80 2.93
N LYS A 76 15.66 -3.25 3.38
CA LYS A 76 16.69 -4.03 4.04
C LYS A 76 16.34 -4.29 5.49
N GLY A 77 15.50 -3.44 6.04
CA GLY A 77 15.14 -3.55 7.43
C GLY A 77 14.07 -4.60 7.68
N MET A 1 -15.59 -19.94 -12.29
CA MET A 1 -15.94 -19.51 -13.65
C MET A 1 -16.63 -18.15 -13.65
N GLY A 2 -16.36 -17.35 -12.62
CA GLY A 2 -16.94 -16.02 -12.55
C GLY A 2 -16.25 -15.05 -13.49
N HIS A 3 -16.98 -14.02 -13.91
CA HIS A 3 -16.42 -13.03 -14.83
C HIS A 3 -15.44 -12.12 -14.12
N HIS A 4 -15.83 -11.62 -12.96
CA HIS A 4 -14.98 -10.74 -12.17
C HIS A 4 -15.06 -11.09 -10.69
N HIS A 5 -13.91 -11.24 -10.07
CA HIS A 5 -13.85 -11.61 -8.67
C HIS A 5 -12.75 -10.82 -7.96
N HIS A 6 -12.83 -10.76 -6.65
CA HIS A 6 -11.85 -10.01 -5.86
C HIS A 6 -11.16 -10.92 -4.87
N HIS A 7 -10.04 -10.46 -4.34
CA HIS A 7 -9.28 -11.22 -3.36
C HIS A 7 -9.76 -10.85 -1.97
N HIS A 8 -9.97 -11.85 -1.12
CA HIS A 8 -10.46 -11.60 0.22
C HIS A 8 -9.69 -12.38 1.27
N SER A 9 -8.62 -11.81 1.77
CA SER A 9 -7.86 -12.44 2.84
C SER A 9 -8.06 -11.66 4.13
N HIS A 10 -8.82 -12.23 5.06
CA HIS A 10 -9.10 -11.57 6.33
C HIS A 10 -7.87 -11.57 7.22
N MET A 11 -7.14 -12.67 7.21
CA MET A 11 -5.90 -12.76 7.95
C MET A 11 -4.78 -12.17 7.12
N VAL A 12 -3.80 -11.60 7.79
CA VAL A 12 -2.70 -10.97 7.09
C VAL A 12 -1.65 -12.00 6.67
N LYS A 13 -1.39 -12.07 5.38
CA LYS A 13 -0.44 -13.03 4.83
C LYS A 13 0.82 -12.31 4.40
N GLU A 14 1.82 -12.29 5.30
CA GLU A 14 3.07 -11.59 5.05
C GLU A 14 2.80 -10.17 4.56
N THR A 15 2.15 -9.40 5.38
CA THR A 15 1.84 -8.07 5.02
C THR A 15 2.94 -7.12 5.38
N THR A 16 3.48 -6.52 4.38
CA THR A 16 4.48 -5.51 4.52
C THR A 16 3.98 -4.23 3.91
N TYR A 17 4.78 -3.19 3.93
CA TYR A 17 4.37 -1.90 3.37
C TYR A 17 4.03 -2.04 1.90
N TYR A 18 4.70 -2.96 1.25
CA TYR A 18 4.45 -3.25 -0.13
C TYR A 18 3.09 -3.94 -0.27
N ASP A 19 2.78 -4.82 0.69
CA ASP A 19 1.50 -5.55 0.73
C ASP A 19 0.35 -4.60 1.02
N VAL A 20 0.57 -3.70 1.99
CA VAL A 20 -0.41 -2.68 2.37
C VAL A 20 -0.73 -1.79 1.18
N LEU A 21 0.33 -1.44 0.47
CA LEU A 21 0.22 -0.55 -0.68
C LEU A 21 -0.23 -1.35 -1.90
N GLY A 22 -0.31 -2.67 -1.75
CA GLY A 22 -0.77 -3.54 -2.81
C GLY A 22 0.09 -3.48 -4.04
N VAL A 23 1.38 -3.41 -3.85
CA VAL A 23 2.29 -3.26 -4.95
C VAL A 23 3.30 -4.40 -5.00
N LYS A 24 4.00 -4.51 -6.10
CA LYS A 24 4.97 -5.57 -6.28
C LYS A 24 6.32 -5.16 -5.69
N PRO A 25 7.14 -6.13 -5.30
CA PRO A 25 8.47 -5.87 -4.74
C PRO A 25 9.43 -5.30 -5.78
N ASN A 26 9.02 -5.36 -7.03
CA ASN A 26 9.84 -4.92 -8.14
C ASN A 26 9.27 -3.64 -8.72
N ALA A 27 8.30 -3.08 -8.01
CA ALA A 27 7.62 -1.89 -8.45
C ALA A 27 8.53 -0.67 -8.45
N THR A 28 8.25 0.23 -9.38
CA THR A 28 9.01 1.43 -9.55
C THR A 28 8.58 2.50 -8.62
N GLN A 29 9.37 3.53 -8.56
CA GLN A 29 9.03 4.70 -7.79
C GLN A 29 7.69 5.25 -8.22
N GLU A 30 7.45 5.20 -9.53
CA GLU A 30 6.21 5.68 -10.09
C GLU A 30 5.07 4.71 -9.76
N GLU A 31 5.39 3.42 -9.80
CA GLU A 31 4.44 2.37 -9.49
C GLU A 31 4.02 2.48 -8.02
N LEU A 32 4.97 2.79 -7.16
CA LEU A 32 4.70 2.97 -5.75
C LEU A 32 3.72 4.12 -5.51
N LYS A 33 3.95 5.25 -6.20
CA LYS A 33 3.05 6.39 -6.10
C LYS A 33 1.69 6.05 -6.66
N LYS A 34 1.69 5.30 -7.77
CA LYS A 34 0.47 4.87 -8.44
C LYS A 34 -0.39 4.00 -7.50
N ALA A 35 0.27 3.10 -6.77
CA ALA A 35 -0.42 2.25 -5.80
C ALA A 35 -1.13 3.10 -4.77
N TYR A 36 -0.40 4.05 -4.21
CA TYR A 36 -0.95 4.95 -3.20
C TYR A 36 -2.13 5.72 -3.75
N ARG A 37 -1.98 6.25 -4.95
CA ARG A 37 -3.04 7.02 -5.58
C ARG A 37 -4.30 6.19 -5.79
N LYS A 38 -4.10 4.94 -6.20
CA LYS A 38 -5.21 4.00 -6.39
C LYS A 38 -5.95 3.77 -5.07
N LEU A 39 -5.17 3.51 -4.03
CA LEU A 39 -5.71 3.26 -2.70
C LEU A 39 -6.38 4.49 -2.15
N ALA A 40 -5.76 5.62 -2.38
CA ALA A 40 -6.27 6.90 -1.88
C ALA A 40 -7.67 7.19 -2.38
N LEU A 41 -7.91 6.89 -3.62
CA LEU A 41 -9.20 7.10 -4.23
C LEU A 41 -10.27 6.20 -3.59
N LYS A 42 -9.94 4.93 -3.38
CA LYS A 42 -10.86 3.96 -2.82
C LYS A 42 -11.02 4.08 -1.30
N TYR A 43 -9.88 4.14 -0.61
CA TYR A 43 -9.85 4.15 0.87
C TYR A 43 -9.71 5.56 1.40
N HIS A 44 -10.22 6.54 0.66
CA HIS A 44 -10.18 7.95 1.06
C HIS A 44 -10.65 8.10 2.51
N PRO A 45 -9.78 8.61 3.40
CA PRO A 45 -10.09 8.75 4.85
C PRO A 45 -11.27 9.69 5.10
N ASP A 46 -11.45 10.65 4.21
CA ASP A 46 -12.53 11.60 4.33
C ASP A 46 -13.85 10.95 3.91
N LYS A 47 -13.77 9.80 3.25
CA LYS A 47 -14.95 9.09 2.79
C LYS A 47 -15.19 7.86 3.66
N ASN A 48 -14.10 7.17 3.98
CA ASN A 48 -14.15 5.99 4.81
C ASN A 48 -13.27 6.18 6.00
N PRO A 49 -13.82 6.75 7.06
CA PRO A 49 -13.09 7.02 8.27
C PRO A 49 -12.61 5.74 8.97
N ASN A 50 -13.39 4.67 8.84
CA ASN A 50 -13.07 3.40 9.49
C ASN A 50 -11.86 2.75 8.83
N GLU A 51 -11.69 3.02 7.55
CA GLU A 51 -10.57 2.48 6.80
C GLU A 51 -9.33 3.35 6.93
N GLY A 52 -9.50 4.49 7.59
CA GLY A 52 -8.38 5.39 7.81
C GLY A 52 -7.32 4.77 8.70
N GLU A 53 -7.74 3.84 9.55
CA GLU A 53 -6.83 3.14 10.43
C GLU A 53 -5.83 2.35 9.59
N LYS A 54 -6.35 1.65 8.58
CA LYS A 54 -5.53 0.93 7.64
C LYS A 54 -4.74 1.88 6.76
N PHE A 55 -5.37 3.01 6.42
CA PHE A 55 -4.75 4.01 5.56
C PHE A 55 -3.49 4.60 6.22
N LYS A 56 -3.41 4.51 7.53
CA LYS A 56 -2.23 4.96 8.26
C LYS A 56 -1.01 4.17 7.77
N GLN A 57 -1.20 2.87 7.59
CA GLN A 57 -0.18 1.99 7.10
C GLN A 57 0.21 2.39 5.69
N ILE A 58 -0.80 2.72 4.91
CA ILE A 58 -0.61 3.14 3.54
C ILE A 58 0.22 4.42 3.49
N SER A 59 -0.10 5.35 4.38
CA SER A 59 0.61 6.62 4.46
C SER A 59 2.11 6.39 4.74
N GLN A 60 2.41 5.49 5.68
CA GLN A 60 3.79 5.17 6.03
C GLN A 60 4.52 4.55 4.85
N ALA A 61 3.85 3.61 4.20
CA ALA A 61 4.41 2.97 3.02
C ALA A 61 4.71 4.01 1.98
N TYR A 62 3.75 4.87 1.70
CA TYR A 62 3.91 5.90 0.70
C TYR A 62 5.08 6.82 1.04
N GLU A 63 5.23 7.16 2.32
CA GLU A 63 6.29 8.05 2.77
C GLU A 63 7.67 7.59 2.26
N VAL A 64 8.08 6.40 2.63
CA VAL A 64 9.38 5.88 2.22
C VAL A 64 9.37 5.30 0.80
N LEU A 65 8.27 4.69 0.39
CA LEU A 65 8.13 4.09 -0.95
C LEU A 65 8.18 5.14 -2.07
N SER A 66 7.85 6.39 -1.74
CA SER A 66 7.87 7.48 -2.73
C SER A 66 9.29 7.83 -3.15
N ASP A 67 10.25 7.56 -2.28
CA ASP A 67 11.62 7.85 -2.55
C ASP A 67 12.44 6.59 -2.45
N ALA A 68 13.07 6.23 -3.55
CA ALA A 68 13.87 5.01 -3.61
C ALA A 68 14.92 4.97 -2.52
N LYS A 69 15.38 6.15 -2.08
CA LYS A 69 16.42 6.21 -1.06
C LYS A 69 15.89 5.71 0.30
N LYS A 70 14.74 6.23 0.75
CA LYS A 70 14.17 5.81 2.03
C LYS A 70 13.77 4.36 1.96
N ARG A 71 13.23 3.97 0.81
CA ARG A 71 12.84 2.59 0.55
C ARG A 71 14.03 1.64 0.68
N GLU A 72 15.13 2.05 0.11
CA GLU A 72 16.31 1.25 0.06
C GLU A 72 16.93 1.12 1.44
N LEU A 73 16.95 2.22 2.17
CA LEU A 73 17.51 2.23 3.48
C LEU A 73 16.69 1.40 4.43
N TYR A 74 15.38 1.40 4.25
CA TYR A 74 14.49 0.60 5.07
C TYR A 74 14.83 -0.89 4.91
N ASP A 75 14.95 -1.32 3.66
CA ASP A 75 15.30 -2.72 3.34
C ASP A 75 16.74 -3.06 3.77
N LYS A 76 17.58 -2.03 3.90
CA LYS A 76 18.97 -2.21 4.34
C LYS A 76 19.09 -2.04 5.85
N GLY A 77 18.01 -1.68 6.49
CA GLY A 77 18.06 -1.44 7.90
C GLY A 77 17.88 -2.69 8.71
#